data_7DTW
#
_entry.id   7DTW
#
_cell.length_a   1.00
_cell.length_b   1.00
_cell.length_c   1.00
_cell.angle_alpha   90.00
_cell.angle_beta   90.00
_cell.angle_gamma   90.00
#
_symmetry.space_group_name_H-M   'P 1'
#
loop_
_entity.id
_entity.type
_entity.pdbx_description
1 polymer 'Extracellular calcium-sensing receptor'
2 branched 2-acetamido-2-deoxy-beta-D-glucopyranose-(1-4)-2-acetamido-2-deoxy-beta-D-glucopyranose
3 non-polymer 2-acetamido-2-deoxy-beta-D-glucopyranose
#
_entity_poly.entity_id   1
_entity_poly.type   'polypeptide(L)'
_entity_poly.pdbx_seq_one_letter_code
;MKTIIALSYIFCLVFADYKDDDDENLYFQGYGPDQRAQKKGDIILGGLFPIHFGVAAKDQDLKSRPESVECIRYNFRGFR
WLQAMIFAIEEINSSPALLPNLTLGYRIFDTCNTVSKALEATLSFVAQNKIDSLNLDEFCNCSEHIPSTIAVVGATGSGV
STAVANLLGLFYIPQVSYASSSRLLSNKNQFKSFLRTIPNDEHQATAMADIIEYFRWNWVGTIAADDDYGRPGIEKFREE
AEERDICIDFSELISQYSDEEEIQHVVEVIQNSTAKVIVVFSSGPDLEPLIKEIVRRNITGKIWLASEAWASSSLIAMPQ
YFHVVGGTIGFALKAGQIPGFREFLKKVHPRKSVHNGFAKEFWEETFNCHLQEGAKGPLPVDTFLRGHEESGDRFSNSST
AFRPLCTGDENISSVETPYIDYTHLRISYNVYLAVYSIAHALQDIYTCLPGRGLFTNGSCADIKKVEAWQVLKHLRHLNF
TNNMGEQVTFDECGDLVGNYSIINWHLSPEDGSIVFKEVGYYNVYAKKGERLFINEEKILWSGFSREVPFSNCSRDCLAG
TRKGIIEGEPTCCFECVECPDGEYSDETDASACNKCPDDFWSNENHTSCIAKEIEFLSWTEPFGIALTLFAVLGIFLTAF
VLGVFIKFRNTPIVKATNRELSYLLLFSLLCCFSSSLFFIGEPQDWTCRLRQPAFGISFVLCISCILVKTNRVLLVFEAK
IPTSFHRKWWGLNLQFLLVFLCTFMQIVICVIWLYTAPPSSYRNQELEDEIIFITCHEGSLMALGFLIGYTCLLAAICFF
FAFKSRKLPENFNEAKFITFSMLIFFIVWISFIPAYASTYGKFVSAVEVIAILAASFGLLACIFFNKIYIILFKPSRNTI
EEVRCSTAAHAFKVAARATLRRSNVSRKRSSSLGGSTGSTPSSSISSKSNSEDPFPQPERQKQQQPLALTQQEQQQQPLT
LPQQQRSQQQPRCKQKVIFGSGTVTFSLSFDEPQKNAMAHRNSTHQNSLEAQKSSDTLTRHEPLLPLQCGETDLDLTVQE
TGLQGPVGGDQRPEVEDPEELSPALVVSSSQSFVISGGGSTVTENVVNSHHHHHHHHHH
;
_entity_poly.pdbx_strand_id   A,B
#
# COMPACT_ATOMS: atom_id res chain seq x y z
N GLY A 32 42.99 -27.76 -25.07
CA GLY A 32 42.15 -28.09 -26.21
C GLY A 32 41.65 -29.52 -26.17
N PRO A 33 40.35 -29.70 -26.03
CA PRO A 33 39.80 -31.05 -25.92
C PRO A 33 39.68 -31.72 -27.28
N ASP A 34 39.04 -32.88 -27.31
CA ASP A 34 38.57 -33.43 -28.57
C ASP A 34 37.34 -32.70 -29.09
N GLN A 35 36.71 -31.86 -28.27
CA GLN A 35 35.61 -31.01 -28.70
C GLN A 35 36.10 -29.70 -29.29
N ARG A 36 37.41 -29.49 -29.35
CA ARG A 36 37.96 -28.35 -30.07
C ARG A 36 37.69 -28.52 -31.55
N ALA A 37 37.21 -27.47 -32.19
CA ALA A 37 36.90 -27.49 -33.61
C ALA A 37 37.81 -26.49 -34.29
N GLN A 38 38.74 -26.97 -35.09
CA GLN A 38 39.78 -26.10 -35.61
C GLN A 38 40.16 -26.51 -37.02
N LYS A 39 40.31 -25.51 -37.88
CA LYS A 39 41.16 -25.61 -39.04
C LYS A 39 41.84 -24.27 -39.23
N LYS A 40 42.95 -24.31 -39.94
CA LYS A 40 43.82 -23.15 -40.03
C LYS A 40 43.23 -22.11 -40.98
N GLY A 41 43.98 -21.05 -41.18
CA GLY A 41 43.55 -19.96 -42.01
C GLY A 41 43.96 -18.64 -41.41
N ASP A 42 43.96 -17.60 -42.24
CA ASP A 42 44.70 -16.38 -41.95
C ASP A 42 44.04 -15.56 -40.86
N ILE A 43 42.76 -15.77 -40.60
CA ILE A 43 42.08 -15.11 -39.49
C ILE A 43 41.32 -16.17 -38.73
N ILE A 44 41.67 -16.35 -37.48
CA ILE A 44 40.94 -17.24 -36.61
C ILE A 44 39.65 -16.56 -36.18
N LEU A 45 38.58 -17.34 -36.04
CA LEU A 45 37.29 -16.79 -35.67
C LEU A 45 36.80 -17.31 -34.33
N GLY A 46 36.65 -18.61 -34.19
CA GLY A 46 36.19 -19.14 -32.92
C GLY A 46 34.70 -18.96 -32.67
N GLY A 47 34.10 -19.98 -32.07
CA GLY A 47 32.69 -19.89 -31.73
C GLY A 47 32.40 -20.67 -30.47
N LEU A 48 31.23 -20.39 -29.92
CA LEU A 48 30.94 -20.74 -28.53
C LEU A 48 29.53 -21.29 -28.49
N PHE A 49 29.37 -22.55 -28.11
CA PHE A 49 28.12 -23.25 -28.39
C PHE A 49 27.68 -24.26 -27.34
N PRO A 50 26.39 -24.37 -27.10
CA PRO A 50 25.91 -25.37 -26.13
C PRO A 50 25.80 -26.78 -26.69
N ILE A 51 26.86 -27.58 -26.56
CA ILE A 51 26.76 -28.97 -26.97
C ILE A 51 25.86 -29.75 -26.04
N HIS A 52 25.74 -29.32 -24.80
CA HIS A 52 24.78 -29.87 -23.87
C HIS A 52 24.00 -28.71 -23.28
N PHE A 53 22.71 -28.93 -23.06
CA PHE A 53 21.96 -27.99 -22.24
C PHE A 53 22.49 -27.97 -20.82
N GLY A 54 22.53 -29.14 -20.19
CA GLY A 54 22.89 -29.24 -18.78
C GLY A 54 24.32 -29.70 -18.56
N VAL A 55 24.89 -29.22 -17.46
CA VAL A 55 26.20 -29.62 -16.98
C VAL A 55 26.02 -30.23 -15.59
N ALA A 56 26.79 -31.28 -15.30
CA ALA A 56 26.78 -31.87 -13.97
C ALA A 56 27.32 -30.90 -12.93
N ALA A 57 26.97 -31.16 -11.67
CA ALA A 57 27.36 -30.32 -10.54
C ALA A 57 28.07 -31.14 -9.49
N LYS A 58 29.01 -31.99 -9.94
CA LYS A 58 29.83 -32.75 -9.03
C LYS A 58 30.76 -31.81 -8.25
N ASP A 59 31.07 -32.20 -7.03
CA ASP A 59 31.82 -31.37 -6.11
C ASP A 59 33.21 -31.97 -5.93
N GLN A 60 34.20 -31.34 -6.54
CA GLN A 60 35.59 -31.65 -6.21
C GLN A 60 35.87 -31.19 -4.79
N ASP A 61 36.37 -32.10 -3.96
CA ASP A 61 36.52 -31.83 -2.54
C ASP A 61 37.97 -31.78 -2.11
N LEU A 62 38.87 -31.64 -3.08
CA LEU A 62 40.18 -31.03 -2.93
C LEU A 62 41.21 -31.85 -2.15
N LYS A 63 40.81 -32.97 -1.57
CA LYS A 63 41.80 -33.96 -1.19
C LYS A 63 42.37 -34.64 -2.43
N SER A 64 41.59 -34.65 -3.49
CA SER A 64 41.98 -35.12 -4.81
C SER A 64 42.21 -33.93 -5.72
N ARG A 65 42.89 -34.19 -6.83
CA ARG A 65 43.14 -33.13 -7.80
C ARG A 65 41.86 -32.80 -8.56
N PRO A 66 41.58 -31.53 -8.80
CA PRO A 66 40.38 -31.16 -9.56
C PRO A 66 40.55 -31.46 -11.05
N GLU A 67 39.43 -31.33 -11.75
CA GLU A 67 39.32 -31.56 -13.19
C GLU A 67 37.97 -31.01 -13.64
N SER A 68 37.77 -30.99 -14.96
CA SER A 68 36.52 -30.51 -15.54
C SER A 68 35.35 -31.45 -15.23
N VAL A 69 34.15 -30.90 -15.32
CA VAL A 69 32.91 -31.60 -15.01
C VAL A 69 32.19 -31.92 -16.31
N GLU A 70 31.56 -33.09 -16.35
CA GLU A 70 30.87 -33.54 -17.55
C GLU A 70 29.64 -32.69 -17.81
N CYS A 71 29.28 -32.61 -19.08
CA CYS A 71 28.15 -31.80 -19.50
C CYS A 71 27.09 -32.74 -20.03
N ILE A 72 25.96 -32.80 -19.36
CA ILE A 72 25.07 -33.92 -19.58
C ILE A 72 23.73 -33.45 -20.11
N ARG A 73 23.69 -33.16 -21.41
CA ARG A 73 22.50 -33.05 -22.24
C ARG A 73 22.99 -33.01 -23.68
N TYR A 74 22.11 -32.63 -24.59
CA TYR A 74 22.55 -32.43 -25.95
C TYR A 74 21.74 -31.31 -26.59
N ASN A 75 22.23 -30.85 -27.74
CA ASN A 75 21.52 -29.84 -28.50
C ASN A 75 21.89 -30.01 -29.98
N PHE A 76 21.03 -30.73 -30.69
CA PHE A 76 21.23 -30.92 -32.12
C PHE A 76 21.04 -29.62 -32.87
N ARG A 77 20.20 -28.74 -32.34
CA ARG A 77 20.10 -27.39 -32.89
C ARG A 77 21.42 -26.67 -32.80
N GLY A 78 22.13 -26.86 -31.70
CA GLY A 78 23.47 -26.32 -31.61
C GLY A 78 24.45 -27.00 -32.54
N PHE A 79 24.29 -28.31 -32.73
CA PHE A 79 25.23 -29.01 -33.59
C PHE A 79 25.03 -28.62 -35.05
N ARG A 80 23.80 -28.39 -35.45
CA ARG A 80 23.61 -27.87 -36.79
C ARG A 80 23.93 -26.40 -36.86
N TRP A 81 23.96 -25.69 -35.73
CA TRP A 81 24.53 -24.35 -35.76
C TRP A 81 26.02 -24.42 -36.07
N LEU A 82 26.69 -25.45 -35.55
CA LEU A 82 28.08 -25.68 -35.93
C LEU A 82 28.21 -25.99 -37.40
N GLN A 83 27.33 -26.86 -37.88
CA GLN A 83 27.32 -27.20 -39.31
C GLN A 83 27.10 -25.97 -40.15
N ALA A 84 26.24 -25.06 -39.70
CA ALA A 84 26.02 -23.82 -40.41
C ALA A 84 27.24 -22.93 -40.35
N MET A 85 27.93 -22.96 -39.22
CA MET A 85 29.12 -22.16 -39.04
C MET A 85 30.19 -22.55 -40.04
N ILE A 86 30.53 -23.83 -40.05
CA ILE A 86 31.56 -24.32 -40.95
C ILE A 86 31.09 -24.31 -42.39
N PHE A 87 29.77 -24.34 -42.61
CA PHE A 87 29.21 -24.20 -43.94
C PHE A 87 29.50 -22.82 -44.50
N ALA A 88 29.22 -21.78 -43.71
CA ALA A 88 29.48 -20.44 -44.18
C ALA A 88 30.97 -20.14 -44.22
N ILE A 89 31.73 -20.81 -43.35
CA ILE A 89 33.18 -20.79 -43.45
C ILE A 89 33.62 -21.31 -44.82
N GLU A 90 33.03 -22.43 -45.24
CA GLU A 90 33.37 -23.02 -46.51
C GLU A 90 32.97 -22.12 -47.66
N GLU A 91 31.83 -21.46 -47.53
CA GLU A 91 31.41 -20.49 -48.54
C GLU A 91 32.43 -19.36 -48.66
N ILE A 92 32.81 -18.78 -47.52
CA ILE A 92 33.66 -17.59 -47.57
C ILE A 92 35.06 -17.95 -48.01
N ASN A 93 35.47 -19.19 -47.79
CA ASN A 93 36.76 -19.60 -48.31
C ASN A 93 36.69 -19.90 -49.80
N SER A 94 35.67 -20.66 -50.21
CA SER A 94 35.59 -21.16 -51.57
C SER A 94 35.24 -20.05 -52.55
N SER A 95 34.19 -19.30 -52.25
CA SER A 95 33.71 -18.23 -53.10
C SER A 95 34.73 -17.10 -53.14
N PRO A 96 35.45 -16.92 -54.24
CA PRO A 96 36.53 -15.93 -54.27
C PRO A 96 36.05 -14.50 -54.39
N ALA A 97 34.77 -14.28 -54.67
CA ALA A 97 34.21 -12.95 -54.49
C ALA A 97 34.22 -12.57 -53.03
N LEU A 98 33.97 -13.53 -52.15
CA LEU A 98 34.14 -13.32 -50.72
C LEU A 98 35.60 -13.59 -50.39
N LEU A 99 36.39 -12.52 -50.38
CA LEU A 99 37.75 -12.46 -49.86
C LEU A 99 38.68 -13.42 -50.59
N PRO A 100 39.09 -13.09 -51.81
CA PRO A 100 40.03 -13.96 -52.53
C PRO A 100 41.39 -14.00 -51.88
N ASN A 101 42.09 -15.11 -52.10
CA ASN A 101 43.45 -15.37 -51.66
C ASN A 101 43.60 -15.33 -50.15
N LEU A 102 42.54 -15.62 -49.42
CA LEU A 102 42.57 -15.57 -47.97
C LEU A 102 41.83 -16.75 -47.39
N THR A 103 42.51 -17.48 -46.53
CA THR A 103 41.94 -18.60 -45.80
C THR A 103 41.64 -18.16 -44.38
N LEU A 104 40.75 -18.89 -43.72
CA LEU A 104 40.13 -18.41 -42.49
C LEU A 104 40.23 -19.45 -41.39
N GLY A 105 40.90 -19.09 -40.31
CA GLY A 105 41.00 -19.99 -39.20
C GLY A 105 39.77 -19.94 -38.35
N TYR A 106 39.72 -20.87 -37.41
CA TYR A 106 38.70 -20.88 -36.39
C TYR A 106 39.18 -21.85 -35.34
N ARG A 107 38.77 -21.61 -34.11
CA ARG A 107 39.07 -22.53 -33.02
C ARG A 107 37.81 -22.53 -32.16
N ILE A 108 36.90 -23.45 -32.43
CA ILE A 108 35.54 -23.33 -31.93
C ILE A 108 35.32 -24.30 -30.78
N PHE A 109 34.70 -23.78 -29.73
CA PHE A 109 34.62 -24.48 -28.46
C PHE A 109 33.18 -24.53 -27.97
N ASP A 110 32.99 -25.36 -26.94
CA ASP A 110 31.69 -25.92 -26.59
C ASP A 110 31.25 -25.35 -25.26
N THR A 111 30.61 -24.18 -25.30
CA THR A 111 30.10 -23.56 -24.08
C THR A 111 28.74 -24.16 -23.75
N CYS A 112 28.77 -25.32 -23.11
CA CYS A 112 27.51 -25.98 -22.82
C CYS A 112 26.84 -25.33 -21.62
N ASN A 113 26.39 -24.08 -21.82
CA ASN A 113 25.68 -23.23 -20.86
C ASN A 113 26.47 -23.02 -19.56
N THR A 114 27.77 -23.25 -19.56
CA THR A 114 28.58 -23.14 -18.36
C THR A 114 29.56 -22.00 -18.55
N VAL A 115 29.37 -20.94 -17.76
CA VAL A 115 30.23 -19.76 -17.84
C VAL A 115 31.65 -20.08 -17.46
N SER A 116 31.86 -21.09 -16.62
CA SER A 116 33.20 -21.59 -16.30
C SER A 116 33.91 -22.07 -17.55
N LYS A 117 33.24 -22.93 -18.31
CA LYS A 117 33.81 -23.45 -19.53
C LYS A 117 33.92 -22.36 -20.58
N ALA A 118 33.02 -21.39 -20.54
CA ALA A 118 33.12 -20.24 -21.42
C ALA A 118 34.37 -19.43 -21.12
N LEU A 119 34.67 -19.27 -19.83
CA LEU A 119 35.86 -18.52 -19.45
C LEU A 119 37.12 -19.26 -19.82
N GLU A 120 37.10 -20.57 -19.60
CA GLU A 120 38.17 -21.45 -20.06
C GLU A 120 38.38 -21.34 -21.56
N ALA A 121 37.31 -21.15 -22.30
CA ALA A 121 37.43 -20.97 -23.74
C ALA A 121 38.05 -19.61 -24.07
N THR A 122 37.51 -18.55 -23.50
CA THR A 122 37.91 -17.23 -23.98
C THR A 122 39.30 -16.83 -23.52
N LEU A 123 39.80 -17.46 -22.46
CA LEU A 123 41.19 -17.25 -22.14
C LEU A 123 42.07 -17.86 -23.21
N SER A 124 41.69 -19.02 -23.73
CA SER A 124 42.41 -19.62 -24.83
C SER A 124 42.24 -18.80 -26.09
N PHE A 125 41.15 -18.05 -26.17
CA PHE A 125 40.98 -17.12 -27.28
C PHE A 125 41.98 -15.98 -27.20
N VAL A 126 41.92 -15.19 -26.13
CA VAL A 126 42.86 -14.09 -26.01
C VAL A 126 44.10 -14.68 -25.35
N ALA A 127 44.88 -15.34 -26.19
CA ALA A 127 46.24 -15.74 -25.87
C ALA A 127 47.22 -15.17 -26.89
N GLN A 128 46.95 -15.39 -28.18
CA GLN A 128 47.71 -14.74 -29.22
C GLN A 128 47.37 -13.27 -29.28
N ASN A 129 46.13 -12.91 -28.97
CA ASN A 129 45.79 -11.52 -28.75
C ASN A 129 46.39 -11.02 -27.44
N LYS A 130 46.60 -11.91 -26.49
CA LYS A 130 47.27 -11.55 -25.26
C LYS A 130 48.78 -11.64 -25.35
N ILE A 131 49.34 -11.71 -26.57
CA ILE A 131 50.79 -11.79 -26.72
C ILE A 131 51.49 -10.50 -26.35
N ASP A 132 50.76 -9.39 -26.25
CA ASP A 132 51.35 -8.14 -25.76
C ASP A 132 51.72 -8.26 -24.29
N SER A 133 50.92 -8.98 -23.51
CA SER A 133 51.25 -9.22 -22.11
C SER A 133 52.20 -10.39 -21.92
N LEU A 134 52.25 -11.29 -22.90
CA LEU A 134 53.15 -12.43 -22.83
C LEU A 134 54.59 -11.98 -23.00
N ASN A 135 55.40 -12.11 -21.96
CA ASN A 135 56.76 -11.58 -21.95
C ASN A 135 57.75 -12.58 -21.36
N LEU A 136 57.67 -13.84 -21.79
CA LEU A 136 58.58 -14.86 -21.29
C LEU A 136 58.95 -15.95 -22.28
N ASP A 137 58.42 -15.94 -23.50
CA ASP A 137 58.45 -17.12 -24.36
C ASP A 137 58.83 -16.75 -25.80
N GLU A 138 59.92 -15.99 -25.94
CA GLU A 138 60.17 -15.28 -27.20
C GLU A 138 60.65 -16.19 -28.31
N PHE A 139 61.71 -16.96 -28.08
CA PHE A 139 62.40 -17.66 -29.18
C PHE A 139 61.66 -18.93 -29.65
N CYS A 140 60.52 -19.26 -29.07
CA CYS A 140 59.74 -20.39 -29.54
C CYS A 140 58.24 -20.13 -29.56
N ASN A 141 57.80 -18.90 -29.31
CA ASN A 141 56.47 -18.51 -29.78
C ASN A 141 56.43 -18.58 -31.31
N CYS A 142 57.54 -18.22 -31.96
CA CYS A 142 57.71 -18.39 -33.40
C CYS A 142 57.91 -19.83 -33.82
N SER A 143 58.18 -20.75 -32.88
CA SER A 143 58.18 -22.17 -33.21
C SER A 143 56.78 -22.66 -33.59
N GLU A 144 55.74 -22.02 -33.09
CA GLU A 144 54.40 -22.19 -33.62
C GLU A 144 53.93 -21.01 -34.45
N HIS A 145 54.22 -19.78 -34.00
CA HIS A 145 53.93 -18.52 -34.71
C HIS A 145 52.43 -18.39 -35.03
N ILE A 146 51.60 -18.79 -34.09
CA ILE A 146 50.16 -18.82 -34.31
C ILE A 146 49.61 -17.40 -34.31
N PRO A 147 48.85 -17.01 -35.34
CA PRO A 147 48.29 -15.65 -35.36
C PRO A 147 47.14 -15.48 -34.39
N SER A 148 46.53 -14.30 -34.42
CA SER A 148 45.49 -13.97 -33.45
C SER A 148 44.10 -14.22 -33.99
N THR A 149 43.16 -14.39 -33.07
CA THR A 149 41.74 -14.47 -33.38
C THR A 149 41.20 -13.05 -33.40
N ILE A 150 40.88 -12.54 -34.59
CA ILE A 150 40.65 -11.10 -34.67
C ILE A 150 39.25 -10.72 -34.22
N ALA A 151 38.26 -11.57 -34.48
CA ALA A 151 36.92 -11.37 -33.96
C ALA A 151 36.39 -12.72 -33.55
N VAL A 152 35.18 -12.73 -32.99
CA VAL A 152 34.62 -13.97 -32.50
C VAL A 152 33.11 -13.91 -32.55
N VAL A 153 32.53 -15.04 -32.94
CA VAL A 153 31.12 -15.32 -32.73
C VAL A 153 30.81 -15.16 -31.26
N GLY A 154 29.68 -14.54 -30.94
CA GLY A 154 29.30 -14.50 -29.55
C GLY A 154 28.71 -15.77 -29.02
N ALA A 155 27.72 -15.64 -28.14
CA ALA A 155 27.22 -16.78 -27.41
C ALA A 155 25.72 -16.69 -27.25
N THR A 156 25.16 -17.77 -26.72
CA THR A 156 23.72 -17.90 -26.58
C THR A 156 23.22 -17.14 -25.36
N GLY A 157 23.67 -17.55 -24.19
CA GLY A 157 23.10 -17.04 -22.96
C GLY A 157 23.55 -15.63 -22.67
N SER A 158 22.61 -14.81 -22.22
CA SER A 158 22.92 -13.41 -21.93
C SER A 158 23.92 -13.28 -20.81
N GLY A 159 23.79 -14.13 -19.77
CA GLY A 159 24.74 -14.09 -18.67
C GLY A 159 26.14 -14.49 -19.13
N VAL A 160 26.20 -15.45 -20.04
CA VAL A 160 27.49 -15.92 -20.56
C VAL A 160 28.15 -14.83 -21.38
N SER A 161 27.38 -14.19 -22.24
CA SER A 161 27.93 -13.16 -23.09
C SER A 161 28.32 -11.93 -22.28
N THR A 162 27.57 -11.63 -21.22
CA THR A 162 27.96 -10.51 -20.38
C THR A 162 29.17 -10.83 -19.55
N ALA A 163 29.36 -12.11 -19.22
CA ALA A 163 30.60 -12.52 -18.58
C ALA A 163 31.78 -12.26 -19.50
N VAL A 164 31.69 -12.74 -20.72
CA VAL A 164 32.85 -12.63 -21.59
C VAL A 164 33.00 -11.24 -22.20
N ALA A 165 31.94 -10.43 -22.19
CA ALA A 165 32.04 -9.10 -22.76
C ALA A 165 32.91 -8.22 -21.90
N ASN A 166 32.94 -8.51 -20.61
CA ASN A 166 33.85 -7.83 -19.70
C ASN A 166 35.30 -8.11 -20.07
N LEU A 167 35.57 -9.35 -20.50
CA LEU A 167 36.91 -9.69 -20.92
C LEU A 167 37.25 -9.04 -22.25
N LEU A 168 36.29 -9.01 -23.16
CA LEU A 168 36.62 -8.53 -24.48
C LEU A 168 36.63 -7.03 -24.57
N GLY A 169 35.94 -6.34 -23.65
CA GLY A 169 36.04 -4.90 -23.58
C GLY A 169 37.41 -4.41 -23.16
N LEU A 170 38.22 -5.28 -22.57
CA LEU A 170 39.62 -4.95 -22.38
C LEU A 170 40.30 -4.78 -23.73
N PHE A 171 40.25 -5.82 -24.54
CA PHE A 171 41.03 -5.85 -25.76
C PHE A 171 40.29 -5.31 -26.95
N TYR A 172 39.03 -4.90 -26.77
CA TYR A 172 38.14 -4.43 -27.84
C TYR A 172 38.04 -5.46 -28.94
N ILE A 173 38.00 -6.73 -28.55
CA ILE A 173 37.81 -7.80 -29.51
C ILE A 173 36.34 -7.76 -29.92
N PRO A 174 36.04 -7.63 -31.19
CA PRO A 174 34.65 -7.54 -31.62
C PRO A 174 33.95 -8.88 -31.50
N GLN A 175 32.99 -8.96 -30.59
CA GLN A 175 32.23 -10.17 -30.34
C GLN A 175 30.78 -9.89 -30.65
N VAL A 176 30.13 -10.81 -31.37
CA VAL A 176 28.77 -10.61 -31.84
C VAL A 176 27.91 -11.83 -31.50
N SER A 177 26.99 -11.66 -30.57
CA SER A 177 26.18 -12.80 -30.18
C SER A 177 25.12 -13.07 -31.22
N TYR A 178 24.66 -14.32 -31.24
CA TYR A 178 23.60 -14.76 -32.12
C TYR A 178 22.28 -14.90 -31.41
N ALA A 179 22.27 -14.99 -30.09
CA ALA A 179 21.03 -15.24 -29.37
C ALA A 179 20.81 -14.35 -28.16
N SER A 180 21.85 -13.78 -27.58
CA SER A 180 21.66 -12.93 -26.41
C SER A 180 21.03 -11.60 -26.84
N SER A 181 19.91 -11.25 -26.24
CA SER A 181 19.10 -10.15 -26.74
C SER A 181 18.59 -9.27 -25.61
N SER A 182 19.43 -8.97 -24.63
CA SER A 182 18.97 -8.15 -23.53
C SER A 182 19.38 -6.69 -23.70
N ARG A 183 18.60 -5.81 -23.09
CA ARG A 183 18.83 -4.38 -23.22
C ARG A 183 20.03 -3.89 -22.45
N LEU A 184 20.57 -4.71 -21.52
CA LEU A 184 21.73 -4.32 -20.75
C LEU A 184 22.95 -4.14 -21.62
N LEU A 185 23.06 -4.98 -22.65
CA LEU A 185 24.24 -4.99 -23.49
C LEU A 185 24.32 -3.79 -24.42
N SER A 186 23.27 -2.98 -24.48
CA SER A 186 23.33 -1.73 -25.23
C SER A 186 24.18 -0.68 -24.53
N ASN A 187 24.53 -0.91 -23.26
CA ASN A 187 25.41 0.00 -22.55
C ASN A 187 26.82 -0.11 -23.10
N LYS A 188 27.25 0.89 -23.86
CA LYS A 188 28.58 0.89 -24.45
C LYS A 188 29.63 1.46 -23.52
N ASN A 189 29.26 1.73 -22.26
CA ASN A 189 30.27 2.09 -21.27
C ASN A 189 30.96 0.84 -20.77
N GLN A 190 30.19 -0.08 -20.18
CA GLN A 190 30.73 -1.36 -19.79
C GLN A 190 30.93 -2.25 -21.01
N PHE A 191 29.84 -2.59 -21.68
CA PHE A 191 29.89 -3.44 -22.86
C PHE A 191 30.16 -2.56 -24.08
N LYS A 192 31.39 -2.05 -24.13
CA LYS A 192 31.80 -1.22 -25.25
C LYS A 192 31.87 -2.04 -26.52
N SER A 193 32.54 -3.18 -26.46
CA SER A 193 32.90 -3.94 -27.65
C SER A 193 31.92 -5.08 -27.91
N PHE A 194 30.67 -4.74 -28.23
CA PHE A 194 29.68 -5.78 -28.44
C PHE A 194 28.61 -5.34 -29.42
N LEU A 195 28.37 -6.15 -30.45
CA LEU A 195 27.19 -6.02 -31.29
C LEU A 195 26.45 -7.35 -31.30
N ARG A 196 25.33 -7.42 -32.01
CA ARG A 196 24.51 -8.61 -31.99
C ARG A 196 23.80 -8.77 -33.32
N THR A 197 23.05 -9.86 -33.46
CA THR A 197 22.25 -10.07 -34.67
C THR A 197 20.83 -10.44 -34.30
N ILE A 198 20.23 -9.67 -33.40
CA ILE A 198 18.92 -10.04 -32.86
C ILE A 198 18.32 -8.74 -32.34
N PRO A 199 17.02 -8.52 -32.47
CA PRO A 199 16.44 -7.29 -31.92
C PRO A 199 16.42 -7.31 -30.40
N ASN A 200 16.29 -6.12 -29.84
CA ASN A 200 16.16 -6.01 -28.39
C ASN A 200 14.80 -6.54 -27.93
N ASP A 201 14.72 -6.81 -26.64
CA ASP A 201 13.53 -7.36 -26.01
C ASP A 201 12.42 -6.32 -25.83
N GLU A 202 12.68 -5.07 -26.16
CA GLU A 202 11.74 -4.01 -25.80
C GLU A 202 10.51 -4.04 -26.68
N HIS A 203 10.69 -4.26 -27.99
CA HIS A 203 9.54 -4.43 -28.86
C HIS A 203 8.80 -5.71 -28.55
N GLN A 204 9.52 -6.70 -28.05
CA GLN A 204 8.86 -7.93 -27.61
C GLN A 204 7.95 -7.66 -26.43
N ALA A 205 8.45 -6.95 -25.41
CA ALA A 205 7.62 -6.60 -24.27
C ALA A 205 6.50 -5.65 -24.67
N THR A 206 6.76 -4.79 -25.66
CA THR A 206 5.75 -3.89 -26.21
C THR A 206 4.59 -4.67 -26.78
N ALA A 207 4.88 -5.55 -27.74
CA ALA A 207 3.85 -6.37 -28.35
C ALA A 207 3.21 -7.32 -27.33
N MET A 208 3.97 -7.71 -26.31
CA MET A 208 3.43 -8.51 -25.23
C MET A 208 2.34 -7.76 -24.48
N ALA A 209 2.53 -6.46 -24.28
CA ALA A 209 1.44 -5.66 -23.73
C ALA A 209 0.31 -5.51 -24.74
N ASP A 210 0.66 -5.37 -26.02
CA ASP A 210 -0.34 -5.02 -27.03
C ASP A 210 -1.29 -6.17 -27.33
N ILE A 211 -0.84 -7.41 -27.18
CA ILE A 211 -1.70 -8.52 -27.57
C ILE A 211 -2.81 -8.74 -26.55
N ILE A 212 -2.55 -8.49 -25.28
CA ILE A 212 -3.61 -8.55 -24.31
C ILE A 212 -4.33 -7.22 -24.22
N GLU A 213 -3.70 -6.15 -24.69
CA GLU A 213 -4.42 -4.91 -24.92
C GLU A 213 -5.53 -5.15 -25.94
N TYR A 214 -5.19 -5.85 -27.00
CA TYR A 214 -6.19 -6.37 -27.91
C TYR A 214 -7.15 -7.28 -27.18
N PHE A 215 -6.63 -8.18 -26.36
CA PHE A 215 -7.46 -9.17 -25.71
C PHE A 215 -8.13 -8.65 -24.46
N ARG A 216 -7.79 -7.43 -24.04
CA ARG A 216 -8.62 -6.59 -23.18
C ARG A 216 -8.91 -7.23 -21.82
N TRP A 217 -7.86 -7.42 -21.02
CA TRP A 217 -7.99 -8.10 -19.74
C TRP A 217 -7.36 -7.30 -18.61
N ASN A 218 -7.68 -7.71 -17.38
CA ASN A 218 -7.26 -6.93 -16.24
C ASN A 218 -6.42 -7.72 -15.24
N TRP A 219 -6.76 -8.98 -14.96
CA TRP A 219 -6.05 -9.75 -13.94
C TRP A 219 -5.18 -10.80 -14.62
N VAL A 220 -3.87 -10.55 -14.62
CA VAL A 220 -2.92 -11.37 -15.35
C VAL A 220 -1.74 -11.67 -14.44
N GLY A 221 -1.10 -12.80 -14.67
CA GLY A 221 0.08 -13.18 -13.91
C GLY A 221 1.20 -13.60 -14.83
N THR A 222 2.42 -13.21 -14.45
CA THR A 222 3.58 -13.46 -15.28
C THR A 222 4.64 -14.29 -14.55
N ILE A 223 5.52 -14.87 -15.35
CA ILE A 223 6.63 -15.70 -14.87
C ILE A 223 7.83 -15.37 -15.74
N ALA A 224 8.94 -15.00 -15.11
CA ALA A 224 10.18 -14.89 -15.84
C ALA A 224 11.17 -15.93 -15.32
N ALA A 225 12.39 -15.86 -15.82
CA ALA A 225 13.46 -16.72 -15.33
C ALA A 225 14.40 -15.92 -14.44
N ASP A 226 15.16 -16.65 -13.63
CA ASP A 226 16.09 -16.04 -12.66
C ASP A 226 17.44 -15.82 -13.33
N ASP A 227 17.49 -14.82 -14.21
CA ASP A 227 18.70 -14.55 -14.96
C ASP A 227 18.63 -13.12 -15.47
N ASP A 228 19.56 -12.78 -16.36
CA ASP A 228 19.58 -11.47 -17.00
C ASP A 228 18.87 -11.49 -18.34
N TYR A 229 18.20 -12.58 -18.68
CA TYR A 229 17.25 -12.56 -19.77
C TYR A 229 15.82 -12.48 -19.25
N GLY A 230 15.57 -13.03 -18.07
CA GLY A 230 14.25 -12.98 -17.49
C GLY A 230 14.00 -11.68 -16.76
N ARG A 231 14.91 -11.30 -15.86
CA ARG A 231 14.69 -10.13 -15.01
C ARG A 231 14.58 -8.80 -15.76
N PRO A 232 15.50 -8.42 -16.68
CA PRO A 232 15.32 -7.10 -17.31
C PRO A 232 14.15 -7.08 -18.27
N GLY A 233 13.90 -8.20 -18.94
CA GLY A 233 12.76 -8.27 -19.83
C GLY A 233 11.45 -8.19 -19.07
N ILE A 234 11.37 -8.83 -17.90
CA ILE A 234 10.14 -8.73 -17.14
C ILE A 234 10.03 -7.38 -16.46
N GLU A 235 11.15 -6.69 -16.24
CA GLU A 235 11.02 -5.35 -15.69
C GLU A 235 10.49 -4.38 -16.73
N LYS A 236 11.02 -4.49 -17.96
CA LYS A 236 10.52 -3.69 -19.07
C LYS A 236 9.05 -3.99 -19.34
N PHE A 237 8.69 -5.27 -19.32
CA PHE A 237 7.31 -5.63 -19.57
C PHE A 237 6.42 -5.26 -18.39
N ARG A 238 6.97 -5.24 -17.18
CA ARG A 238 6.22 -4.79 -16.04
C ARG A 238 5.89 -3.32 -16.16
N GLU A 239 6.79 -2.56 -16.75
CA GLU A 239 6.48 -1.16 -16.98
C GLU A 239 5.53 -0.97 -18.15
N GLU A 240 5.56 -1.88 -19.13
CA GLU A 240 4.51 -1.93 -20.14
C GLU A 240 3.14 -2.15 -19.48
N ALA A 241 3.08 -3.08 -18.54
CA ALA A 241 1.83 -3.40 -17.86
C ALA A 241 1.36 -2.26 -16.99
N GLU A 242 2.28 -1.59 -16.32
CA GLU A 242 1.91 -0.46 -15.48
C GLU A 242 1.54 0.76 -16.31
N GLU A 243 1.98 0.82 -17.56
CA GLU A 243 1.32 1.74 -18.48
C GLU A 243 -0.11 1.28 -18.74
N ARG A 244 -0.29 0.01 -19.06
CA ARG A 244 -1.61 -0.45 -19.46
C ARG A 244 -2.50 -0.81 -18.28
N ASP A 245 -1.97 -0.75 -17.06
CA ASP A 245 -2.74 -0.83 -15.81
C ASP A 245 -3.46 -2.16 -15.70
N ILE A 246 -2.66 -3.21 -15.55
CA ILE A 246 -3.13 -4.58 -15.44
C ILE A 246 -2.63 -5.12 -14.11
N CYS A 247 -3.56 -5.57 -13.26
CA CYS A 247 -3.17 -6.00 -11.92
C CYS A 247 -2.40 -7.32 -12.03
N ILE A 248 -1.11 -7.23 -11.75
CA ILE A 248 -0.21 -8.35 -11.97
C ILE A 248 -0.40 -9.35 -10.85
N ASP A 249 -0.78 -10.57 -11.21
CA ASP A 249 -1.16 -11.52 -10.18
C ASP A 249 0.05 -12.10 -9.48
N PHE A 250 1.15 -12.34 -10.21
CA PHE A 250 2.36 -12.86 -9.63
C PHE A 250 3.51 -12.58 -10.57
N SER A 251 4.73 -12.72 -10.05
CA SER A 251 5.94 -12.60 -10.86
C SER A 251 7.01 -13.46 -10.19
N GLU A 252 7.30 -14.62 -10.76
CA GLU A 252 8.30 -15.52 -10.19
C GLU A 252 9.45 -15.71 -11.15
N LEU A 253 10.57 -16.16 -10.60
CA LEU A 253 11.79 -16.40 -11.35
C LEU A 253 12.20 -17.85 -11.23
N ILE A 254 12.78 -18.41 -12.30
CA ILE A 254 13.11 -19.83 -12.37
C ILE A 254 14.48 -19.99 -13.04
N SER A 255 15.01 -21.20 -12.91
CA SER A 255 16.22 -21.58 -13.61
C SER A 255 16.10 -23.05 -14.00
N GLN A 256 17.12 -23.56 -14.68
CA GLN A 256 17.19 -24.99 -14.96
C GLN A 256 17.74 -25.77 -13.79
N TYR A 257 18.28 -25.09 -12.79
CA TYR A 257 18.87 -25.73 -11.62
C TYR A 257 18.12 -25.34 -10.36
N SER A 258 16.79 -25.35 -10.46
CA SER A 258 15.94 -24.85 -9.39
C SER A 258 15.65 -25.93 -8.37
N ASP A 259 15.14 -25.51 -7.21
CA ASP A 259 14.78 -26.41 -6.14
C ASP A 259 13.35 -26.90 -6.35
N GLU A 260 13.15 -28.20 -6.15
CA GLU A 260 11.83 -28.79 -6.31
C GLU A 260 10.84 -28.26 -5.30
N GLU A 261 11.32 -27.85 -4.12
CA GLU A 261 10.47 -27.15 -3.17
C GLU A 261 10.03 -25.80 -3.71
N GLU A 262 10.94 -25.08 -4.39
CA GLU A 262 10.55 -23.81 -4.99
C GLU A 262 9.60 -24.00 -6.15
N ILE A 263 9.76 -25.09 -6.89
CA ILE A 263 8.83 -25.42 -7.96
C ILE A 263 7.46 -25.75 -7.38
N GLN A 264 7.44 -26.45 -6.24
CA GLN A 264 6.19 -26.73 -5.55
C GLN A 264 5.56 -25.44 -5.03
N HIS A 265 6.39 -24.49 -4.62
CA HIS A 265 5.91 -23.20 -4.15
C HIS A 265 5.24 -22.41 -5.26
N VAL A 266 5.89 -22.34 -6.43
CA VAL A 266 5.31 -21.57 -7.52
C VAL A 266 4.16 -22.29 -8.19
N VAL A 267 4.10 -23.63 -8.15
CA VAL A 267 2.91 -24.26 -8.68
C VAL A 267 1.78 -24.15 -7.66
N GLU A 268 2.10 -24.01 -6.38
CA GLU A 268 1.07 -23.68 -5.41
C GLU A 268 0.58 -22.26 -5.60
N VAL A 269 1.46 -21.38 -6.08
CA VAL A 269 1.03 -20.04 -6.48
C VAL A 269 0.09 -20.14 -7.68
N ILE A 270 0.43 -20.98 -8.65
CA ILE A 270 -0.35 -21.10 -9.88
C ILE A 270 -1.72 -21.70 -9.60
N GLN A 271 -1.78 -22.71 -8.74
CA GLN A 271 -3.06 -23.23 -8.29
C GLN A 271 -3.75 -22.26 -7.34
N ASN A 272 -2.99 -21.36 -6.72
CA ASN A 272 -3.52 -20.42 -5.75
C ASN A 272 -3.69 -19.03 -6.33
N SER A 273 -4.15 -18.92 -7.57
CA SER A 273 -4.35 -17.60 -8.16
C SER A 273 -5.48 -17.66 -9.16
N THR A 274 -5.90 -16.48 -9.61
CA THR A 274 -6.98 -16.31 -10.58
C THR A 274 -6.40 -15.61 -11.80
N ALA A 275 -5.74 -16.37 -12.67
CA ALA A 275 -5.16 -15.82 -13.89
C ALA A 275 -5.06 -16.98 -14.89
N LYS A 276 -6.01 -17.00 -15.85
CA LYS A 276 -5.91 -17.97 -16.94
C LYS A 276 -4.71 -17.67 -17.82
N VAL A 277 -4.43 -16.41 -18.05
CA VAL A 277 -3.28 -16.05 -18.85
C VAL A 277 -2.02 -16.17 -18.03
N ILE A 278 -0.98 -16.74 -18.63
CA ILE A 278 0.31 -16.93 -17.98
C ILE A 278 1.38 -16.49 -18.96
N VAL A 279 2.13 -15.49 -18.58
CA VAL A 279 3.29 -15.07 -19.36
C VAL A 279 4.49 -15.84 -18.84
N VAL A 280 5.15 -16.57 -19.74
CA VAL A 280 6.41 -17.21 -19.44
C VAL A 280 7.48 -16.51 -20.24
N PHE A 281 8.50 -16.01 -19.55
CA PHE A 281 9.50 -15.20 -20.20
C PHE A 281 10.88 -15.77 -19.94
N SER A 282 11.02 -17.05 -20.24
CA SER A 282 12.22 -17.81 -19.91
C SER A 282 12.80 -18.44 -21.17
N SER A 283 13.75 -19.33 -20.95
CA SER A 283 14.26 -20.21 -21.97
C SER A 283 13.62 -21.58 -21.82
N GLY A 284 14.10 -22.54 -22.60
CA GLY A 284 13.63 -23.90 -22.57
C GLY A 284 13.86 -24.65 -21.27
N PRO A 285 15.13 -24.91 -20.93
CA PRO A 285 15.42 -25.75 -19.75
C PRO A 285 15.05 -25.13 -18.43
N ASP A 286 14.69 -23.86 -18.38
CA ASP A 286 14.22 -23.29 -17.13
C ASP A 286 12.76 -23.63 -16.91
N LEU A 287 11.94 -23.53 -17.94
CA LEU A 287 10.55 -23.93 -17.82
C LEU A 287 10.39 -25.44 -17.87
N GLU A 288 11.41 -26.16 -18.35
CA GLU A 288 11.32 -27.60 -18.51
C GLU A 288 11.01 -28.38 -17.23
N PRO A 289 11.67 -28.18 -16.08
CA PRO A 289 11.24 -28.93 -14.90
C PRO A 289 9.88 -28.49 -14.42
N LEU A 290 9.55 -27.22 -14.63
CA LEU A 290 8.19 -26.78 -14.37
C LEU A 290 7.21 -27.44 -15.32
N ILE A 291 7.64 -27.68 -16.55
CA ILE A 291 6.78 -28.36 -17.52
C ILE A 291 6.51 -29.79 -17.08
N LYS A 292 7.54 -30.50 -16.65
CA LYS A 292 7.35 -31.86 -16.17
C LYS A 292 6.52 -31.89 -14.89
N GLU A 293 6.77 -30.92 -14.00
CA GLU A 293 6.03 -30.85 -12.75
C GLU A 293 4.56 -30.55 -12.99
N ILE A 294 4.27 -29.78 -14.04
CA ILE A 294 2.88 -29.47 -14.32
C ILE A 294 2.19 -30.66 -15.00
N VAL A 295 2.86 -31.28 -15.99
CA VAL A 295 2.23 -32.42 -16.65
C VAL A 295 2.11 -33.62 -15.71
N ARG A 296 2.90 -33.66 -14.64
CA ARG A 296 2.60 -34.58 -13.56
C ARG A 296 1.46 -34.04 -12.71
N ARG A 297 1.52 -32.76 -12.34
CA ARG A 297 0.60 -32.17 -11.39
C ARG A 297 -0.78 -31.98 -12.00
N ASN A 298 -0.83 -31.75 -13.31
CA ASN A 298 -2.05 -31.76 -14.13
C ASN A 298 -3.06 -30.71 -13.66
N ILE A 299 -2.69 -29.46 -13.91
CA ILE A 299 -3.62 -28.33 -13.87
C ILE A 299 -3.90 -27.93 -15.30
N THR A 300 -5.17 -27.85 -15.65
CA THR A 300 -5.53 -27.45 -17.01
C THR A 300 -6.24 -26.11 -16.99
N GLY A 301 -6.32 -25.49 -18.16
CA GLY A 301 -7.09 -24.28 -18.36
C GLY A 301 -6.26 -23.03 -18.49
N LYS A 302 -5.12 -22.97 -17.82
CA LYS A 302 -4.26 -21.78 -17.91
C LYS A 302 -3.58 -21.73 -19.27
N ILE A 303 -3.48 -20.52 -19.82
CA ILE A 303 -3.01 -20.35 -21.19
C ILE A 303 -1.72 -19.53 -21.17
N TRP A 304 -1.03 -19.54 -22.30
CA TRP A 304 0.40 -19.29 -22.34
C TRP A 304 0.74 -18.19 -23.31
N LEU A 305 1.15 -17.04 -22.80
CA LEU A 305 2.01 -16.18 -23.57
C LEU A 305 3.41 -16.79 -23.56
N ALA A 306 4.14 -16.59 -24.64
CA ALA A 306 5.36 -17.37 -24.83
C ALA A 306 6.54 -16.50 -25.19
N SER A 307 7.62 -16.66 -24.42
CA SER A 307 8.91 -16.18 -24.86
C SER A 307 9.43 -17.09 -25.96
N GLU A 308 9.98 -16.49 -26.99
CA GLU A 308 10.44 -17.24 -28.16
C GLU A 308 11.66 -18.09 -27.87
N ALA A 309 12.33 -17.89 -26.73
CA ALA A 309 13.46 -18.74 -26.38
C ALA A 309 13.03 -20.17 -26.11
N TRP A 310 11.78 -20.37 -25.75
CA TRP A 310 11.23 -21.70 -25.61
C TRP A 310 10.03 -21.92 -26.51
N ALA A 311 9.54 -20.90 -27.19
CA ALA A 311 8.36 -21.07 -28.03
C ALA A 311 8.66 -21.79 -29.34
N SER A 312 9.90 -22.17 -29.59
CA SER A 312 10.23 -23.04 -30.71
C SER A 312 11.19 -24.08 -30.16
N SER A 313 10.64 -25.11 -29.53
CA SER A 313 11.46 -26.01 -28.74
C SER A 313 10.70 -27.30 -28.52
N SER A 314 11.13 -28.36 -29.22
CA SER A 314 10.38 -29.62 -29.22
C SER A 314 10.55 -30.39 -27.93
N LEU A 315 11.57 -30.06 -27.13
CA LEU A 315 11.62 -30.60 -25.77
C LEU A 315 10.42 -30.11 -24.97
N ILE A 316 10.02 -28.86 -25.19
CA ILE A 316 8.75 -28.41 -24.67
C ILE A 316 7.62 -28.91 -25.56
N ALA A 317 7.73 -28.71 -26.87
CA ALA A 317 6.69 -29.10 -27.80
C ALA A 317 6.70 -30.62 -27.95
N MET A 318 6.14 -31.29 -26.94
CA MET A 318 6.00 -32.73 -26.94
C MET A 318 4.53 -33.10 -27.06
N PRO A 319 4.20 -34.17 -27.79
CA PRO A 319 2.83 -34.68 -27.73
C PRO A 319 2.49 -35.22 -26.36
N GLN A 320 3.49 -35.75 -25.66
CA GLN A 320 3.36 -36.18 -24.28
C GLN A 320 3.09 -35.02 -23.35
N TYR A 321 3.37 -33.81 -23.79
CA TYR A 321 3.01 -32.62 -23.07
C TYR A 321 1.76 -31.96 -23.61
N PHE A 322 1.40 -32.25 -24.87
CA PHE A 322 0.34 -31.55 -25.58
C PHE A 322 -1.03 -31.80 -24.98
N HIS A 323 -1.13 -32.79 -24.09
CA HIS A 323 -2.30 -32.98 -23.26
C HIS A 323 -2.53 -31.81 -22.30
N VAL A 324 -1.53 -30.95 -22.08
CA VAL A 324 -1.83 -29.72 -21.35
C VAL A 324 -1.34 -28.48 -22.08
N VAL A 325 -0.30 -28.58 -22.92
CA VAL A 325 0.09 -27.37 -23.65
C VAL A 325 -0.66 -27.38 -24.99
N GLY A 326 -1.16 -26.23 -25.38
CA GLY A 326 -1.86 -26.06 -26.63
C GLY A 326 -2.52 -24.71 -26.55
N GLY A 327 -2.63 -24.06 -27.69
CA GLY A 327 -2.96 -22.65 -27.68
C GLY A 327 -1.84 -21.78 -27.18
N THR A 328 -0.62 -22.27 -27.21
CA THR A 328 0.54 -21.49 -26.83
C THR A 328 0.82 -20.49 -27.93
N ILE A 329 0.94 -19.23 -27.56
CA ILE A 329 1.05 -18.13 -28.51
C ILE A 329 2.37 -17.44 -28.25
N GLY A 330 3.26 -17.48 -29.23
CA GLY A 330 4.55 -16.84 -29.11
C GLY A 330 4.96 -16.11 -30.37
N PHE A 331 5.79 -15.09 -30.18
CA PHE A 331 6.53 -14.54 -31.30
C PHE A 331 7.62 -15.51 -31.72
N ALA A 332 8.16 -15.25 -32.90
CA ALA A 332 9.34 -15.93 -33.37
C ALA A 332 9.97 -15.05 -34.42
N LEU A 333 11.25 -15.28 -34.67
CA LEU A 333 11.90 -14.65 -35.79
C LEU A 333 11.41 -15.31 -37.08
N LYS A 334 11.36 -14.53 -38.15
CA LYS A 334 11.05 -15.06 -39.47
C LYS A 334 12.07 -16.12 -39.88
N ALA A 335 11.62 -17.05 -40.71
CA ALA A 335 12.50 -18.11 -41.20
C ALA A 335 13.50 -17.55 -42.21
N GLY A 336 14.77 -17.81 -41.97
CA GLY A 336 15.78 -17.54 -42.96
C GLY A 336 16.02 -18.78 -43.81
N GLN A 337 16.48 -18.57 -45.04
CA GLN A 337 16.67 -19.66 -45.97
C GLN A 337 18.13 -19.71 -46.40
N ILE A 338 18.69 -20.91 -46.40
CA ILE A 338 20.11 -21.11 -46.67
C ILE A 338 20.23 -22.05 -47.86
N PRO A 339 20.88 -21.64 -48.93
CA PRO A 339 21.21 -22.57 -50.01
C PRO A 339 22.21 -23.59 -49.52
N GLY A 340 21.93 -24.85 -49.80
CA GLY A 340 22.83 -25.88 -49.35
C GLY A 340 22.63 -26.31 -47.91
N PHE A 341 21.55 -25.89 -47.27
CA PHE A 341 21.35 -26.10 -45.84
C PHE A 341 21.21 -27.56 -45.46
N ARG A 342 20.11 -28.18 -45.89
CA ARG A 342 19.86 -29.60 -45.62
C ARG A 342 20.92 -30.48 -46.28
N GLU A 343 21.46 -29.99 -47.38
CA GLU A 343 22.55 -30.64 -48.08
C GLU A 343 23.78 -30.74 -47.21
N PHE A 344 24.15 -29.63 -46.57
CA PHE A 344 25.27 -29.66 -45.65
C PHE A 344 24.95 -30.41 -44.40
N LEU A 345 23.67 -30.43 -44.03
CA LEU A 345 23.25 -31.21 -42.88
C LEU A 345 23.48 -32.69 -43.13
N LYS A 346 23.19 -33.17 -44.32
CA LYS A 346 23.40 -34.57 -44.66
C LYS A 346 24.80 -34.87 -45.17
N LYS A 347 25.61 -33.86 -45.45
CA LYS A 347 27.03 -34.09 -45.75
C LYS A 347 27.77 -34.29 -44.44
N VAL A 348 27.63 -35.49 -43.89
CA VAL A 348 28.20 -35.87 -42.60
C VAL A 348 28.76 -37.27 -42.69
N HIS A 349 29.86 -37.52 -41.98
CA HIS A 349 30.47 -38.84 -41.84
C HIS A 349 31.44 -38.79 -40.68
N PRO A 350 31.53 -39.84 -39.85
CA PRO A 350 32.49 -39.80 -38.75
C PRO A 350 33.93 -39.93 -39.19
N ARG A 351 34.22 -40.70 -40.24
CA ARG A 351 35.60 -40.74 -40.72
C ARG A 351 35.97 -39.53 -41.55
N LYS A 352 34.99 -38.77 -42.03
CA LYS A 352 35.25 -37.53 -42.72
C LYS A 352 35.35 -36.35 -41.77
N SER A 353 35.37 -36.59 -40.47
CA SER A 353 35.43 -35.52 -39.49
C SER A 353 36.83 -34.94 -39.43
N VAL A 354 37.21 -34.15 -40.43
CA VAL A 354 38.58 -33.69 -40.51
C VAL A 354 38.82 -32.48 -39.62
N HIS A 355 37.76 -31.80 -39.18
CA HIS A 355 37.92 -30.64 -38.34
C HIS A 355 36.84 -30.53 -37.26
N ASN A 356 35.97 -31.52 -37.14
CA ASN A 356 34.87 -31.43 -36.19
C ASN A 356 35.34 -31.80 -34.80
N GLY A 357 34.75 -31.15 -33.80
CA GLY A 357 34.97 -31.56 -32.43
C GLY A 357 34.16 -32.78 -32.05
N PHE A 358 32.83 -32.66 -32.04
CA PHE A 358 31.96 -33.67 -31.45
C PHE A 358 31.22 -34.51 -32.49
N ALA A 359 31.85 -34.76 -33.64
CA ALA A 359 31.22 -35.58 -34.66
C ALA A 359 31.04 -37.01 -34.20
N LYS A 360 32.06 -37.56 -33.53
CA LYS A 360 32.01 -38.97 -33.16
C LYS A 360 31.04 -39.21 -32.03
N GLU A 361 31.09 -38.35 -31.01
CA GLU A 361 30.11 -38.40 -29.94
C GLU A 361 28.71 -38.15 -30.47
N PHE A 362 28.60 -37.24 -31.42
CA PHE A 362 27.34 -36.99 -32.09
C PHE A 362 26.83 -38.23 -32.80
N TRP A 363 27.73 -38.95 -33.47
CA TRP A 363 27.39 -40.16 -34.20
C TRP A 363 26.91 -41.25 -33.26
N GLU A 364 27.69 -41.52 -32.22
CA GLU A 364 27.36 -42.54 -31.24
C GLU A 364 26.33 -42.10 -30.24
N GLU A 365 25.88 -40.85 -30.30
CA GLU A 365 24.85 -40.36 -29.42
C GLU A 365 23.51 -40.35 -30.13
N THR A 366 23.51 -39.83 -31.36
CA THR A 366 22.36 -40.00 -32.24
C THR A 366 22.03 -41.47 -32.44
N PHE A 367 23.03 -42.28 -32.72
CA PHE A 367 22.78 -43.68 -32.97
C PHE A 367 22.82 -44.51 -31.71
N ASN A 368 23.24 -43.91 -30.60
CA ASN A 368 23.17 -44.49 -29.25
C ASN A 368 23.99 -45.77 -29.14
N CYS A 369 24.99 -45.91 -30.02
CA CYS A 369 25.87 -47.07 -30.05
C CYS A 369 27.21 -46.64 -29.47
N HIS A 370 28.19 -47.54 -29.53
CA HIS A 370 29.54 -47.21 -29.10
C HIS A 370 30.51 -47.71 -30.17
N LEU A 371 30.76 -46.86 -31.16
CA LEU A 371 31.96 -47.05 -31.95
C LEU A 371 33.18 -46.78 -31.07
N GLN A 372 34.26 -47.51 -31.35
CA GLN A 372 35.41 -47.42 -30.47
C GLN A 372 36.67 -47.55 -31.28
N GLU A 373 37.60 -46.61 -31.06
CA GLU A 373 38.92 -46.70 -31.64
C GLU A 373 39.96 -46.71 -30.53
N PHE A 402 27.23 -54.84 -25.69
CA PHE A 402 26.80 -53.56 -25.16
C PHE A 402 26.31 -52.65 -26.27
N ARG A 403 26.60 -51.37 -26.15
CA ARG A 403 26.36 -50.45 -27.26
C ARG A 403 27.31 -50.83 -28.38
N PRO A 404 26.81 -51.21 -29.54
CA PRO A 404 27.65 -51.90 -30.52
C PRO A 404 28.57 -50.97 -31.27
N LEU A 405 29.48 -51.54 -32.04
CA LEU A 405 30.33 -50.78 -32.94
C LEU A 405 29.49 -50.22 -34.07
N CYS A 406 29.49 -48.90 -34.20
CA CYS A 406 28.61 -48.22 -35.13
C CYS A 406 29.11 -48.43 -36.56
N THR A 407 28.17 -48.54 -37.49
CA THR A 407 28.52 -48.85 -38.88
C THR A 407 29.14 -47.65 -39.58
N GLY A 408 28.83 -46.44 -39.15
CA GLY A 408 29.22 -45.26 -39.89
C GLY A 408 28.41 -45.02 -41.13
N ASP A 409 27.40 -45.85 -41.39
CA ASP A 409 26.68 -45.86 -42.65
C ASP A 409 25.18 -45.87 -42.43
N GLU A 410 24.74 -45.58 -41.21
CA GLU A 410 23.33 -45.59 -40.89
C GLU A 410 22.63 -44.42 -41.57
N ASN A 411 21.37 -44.64 -41.92
CA ASN A 411 20.64 -43.69 -42.73
C ASN A 411 20.35 -42.42 -41.93
N ILE A 412 20.52 -41.29 -42.60
CA ILE A 412 20.42 -39.98 -41.95
C ILE A 412 18.98 -39.73 -41.53
N SER A 413 18.05 -39.82 -42.46
CA SER A 413 16.65 -39.75 -42.07
C SER A 413 16.07 -41.14 -41.82
N SER A 414 16.78 -41.95 -41.05
CA SER A 414 16.19 -43.10 -40.40
C SER A 414 15.71 -42.75 -39.02
N VAL A 415 16.17 -41.63 -38.50
CA VAL A 415 15.82 -41.15 -37.17
C VAL A 415 15.17 -39.79 -37.32
N GLU A 416 14.31 -39.46 -36.37
CA GLU A 416 13.66 -38.16 -36.35
C GLU A 416 14.48 -37.23 -35.49
N THR A 417 15.60 -36.77 -36.05
CA THR A 417 16.40 -35.95 -35.16
C THR A 417 16.16 -34.47 -35.37
N PRO A 418 16.08 -33.71 -34.29
CA PRO A 418 15.94 -32.25 -34.39
C PRO A 418 17.14 -31.57 -35.02
N TYR A 419 18.23 -32.28 -35.25
CA TYR A 419 19.21 -31.86 -36.23
C TYR A 419 18.57 -31.71 -37.61
N ILE A 420 17.66 -32.62 -37.96
CA ILE A 420 17.09 -32.64 -39.30
C ILE A 420 15.59 -32.40 -39.30
N ASP A 421 14.94 -32.45 -38.13
CA ASP A 421 13.49 -32.37 -38.03
C ASP A 421 12.93 -30.97 -38.13
N TYR A 422 13.67 -30.01 -38.66
CA TYR A 422 13.18 -28.65 -38.57
C TYR A 422 12.14 -28.37 -39.65
N THR A 423 11.52 -27.21 -39.51
CA THR A 423 10.74 -26.59 -40.56
C THR A 423 11.37 -25.29 -41.03
N HIS A 424 12.23 -24.68 -40.24
CA HIS A 424 12.69 -23.33 -40.49
C HIS A 424 14.10 -23.17 -39.95
N LEU A 425 14.71 -22.04 -40.28
CA LEU A 425 16.08 -21.74 -39.92
C LEU A 425 16.11 -20.31 -39.40
N ARG A 426 16.31 -20.12 -38.10
CA ARG A 426 16.25 -18.77 -37.54
C ARG A 426 17.58 -18.32 -36.94
N ILE A 427 18.05 -18.97 -35.89
CA ILE A 427 19.24 -18.44 -35.25
C ILE A 427 20.45 -18.97 -35.99
N SER A 428 20.31 -20.17 -36.54
CA SER A 428 21.14 -20.65 -37.64
C SER A 428 21.33 -19.58 -38.70
N TYR A 429 20.22 -18.96 -39.10
CA TYR A 429 20.29 -17.93 -40.12
C TYR A 429 21.00 -16.69 -39.59
N ASN A 430 20.82 -16.38 -38.31
CA ASN A 430 21.51 -15.24 -37.71
C ASN A 430 23.00 -15.44 -37.71
N VAL A 431 23.44 -16.64 -37.35
CA VAL A 431 24.85 -17.02 -37.41
C VAL A 431 25.36 -16.86 -38.83
N TYR A 432 24.59 -17.39 -39.77
CA TYR A 432 24.98 -17.46 -41.16
C TYR A 432 25.11 -16.07 -41.76
N LEU A 433 24.28 -15.14 -41.32
CA LEU A 433 24.46 -13.79 -41.79
C LEU A 433 25.51 -13.05 -40.99
N ALA A 434 25.72 -13.45 -39.73
CA ALA A 434 26.63 -12.74 -38.87
C ALA A 434 28.04 -12.88 -39.37
N VAL A 435 28.41 -14.11 -39.73
CA VAL A 435 29.72 -14.36 -40.29
C VAL A 435 29.89 -13.63 -41.61
N TYR A 436 28.82 -13.45 -42.37
CA TYR A 436 28.95 -12.75 -43.64
C TYR A 436 29.06 -11.27 -43.43
N SER A 437 28.47 -10.75 -42.37
CA SER A 437 28.67 -9.35 -42.03
C SER A 437 30.10 -9.10 -41.60
N ILE A 438 30.67 -10.05 -40.86
CA ILE A 438 32.10 -10.01 -40.55
C ILE A 438 32.91 -10.04 -41.82
N ALA A 439 32.54 -10.94 -42.74
CA ALA A 439 33.24 -11.05 -44.01
C ALA A 439 33.08 -9.80 -44.85
N HIS A 440 31.99 -9.08 -44.69
CA HIS A 440 31.78 -7.90 -45.53
C HIS A 440 32.52 -6.69 -44.98
N ALA A 441 32.57 -6.55 -43.65
CA ALA A 441 33.44 -5.53 -43.07
C ALA A 441 34.90 -5.84 -43.38
N LEU A 442 35.26 -7.11 -43.35
CA LEU A 442 36.60 -7.49 -43.76
C LEU A 442 36.81 -7.31 -45.26
N GLN A 443 35.73 -7.41 -46.04
CA GLN A 443 35.87 -7.18 -47.47
C GLN A 443 36.07 -5.70 -47.74
N ASP A 444 35.46 -4.85 -46.91
CA ASP A 444 35.76 -3.43 -46.93
C ASP A 444 37.20 -3.17 -46.54
N ILE A 445 37.71 -3.94 -45.58
CA ILE A 445 39.10 -3.80 -45.20
C ILE A 445 40.02 -4.28 -46.31
N TYR A 446 39.61 -5.33 -47.00
CA TYR A 446 40.33 -5.86 -48.17
C TYR A 446 40.36 -4.84 -49.29
N THR A 447 39.24 -4.14 -49.48
CA THR A 447 39.15 -3.06 -50.45
C THR A 447 39.33 -1.72 -49.73
N CYS A 448 40.54 -1.50 -49.27
CA CYS A 448 40.86 -0.23 -48.64
C CYS A 448 40.77 0.90 -49.65
N LEU A 449 40.09 1.99 -49.27
CA LEU A 449 40.10 3.17 -50.14
C LEU A 449 41.44 3.86 -49.94
N PRO A 450 42.21 4.14 -51.02
CA PRO A 450 43.66 4.29 -50.92
C PRO A 450 44.11 5.51 -50.16
N GLY A 451 44.17 5.34 -48.85
CA GLY A 451 44.41 6.43 -47.93
C GLY A 451 43.16 7.14 -47.50
N ARG A 452 42.00 6.69 -47.96
CA ARG A 452 40.73 7.37 -47.68
C ARG A 452 39.80 6.44 -46.91
N GLY A 453 40.35 5.73 -45.96
CA GLY A 453 39.57 4.84 -45.11
C GLY A 453 38.93 5.58 -43.96
N LEU A 454 38.45 4.81 -42.99
CA LEU A 454 37.74 5.37 -41.85
C LEU A 454 38.66 5.56 -40.66
N PHE A 455 39.94 5.85 -40.91
CA PHE A 455 40.93 5.93 -39.86
C PHE A 455 41.16 7.35 -39.43
N THR A 456 42.12 7.51 -38.53
CA THR A 456 42.79 8.79 -38.39
C THR A 456 43.53 9.06 -39.68
N ASN A 457 42.99 9.99 -40.48
CA ASN A 457 43.46 10.32 -41.82
C ASN A 457 43.45 9.09 -42.74
N GLY A 458 42.48 8.21 -42.54
CA GLY A 458 42.08 7.19 -43.50
C GLY A 458 43.06 6.09 -43.87
N SER A 459 44.17 5.98 -43.17
CA SER A 459 45.19 4.99 -43.53
C SER A 459 44.75 3.62 -43.03
N CYS A 460 44.29 2.77 -43.95
CA CYS A 460 43.83 1.45 -43.57
C CYS A 460 45.01 0.58 -43.15
N ALA A 461 44.72 -0.37 -42.26
CA ALA A 461 45.70 -1.38 -41.93
C ALA A 461 45.82 -2.38 -43.07
N ASP A 462 47.03 -2.89 -43.25
CA ASP A 462 47.23 -3.94 -44.24
C ASP A 462 46.58 -5.22 -43.76
N ILE A 463 46.23 -6.06 -44.73
CA ILE A 463 45.58 -7.32 -44.38
C ILE A 463 46.58 -8.30 -43.80
N LYS A 464 47.86 -8.15 -44.13
CA LYS A 464 48.87 -9.01 -43.56
C LYS A 464 49.16 -8.68 -42.10
N LYS A 465 48.77 -7.49 -41.64
CA LYS A 465 48.94 -7.13 -40.23
C LYS A 465 47.73 -6.29 -39.82
N VAL A 466 46.75 -6.93 -39.22
CA VAL A 466 45.46 -6.32 -38.95
C VAL A 466 45.35 -6.00 -37.47
N GLU A 467 44.30 -5.26 -37.12
CA GLU A 467 44.05 -4.88 -35.75
C GLU A 467 42.56 -4.95 -35.45
N ALA A 468 42.22 -5.68 -34.38
CA ALA A 468 40.82 -5.90 -34.04
C ALA A 468 40.12 -4.63 -33.61
N TRP A 469 40.85 -3.63 -33.13
CA TRP A 469 40.21 -2.35 -32.85
C TRP A 469 39.80 -1.66 -34.15
N GLN A 470 40.63 -1.75 -35.18
CA GLN A 470 40.26 -1.21 -36.48
C GLN A 470 39.13 -2.01 -37.09
N VAL A 471 39.12 -3.31 -36.83
CA VAL A 471 38.02 -4.18 -37.24
C VAL A 471 36.72 -3.70 -36.61
N LEU A 472 36.76 -3.37 -35.33
CA LEU A 472 35.56 -2.90 -34.66
C LEU A 472 35.16 -1.51 -35.14
N LYS A 473 36.13 -0.70 -35.53
CA LYS A 473 35.84 0.60 -36.11
C LYS A 473 35.07 0.47 -37.41
N HIS A 474 35.51 -0.45 -38.27
CA HIS A 474 34.75 -0.71 -39.50
C HIS A 474 33.44 -1.40 -39.20
N LEU A 475 33.38 -2.17 -38.12
CA LEU A 475 32.17 -2.89 -37.76
C LEU A 475 31.11 -1.98 -37.19
N ARG A 476 31.51 -0.84 -36.65
CA ARG A 476 30.54 0.14 -36.19
C ARG A 476 29.72 0.71 -37.33
N HIS A 477 30.21 0.64 -38.56
CA HIS A 477 29.57 1.25 -39.72
C HIS A 477 29.55 0.24 -40.86
N LEU A 478 28.46 -0.50 -41.00
CA LEU A 478 28.33 -1.47 -42.07
C LEU A 478 26.99 -1.30 -42.76
N ASN A 479 26.99 -1.40 -44.09
CA ASN A 479 25.85 -1.02 -44.93
C ASN A 479 25.93 -1.88 -46.19
N PHE A 480 25.15 -2.97 -46.23
CA PHE A 480 25.27 -3.95 -47.31
C PHE A 480 24.05 -4.86 -47.31
N THR A 481 23.86 -5.57 -48.42
CA THR A 481 22.63 -6.34 -48.63
C THR A 481 22.77 -7.79 -48.20
N ASN A 482 21.61 -8.40 -47.95
CA ASN A 482 21.50 -9.79 -47.56
C ASN A 482 21.46 -10.69 -48.79
N ASN A 483 21.69 -12.00 -48.56
CA ASN A 483 21.63 -13.00 -49.62
C ASN A 483 20.23 -13.10 -50.21
N MET A 484 19.21 -12.87 -49.39
CA MET A 484 17.86 -12.70 -49.89
C MET A 484 17.49 -11.24 -50.06
N GLY A 485 18.50 -10.38 -50.26
CA GLY A 485 18.29 -9.01 -50.68
C GLY A 485 17.63 -8.14 -49.64
N GLU A 486 18.25 -8.02 -48.48
CA GLU A 486 17.83 -7.06 -47.48
C GLU A 486 19.04 -6.22 -47.15
N GLN A 487 18.91 -4.91 -47.31
CA GLN A 487 19.99 -4.00 -47.01
C GLN A 487 20.17 -3.99 -45.50
N VAL A 488 21.04 -4.85 -45.01
CA VAL A 488 21.17 -5.06 -43.57
C VAL A 488 22.30 -4.18 -43.02
N THR A 489 21.92 -3.16 -42.28
CA THR A 489 22.85 -2.21 -41.71
C THR A 489 23.06 -2.56 -40.25
N PHE A 490 23.85 -1.74 -39.58
CA PHE A 490 24.10 -1.90 -38.15
C PHE A 490 23.95 -0.56 -37.45
N ASP A 491 22.96 -0.50 -36.57
CA ASP A 491 22.59 0.66 -35.79
C ASP A 491 23.52 0.86 -34.61
N GLU A 492 23.11 1.73 -33.70
CA GLU A 492 23.90 2.04 -32.51
C GLU A 492 23.96 0.87 -31.54
N CYS A 493 22.89 0.07 -31.44
CA CYS A 493 23.00 -1.19 -30.71
C CYS A 493 23.79 -2.21 -31.49
N GLY A 494 23.93 -2.03 -32.79
CA GLY A 494 24.63 -3.00 -33.61
C GLY A 494 23.79 -4.24 -33.77
N ASP A 495 22.67 -4.12 -34.46
CA ASP A 495 21.74 -5.21 -34.67
C ASP A 495 20.92 -4.90 -35.91
N LEU A 496 19.84 -5.65 -36.07
CA LEU A 496 18.75 -5.24 -36.94
C LEU A 496 17.45 -5.66 -36.28
N VAL A 497 16.34 -5.38 -36.94
CA VAL A 497 15.04 -5.75 -36.39
C VAL A 497 14.08 -6.07 -37.54
N GLY A 498 13.45 -7.25 -37.45
CA GLY A 498 12.41 -7.64 -38.36
C GLY A 498 11.15 -8.01 -37.59
N ASN A 499 10.08 -8.25 -38.34
CA ASN A 499 8.80 -8.55 -37.74
C ASN A 499 8.82 -9.93 -37.09
N TYR A 500 7.76 -10.23 -36.34
CA TYR A 500 7.65 -11.49 -35.64
C TYR A 500 6.36 -12.17 -36.01
N SER A 501 6.46 -13.39 -36.50
CA SER A 501 5.26 -14.19 -36.72
C SER A 501 4.69 -14.60 -35.38
N ILE A 502 3.45 -14.24 -35.14
CA ILE A 502 2.77 -14.54 -33.90
C ILE A 502 1.99 -15.82 -34.13
N ILE A 503 2.39 -16.90 -33.48
CA ILE A 503 1.99 -18.23 -33.88
C ILE A 503 1.03 -18.82 -32.87
N ASN A 504 0.39 -19.92 -33.27
CA ASN A 504 -0.41 -20.74 -32.40
C ASN A 504 0.15 -22.16 -32.44
N TRP A 505 -0.09 -22.89 -31.35
CA TRP A 505 0.41 -24.25 -31.23
C TRP A 505 -0.75 -25.21 -31.48
N HIS A 506 -0.98 -25.50 -32.76
CA HIS A 506 -2.01 -26.45 -33.10
C HIS A 506 -1.39 -27.83 -33.26
N LEU A 507 -2.20 -28.77 -33.69
CA LEU A 507 -1.77 -30.15 -33.84
C LEU A 507 -2.08 -30.62 -35.26
N SER A 508 -1.17 -31.39 -35.84
CA SER A 508 -1.46 -32.09 -37.08
C SER A 508 -2.50 -33.16 -36.81
N PRO A 509 -3.70 -33.07 -37.35
CA PRO A 509 -4.68 -34.13 -37.11
C PRO A 509 -4.35 -35.42 -37.83
N GLU A 510 -3.55 -35.37 -38.89
CA GLU A 510 -3.14 -36.58 -39.57
C GLU A 510 -2.15 -37.38 -38.74
N ASP A 511 -1.32 -36.71 -37.95
CA ASP A 511 -0.20 -37.38 -37.31
C ASP A 511 -0.07 -37.11 -35.82
N GLY A 512 -0.85 -36.19 -35.25
CA GLY A 512 -0.60 -35.84 -33.87
C GLY A 512 0.63 -35.00 -33.66
N SER A 513 1.12 -34.35 -34.71
CA SER A 513 2.31 -33.54 -34.62
C SER A 513 1.93 -32.10 -34.31
N ILE A 514 2.68 -31.47 -33.42
CA ILE A 514 2.34 -30.12 -33.00
C ILE A 514 2.73 -29.15 -34.11
N VAL A 515 1.75 -28.49 -34.69
CA VAL A 515 2.03 -27.57 -35.78
C VAL A 515 1.94 -26.15 -35.25
N PHE A 516 2.81 -25.31 -35.79
CA PHE A 516 3.03 -23.97 -35.28
C PHE A 516 2.44 -23.00 -36.29
N LYS A 517 1.26 -22.50 -35.96
CA LYS A 517 0.38 -21.86 -36.93
C LYS A 517 0.29 -20.38 -36.62
N GLU A 518 0.77 -19.56 -37.53
CA GLU A 518 0.72 -18.12 -37.36
C GLU A 518 -0.73 -17.63 -37.39
N VAL A 519 -1.09 -16.79 -36.43
CA VAL A 519 -2.41 -16.18 -36.40
C VAL A 519 -2.26 -14.66 -36.45
N GLY A 520 -1.26 -14.18 -37.17
CA GLY A 520 -0.95 -12.77 -37.22
C GLY A 520 0.53 -12.54 -37.01
N TYR A 521 0.93 -11.29 -37.22
CA TYR A 521 2.32 -10.96 -37.05
C TYR A 521 2.46 -9.57 -36.47
N TYR A 522 3.57 -9.34 -35.81
CA TYR A 522 3.88 -8.04 -35.25
C TYR A 522 4.92 -7.37 -36.13
N ASN A 523 4.47 -6.40 -36.92
CA ASN A 523 5.37 -5.52 -37.66
C ASN A 523 6.26 -4.75 -36.69
N VAL A 524 7.44 -4.35 -37.15
CA VAL A 524 8.33 -3.55 -36.32
C VAL A 524 8.62 -2.19 -36.92
N TYR A 525 7.97 -1.82 -38.00
CA TYR A 525 8.32 -0.59 -38.70
C TYR A 525 7.27 0.50 -38.59
N ALA A 526 6.07 0.20 -38.10
CA ALA A 526 5.02 1.19 -37.99
C ALA A 526 5.21 2.00 -36.71
N LYS A 527 4.19 2.76 -36.32
CA LYS A 527 4.28 3.54 -35.10
C LYS A 527 3.92 2.69 -33.89
N LYS A 528 4.12 3.28 -32.72
CA LYS A 528 3.60 2.70 -31.49
C LYS A 528 2.08 2.70 -31.54
N GLY A 529 1.49 1.55 -31.20
CA GLY A 529 0.07 1.40 -31.43
C GLY A 529 -0.31 1.22 -32.88
N GLU A 530 0.66 1.00 -33.76
CA GLU A 530 0.41 0.76 -35.17
C GLU A 530 1.12 -0.46 -35.69
N ARG A 531 2.00 -1.07 -34.91
CA ARG A 531 2.92 -2.10 -35.39
C ARG A 531 2.35 -3.49 -35.36
N LEU A 532 1.07 -3.66 -35.13
CA LEU A 532 0.56 -5.00 -34.87
C LEU A 532 -0.42 -5.41 -35.96
N PHE A 533 -0.31 -6.67 -36.39
CA PHE A 533 -1.36 -7.29 -37.17
C PHE A 533 -1.90 -8.48 -36.40
N ILE A 534 -3.21 -8.65 -36.44
CA ILE A 534 -3.87 -9.84 -35.92
C ILE A 534 -4.63 -10.49 -37.07
N ASN A 535 -4.30 -11.75 -37.36
CA ASN A 535 -5.24 -12.57 -38.12
C ASN A 535 -6.22 -13.14 -37.12
N GLU A 536 -7.34 -12.43 -36.97
CA GLU A 536 -8.33 -12.84 -35.99
C GLU A 536 -9.10 -14.08 -36.43
N GLU A 537 -9.01 -14.45 -37.70
CA GLU A 537 -9.83 -15.54 -38.21
C GLU A 537 -9.33 -16.89 -37.70
N LYS A 538 -8.01 -17.11 -37.75
CA LYS A 538 -7.47 -18.37 -37.27
C LYS A 538 -7.22 -18.39 -35.78
N ILE A 539 -7.81 -17.46 -35.03
CA ILE A 539 -7.64 -17.46 -33.58
C ILE A 539 -8.51 -18.54 -32.97
N LEU A 540 -7.87 -19.49 -32.28
CA LEU A 540 -8.54 -20.46 -31.43
C LEU A 540 -7.91 -20.35 -30.05
N TRP A 541 -8.61 -19.68 -29.14
CA TRP A 541 -8.16 -19.57 -27.76
C TRP A 541 -8.12 -20.94 -27.12
N SER A 542 -7.07 -21.18 -26.32
CA SER A 542 -6.75 -22.47 -25.70
C SER A 542 -6.59 -23.58 -26.73
N GLY A 543 -6.22 -23.25 -27.96
CA GLY A 543 -5.97 -24.22 -28.99
C GLY A 543 -7.16 -24.51 -29.89
N PHE A 544 -8.36 -24.53 -29.33
CA PHE A 544 -9.51 -25.02 -30.10
C PHE A 544 -10.68 -24.05 -30.05
N SER A 545 -10.82 -23.35 -28.92
CA SER A 545 -12.03 -22.60 -28.65
C SER A 545 -11.92 -21.23 -29.29
N ARG A 546 -12.77 -20.97 -30.28
CA ARG A 546 -12.72 -19.69 -30.98
C ARG A 546 -13.20 -18.53 -30.13
N GLU A 547 -13.85 -18.79 -28.99
CA GLU A 547 -14.38 -17.73 -28.16
C GLU A 547 -13.37 -17.27 -27.13
N VAL A 548 -13.40 -15.98 -26.85
CA VAL A 548 -12.36 -15.33 -26.04
C VAL A 548 -12.63 -15.60 -24.57
N PRO A 549 -11.62 -15.94 -23.81
CA PRO A 549 -11.82 -16.12 -22.37
C PRO A 549 -11.76 -14.83 -21.56
N PHE A 550 -11.69 -15.02 -20.25
CA PHE A 550 -11.82 -13.95 -19.28
C PHE A 550 -10.57 -13.91 -18.42
N SER A 551 -9.90 -12.77 -18.41
CA SER A 551 -8.82 -12.56 -17.47
C SER A 551 -8.85 -11.18 -16.83
N ASN A 552 -10.03 -10.65 -16.57
CA ASN A 552 -10.18 -9.58 -15.59
C ASN A 552 -10.19 -10.21 -14.20
N CYS A 553 -10.30 -9.38 -13.16
CA CYS A 553 -10.55 -9.94 -11.84
C CYS A 553 -12.04 -9.98 -11.50
N SER A 554 -12.68 -8.83 -11.46
CA SER A 554 -14.11 -8.78 -11.27
C SER A 554 -14.83 -8.87 -12.60
N ARG A 555 -16.11 -9.17 -12.54
CA ARG A 555 -16.89 -9.06 -13.75
C ARG A 555 -17.22 -7.61 -14.02
N ASP A 556 -17.55 -7.33 -15.29
CA ASP A 556 -18.33 -6.15 -15.63
C ASP A 556 -19.74 -6.43 -15.14
N CYS A 557 -20.10 -5.84 -13.99
CA CYS A 557 -21.28 -6.32 -13.27
C CYS A 557 -22.60 -5.92 -13.90
N LEU A 558 -23.67 -6.09 -13.12
CA LEU A 558 -25.01 -5.77 -13.56
C LEU A 558 -25.22 -4.26 -13.60
N ALA A 559 -26.42 -3.87 -14.02
CA ALA A 559 -26.71 -2.48 -14.32
C ALA A 559 -26.80 -1.62 -13.06
N GLY A 560 -27.73 -1.96 -12.16
CA GLY A 560 -27.95 -1.13 -10.98
C GLY A 560 -26.82 -1.17 -9.97
N THR A 561 -25.97 -2.19 -10.03
CA THR A 561 -24.85 -2.29 -9.11
C THR A 561 -23.81 -1.23 -9.48
N ARG A 562 -23.77 -0.15 -8.71
CA ARG A 562 -22.88 0.97 -9.00
C ARG A 562 -21.44 0.55 -8.75
N LYS A 563 -20.62 0.61 -9.80
CA LYS A 563 -19.29 0.01 -9.76
C LYS A 563 -18.35 0.79 -8.86
N GLY A 564 -18.26 0.37 -7.60
CA GLY A 564 -17.36 0.97 -6.65
C GLY A 564 -15.96 0.39 -6.79
N ILE A 565 -15.19 0.50 -5.70
CA ILE A 565 -13.85 -0.04 -5.63
C ILE A 565 -13.75 -0.96 -4.43
N ILE A 566 -12.56 -1.51 -4.22
CA ILE A 566 -12.24 -2.28 -3.03
C ILE A 566 -10.97 -1.70 -2.44
N GLU A 567 -11.04 -1.30 -1.17
CA GLU A 567 -9.86 -0.81 -0.49
C GLU A 567 -8.90 -1.97 -0.17
N GLY A 568 -7.61 -1.74 -0.41
CA GLY A 568 -6.60 -2.76 -0.20
C GLY A 568 -6.16 -3.50 -1.45
N GLU A 569 -7.09 -3.74 -2.37
CA GLU A 569 -7.00 -4.34 -3.68
C GLU A 569 -6.92 -3.26 -4.76
N PRO A 570 -6.08 -3.42 -5.78
CA PRO A 570 -6.07 -2.47 -6.90
C PRO A 570 -7.38 -2.52 -7.67
N THR A 571 -7.76 -1.37 -8.23
CA THR A 571 -9.05 -1.17 -8.88
C THR A 571 -9.23 -1.99 -10.15
N CYS A 572 -8.20 -2.69 -10.61
CA CYS A 572 -8.36 -3.85 -11.48
C CYS A 572 -9.46 -4.78 -10.99
N CYS A 573 -9.43 -5.09 -9.70
CA CYS A 573 -10.44 -5.92 -9.07
C CYS A 573 -11.21 -5.07 -8.07
N PHE A 574 -12.54 -5.08 -8.16
CA PHE A 574 -13.32 -4.08 -7.45
C PHE A 574 -14.71 -4.65 -7.17
N GLU A 575 -15.57 -3.83 -6.57
CA GLU A 575 -16.94 -4.20 -6.28
C GLU A 575 -17.89 -3.29 -7.02
N CYS A 576 -19.15 -3.71 -7.06
CA CYS A 576 -20.20 -2.91 -7.66
C CYS A 576 -21.40 -2.90 -6.73
N VAL A 577 -21.63 -1.78 -6.07
CA VAL A 577 -22.57 -1.73 -4.96
C VAL A 577 -23.99 -1.57 -5.49
N GLU A 578 -24.89 -2.41 -4.99
CA GLU A 578 -26.28 -2.41 -5.43
C GLU A 578 -27.00 -1.19 -4.89
N CYS A 579 -27.06 -0.16 -5.70
CA CYS A 579 -27.56 1.14 -5.28
C CYS A 579 -29.05 1.25 -5.56
N PRO A 580 -29.91 1.30 -4.54
CA PRO A 580 -31.36 1.36 -4.77
C PRO A 580 -31.95 2.75 -4.73
N ASP A 581 -33.28 2.81 -4.85
CA ASP A 581 -34.12 3.95 -4.45
C ASP A 581 -33.77 5.23 -5.21
N GLY A 582 -34.03 5.19 -6.51
CA GLY A 582 -33.71 6.32 -7.35
C GLY A 582 -32.25 6.32 -7.77
N GLU A 583 -31.84 5.27 -8.47
CA GLU A 583 -30.47 5.12 -8.93
C GLU A 583 -30.32 5.43 -10.40
N TYR A 584 -31.30 5.04 -11.22
CA TYR A 584 -31.31 5.22 -12.67
C TYR A 584 -30.07 4.62 -13.31
N SER A 585 -29.63 3.48 -12.81
CA SER A 585 -28.35 2.89 -13.16
C SER A 585 -28.61 1.72 -14.11
N ASP A 586 -28.59 2.00 -15.40
CA ASP A 586 -28.82 0.98 -16.42
C ASP A 586 -27.55 0.58 -17.14
N GLU A 587 -26.48 1.35 -17.02
CA GLU A 587 -25.19 0.94 -17.54
C GLU A 587 -24.59 -0.13 -16.65
N THR A 588 -23.99 -1.14 -17.26
CA THR A 588 -23.47 -2.28 -16.52
C THR A 588 -22.27 -1.92 -15.66
N ASP A 589 -21.50 -0.91 -16.04
CA ASP A 589 -20.34 -0.49 -15.29
C ASP A 589 -20.42 0.98 -14.90
N ALA A 590 -21.61 1.44 -14.52
CA ALA A 590 -21.75 2.77 -13.96
C ALA A 590 -21.08 2.81 -12.59
N SER A 591 -20.23 3.82 -12.38
CA SER A 591 -19.49 3.88 -11.12
C SER A 591 -20.40 4.26 -9.96
N ALA A 592 -21.26 5.26 -10.16
CA ALA A 592 -22.21 5.74 -9.17
C ALA A 592 -23.62 5.62 -9.74
N CYS A 593 -24.57 6.30 -9.09
CA CYS A 593 -25.97 6.32 -9.48
C CYS A 593 -26.38 7.67 -10.04
N ASN A 594 -27.65 7.80 -10.37
CA ASN A 594 -28.22 9.07 -10.79
C ASN A 594 -29.46 9.36 -9.96
N LYS A 595 -29.46 10.52 -9.30
CA LYS A 595 -30.62 10.96 -8.55
C LYS A 595 -31.60 11.51 -9.59
N CYS A 596 -32.73 10.84 -9.75
CA CYS A 596 -33.67 11.16 -10.80
C CYS A 596 -34.60 12.28 -10.37
N PRO A 597 -35.55 12.66 -11.23
CA PRO A 597 -36.38 13.83 -10.96
C PRO A 597 -37.38 13.57 -9.84
N ASP A 598 -37.97 14.68 -9.38
CA ASP A 598 -38.80 14.67 -8.18
C ASP A 598 -40.08 13.89 -8.39
N ASP A 599 -40.57 13.84 -9.62
CA ASP A 599 -41.73 13.01 -9.93
C ASP A 599 -41.35 11.59 -10.29
N PHE A 600 -40.11 11.17 -10.02
CA PHE A 600 -39.66 9.92 -10.58
C PHE A 600 -38.95 9.06 -9.55
N TRP A 601 -39.23 7.75 -9.63
CA TRP A 601 -38.74 6.75 -8.70
C TRP A 601 -38.34 5.50 -9.48
N SER A 602 -37.27 4.86 -9.01
CA SER A 602 -36.56 3.82 -9.75
C SER A 602 -37.43 2.59 -10.00
N ASN A 603 -36.99 1.78 -10.94
CA ASN A 603 -37.67 0.53 -11.23
C ASN A 603 -37.35 -0.51 -10.16
N GLU A 604 -37.85 -1.73 -10.37
CA GLU A 604 -37.73 -2.79 -9.37
C GLU A 604 -36.29 -3.25 -9.22
N ASN A 605 -35.51 -3.21 -10.30
CA ASN A 605 -34.09 -3.52 -10.25
C ASN A 605 -33.24 -2.29 -10.00
N HIS A 606 -33.79 -1.28 -9.31
CA HIS A 606 -33.17 0.02 -9.06
C HIS A 606 -32.73 0.70 -10.35
N THR A 607 -33.51 0.51 -11.40
CA THR A 607 -33.19 0.95 -12.74
C THR A 607 -33.65 2.39 -12.92
N SER A 608 -33.77 2.82 -14.17
CA SER A 608 -34.28 4.13 -14.55
C SER A 608 -35.61 4.47 -13.87
N CYS A 609 -35.72 5.72 -13.43
CA CYS A 609 -36.86 6.16 -12.64
C CYS A 609 -38.05 6.47 -13.52
N ILE A 610 -39.16 5.78 -13.30
CA ILE A 610 -40.40 6.13 -13.98
C ILE A 610 -41.52 6.29 -12.97
N ALA A 611 -41.40 5.63 -11.82
CA ALA A 611 -42.49 5.57 -10.87
C ALA A 611 -42.67 6.90 -10.16
N LYS A 612 -43.89 7.25 -9.81
CA LYS A 612 -44.14 8.57 -9.26
C LYS A 612 -44.14 8.54 -7.74
N GLU A 613 -44.33 9.72 -7.14
CA GLU A 613 -44.61 9.86 -5.72
C GLU A 613 -46.13 9.86 -5.53
N ILE A 614 -46.61 10.29 -4.36
CA ILE A 614 -48.05 10.34 -4.09
C ILE A 614 -48.73 11.39 -4.96
N GLU A 615 -50.06 11.28 -5.07
CA GLU A 615 -50.91 12.21 -5.80
C GLU A 615 -52.17 12.48 -5.00
N PHE A 616 -51.99 12.83 -3.72
CA PHE A 616 -53.11 13.00 -2.79
C PHE A 616 -53.80 14.33 -3.06
N LEU A 617 -54.80 14.29 -3.95
CA LEU A 617 -55.65 15.45 -4.22
C LEU A 617 -57.13 15.18 -3.99
N SER A 618 -57.62 14.03 -4.48
CA SER A 618 -58.99 13.53 -4.27
C SER A 618 -60.05 14.54 -4.72
N TRP A 619 -59.96 14.91 -6.00
CA TRP A 619 -60.92 15.88 -6.55
C TRP A 619 -62.26 15.23 -6.81
N THR A 620 -62.30 14.26 -7.71
CA THR A 620 -63.53 13.59 -8.11
C THR A 620 -63.44 12.10 -7.81
N GLU A 621 -62.97 11.77 -6.60
CA GLU A 621 -62.73 10.40 -6.23
C GLU A 621 -64.03 9.62 -6.10
N PRO A 622 -63.98 8.29 -6.28
CA PRO A 622 -65.21 7.49 -6.21
C PRO A 622 -65.77 7.38 -4.81
N PHE A 623 -64.94 7.54 -3.79
CA PHE A 623 -65.47 7.64 -2.44
C PHE A 623 -66.25 8.94 -2.26
N GLY A 624 -65.74 10.04 -2.82
CA GLY A 624 -66.41 11.31 -2.69
C GLY A 624 -67.62 11.48 -3.59
N ILE A 625 -67.76 10.62 -4.60
CA ILE A 625 -68.89 10.73 -5.51
C ILE A 625 -70.21 10.42 -4.80
N ALA A 626 -70.20 9.40 -3.94
CA ALA A 626 -71.42 9.07 -3.21
C ALA A 626 -71.76 10.10 -2.14
N LEU A 627 -70.74 10.72 -1.54
CA LEU A 627 -71.00 11.79 -0.57
C LEU A 627 -71.54 13.03 -1.26
N THR A 628 -71.03 13.33 -2.46
CA THR A 628 -71.58 14.43 -3.25
C THR A 628 -72.99 14.11 -3.70
N LEU A 629 -73.29 12.83 -3.97
CA LEU A 629 -74.65 12.43 -4.29
C LEU A 629 -75.58 12.61 -3.09
N PHE A 630 -75.08 12.29 -1.90
CA PHE A 630 -75.85 12.51 -0.67
C PHE A 630 -76.09 13.99 -0.43
N ALA A 631 -75.07 14.81 -0.69
CA ALA A 631 -75.20 16.26 -0.52
C ALA A 631 -76.17 16.86 -1.53
N VAL A 632 -76.11 16.40 -2.78
CA VAL A 632 -77.03 16.88 -3.81
C VAL A 632 -78.45 16.41 -3.53
N LEU A 633 -78.59 15.21 -2.95
CA LEU A 633 -79.91 14.73 -2.56
C LEU A 633 -80.48 15.55 -1.42
N GLY A 634 -79.63 15.92 -0.46
CA GLY A 634 -80.08 16.79 0.62
C GLY A 634 -80.43 18.18 0.12
N ILE A 635 -79.70 18.66 -0.89
CA ILE A 635 -79.99 19.96 -1.46
C ILE A 635 -81.31 19.93 -2.23
N PHE A 636 -81.55 18.86 -2.99
CA PHE A 636 -82.81 18.74 -3.73
C PHE A 636 -83.99 18.53 -2.80
N LEU A 637 -83.78 17.79 -1.72
CA LEU A 637 -84.84 17.61 -0.73
C LEU A 637 -85.13 18.92 0.00
N THR A 638 -84.08 19.71 0.28
CA THR A 638 -84.29 21.02 0.85
C THR A 638 -84.96 21.96 -0.14
N ALA A 639 -84.74 21.75 -1.43
CA ALA A 639 -85.39 22.57 -2.44
C ALA A 639 -86.88 22.25 -2.53
N PHE A 640 -87.23 20.96 -2.50
CA PHE A 640 -88.64 20.59 -2.47
C PHE A 640 -89.30 21.01 -1.16
N VAL A 641 -88.52 21.00 -0.08
CA VAL A 641 -89.04 21.43 1.22
C VAL A 641 -89.30 22.93 1.23
N LEU A 642 -88.39 23.71 0.63
CA LEU A 642 -88.58 25.16 0.58
C LEU A 642 -89.69 25.54 -0.38
N GLY A 643 -89.87 24.76 -1.46
CA GLY A 643 -91.00 25.00 -2.35
C GLY A 643 -92.33 24.74 -1.67
N VAL A 644 -92.41 23.66 -0.89
CA VAL A 644 -93.66 23.34 -0.18
C VAL A 644 -93.90 24.36 0.94
N PHE A 645 -92.83 24.89 1.53
CA PHE A 645 -93.01 25.85 2.61
C PHE A 645 -93.41 27.22 2.06
N ILE A 646 -92.89 27.60 0.89
CA ILE A 646 -93.24 28.89 0.33
C ILE A 646 -94.64 28.85 -0.27
N LYS A 647 -95.07 27.70 -0.78
CA LYS A 647 -96.48 27.57 -1.16
C LYS A 647 -97.39 27.53 0.07
N PHE A 648 -96.91 26.94 1.16
CA PHE A 648 -97.67 26.89 2.41
C PHE A 648 -97.60 28.23 3.13
N GLU A 660 -87.03 35.39 7.47
CA GLU A 660 -85.69 35.08 6.97
C GLU A 660 -85.56 33.59 6.67
N LEU A 661 -86.49 32.81 7.21
CA LEU A 661 -86.36 31.35 7.18
C LEU A 661 -86.51 30.77 5.77
N SER A 662 -87.04 31.55 4.83
CA SER A 662 -87.22 31.03 3.47
C SER A 662 -86.20 31.64 2.53
N TYR A 663 -85.88 32.92 2.70
CA TYR A 663 -84.86 33.56 1.88
C TYR A 663 -83.50 33.59 2.58
N LEU A 664 -83.39 34.31 3.69
CA LEU A 664 -82.09 34.62 4.27
C LEU A 664 -81.51 33.44 5.02
N LEU A 665 -82.28 32.85 5.94
CA LEU A 665 -81.77 31.75 6.74
C LEU A 665 -81.64 30.48 5.90
N LEU A 666 -82.59 30.27 4.99
CA LEU A 666 -82.49 29.13 4.09
C LEU A 666 -81.35 29.30 3.11
N PHE A 667 -81.07 30.53 2.68
CA PHE A 667 -79.95 30.76 1.80
C PHE A 667 -78.63 30.62 2.54
N SER A 668 -78.60 30.98 3.81
CA SER A 668 -77.39 30.79 4.60
C SER A 668 -77.11 29.31 4.86
N LEU A 669 -78.17 28.54 5.11
CA LEU A 669 -77.98 27.10 5.32
C LEU A 669 -77.64 26.39 4.03
N LEU A 670 -78.34 26.71 2.94
CA LEU A 670 -78.01 26.11 1.66
C LEU A 670 -76.71 26.63 1.10
N CYS A 671 -76.24 27.79 1.59
CA CYS A 671 -74.98 28.32 1.16
C CYS A 671 -73.83 27.70 1.94
N CYS A 672 -74.08 27.34 3.20
CA CYS A 672 -73.08 26.55 3.91
C CYS A 672 -73.08 25.11 3.42
N PHE A 673 -74.17 24.67 2.78
CA PHE A 673 -74.21 23.33 2.21
C PHE A 673 -73.69 23.29 0.78
N SER A 674 -73.68 24.44 0.09
CA SER A 674 -73.11 24.53 -1.24
C SER A 674 -71.66 25.01 -1.20
N SER A 675 -71.28 25.71 -0.14
CA SER A 675 -69.88 26.05 0.04
C SER A 675 -69.11 24.87 0.57
N SER A 676 -69.78 23.94 1.25
CA SER A 676 -69.16 22.66 1.57
C SER A 676 -68.87 21.88 0.29
N LEU A 677 -69.77 21.96 -0.69
CA LEU A 677 -69.52 21.32 -1.97
C LEU A 677 -68.43 22.04 -2.76
N PHE A 678 -68.38 23.37 -2.64
CA PHE A 678 -67.35 24.12 -3.36
C PHE A 678 -66.00 24.02 -2.67
N PHE A 679 -65.98 23.67 -1.39
CA PHE A 679 -64.74 23.48 -0.66
C PHE A 679 -64.27 22.03 -0.70
N ILE A 680 -64.62 21.32 -1.77
CA ILE A 680 -64.09 20.01 -2.09
C ILE A 680 -63.50 20.10 -3.50
N GLY A 681 -62.95 18.99 -3.97
CA GLY A 681 -62.31 18.98 -5.25
C GLY A 681 -60.80 19.09 -5.16
N GLU A 682 -60.21 19.50 -6.27
CA GLU A 682 -58.75 19.55 -6.37
C GLU A 682 -58.18 20.73 -5.59
N PRO A 683 -56.88 20.69 -5.31
CA PRO A 683 -56.26 21.84 -4.63
C PRO A 683 -55.75 22.86 -5.63
N GLN A 684 -56.01 24.13 -5.32
CA GLN A 684 -55.48 25.25 -6.07
C GLN A 684 -55.31 26.39 -5.10
N ASP A 685 -55.10 27.60 -5.64
CA ASP A 685 -54.93 28.76 -4.77
C ASP A 685 -56.26 29.18 -4.16
N TRP A 686 -57.23 29.50 -5.00
CA TRP A 686 -58.55 29.84 -4.47
C TRP A 686 -59.28 28.60 -3.98
N THR A 687 -59.02 27.45 -4.59
CA THR A 687 -59.59 26.20 -4.09
C THR A 687 -59.02 25.82 -2.74
N CYS A 688 -57.83 26.32 -2.42
CA CYS A 688 -57.32 26.28 -1.06
C CYS A 688 -58.00 27.34 -0.19
N ARG A 689 -58.07 28.57 -0.68
CA ARG A 689 -58.58 29.72 0.07
C ARG A 689 -60.06 29.64 0.40
N LEU A 690 -60.81 28.74 -0.22
CA LEU A 690 -62.27 28.66 -0.09
C LEU A 690 -62.78 28.17 1.28
N ARG A 691 -62.00 28.04 2.36
CA ARG A 691 -62.50 27.47 3.61
C ARG A 691 -63.25 28.47 4.49
N GLN A 692 -63.43 29.72 4.05
CA GLN A 692 -64.05 30.75 4.88
C GLN A 692 -65.56 30.66 4.92
N PRO A 693 -66.19 30.29 3.79
CA PRO A 693 -67.66 30.36 3.72
C PRO A 693 -68.35 29.33 4.57
N ALA A 694 -67.68 28.22 4.89
CA ALA A 694 -68.21 27.26 5.84
C ALA A 694 -68.28 27.84 7.25
N PHE A 695 -67.43 28.82 7.57
CA PHE A 695 -67.64 29.56 8.81
C PHE A 695 -68.74 30.59 8.64
N GLY A 696 -68.72 31.33 7.53
CA GLY A 696 -69.59 32.49 7.40
C GLY A 696 -71.06 32.16 7.26
N ILE A 697 -71.40 31.32 6.27
CA ILE A 697 -72.80 31.03 6.00
C ILE A 697 -73.41 30.17 7.11
N SER A 698 -72.59 29.33 7.74
CA SER A 698 -73.09 28.55 8.86
C SER A 698 -73.26 29.42 10.09
N PHE A 699 -72.42 30.44 10.26
CA PHE A 699 -72.62 31.37 11.36
C PHE A 699 -73.85 32.23 11.14
N VAL A 700 -74.18 32.52 9.89
CA VAL A 700 -75.41 33.25 9.60
C VAL A 700 -76.63 32.37 9.87
N LEU A 701 -76.55 31.09 9.49
CA LEU A 701 -77.63 30.16 9.79
C LEU A 701 -77.77 29.92 11.30
N CYS A 702 -76.66 29.94 12.03
CA CYS A 702 -76.73 29.81 13.48
C CYS A 702 -77.25 31.08 14.13
N ILE A 703 -76.96 32.24 13.54
CA ILE A 703 -77.49 33.50 14.03
C ILE A 703 -79.00 33.55 13.81
N SER A 704 -79.48 32.88 12.76
CA SER A 704 -80.92 32.73 12.58
C SER A 704 -81.55 31.95 13.74
N CYS A 705 -80.87 30.89 14.20
CA CYS A 705 -81.38 30.13 15.33
C CYS A 705 -81.28 30.91 16.63
N ILE A 706 -80.22 31.70 16.78
CA ILE A 706 -80.03 32.43 18.03
C ILE A 706 -80.86 33.72 18.04
N LEU A 707 -81.39 34.13 16.88
CA LEU A 707 -82.14 35.37 16.78
C LEU A 707 -83.57 35.16 16.30
N VAL A 708 -84.04 33.93 16.22
CA VAL A 708 -85.45 33.67 15.96
C VAL A 708 -86.13 33.35 17.28
N LYS A 709 -85.54 33.81 18.38
CA LYS A 709 -86.06 33.57 19.71
C LYS A 709 -87.36 34.36 19.94
N THR A 710 -88.07 33.97 20.99
CA THR A 710 -89.36 34.58 21.31
C THR A 710 -89.22 35.96 21.94
N ASN A 711 -88.04 36.32 22.43
CA ASN A 711 -87.84 37.62 23.07
C ASN A 711 -87.43 38.67 22.03
N ARG A 712 -88.29 38.84 21.04
CA ARG A 712 -88.04 39.81 19.99
C ARG A 712 -88.60 41.18 20.38
N GLN A 735 -83.52 42.41 14.48
CA GLN A 735 -82.85 41.12 14.52
C GLN A 735 -81.77 41.01 13.44
N PHE A 736 -82.16 41.24 12.19
CA PHE A 736 -81.16 41.37 11.13
C PHE A 736 -80.27 42.57 11.38
N LEU A 737 -80.84 43.77 11.31
CA LEU A 737 -80.10 44.98 11.59
C LEU A 737 -79.76 45.15 13.06
N LEU A 738 -80.63 44.70 13.97
CA LEU A 738 -80.40 44.91 15.39
C LEU A 738 -79.47 43.87 16.00
N VAL A 739 -79.65 42.59 15.63
CA VAL A 739 -78.71 41.55 16.03
C VAL A 739 -77.52 41.47 15.10
N PHE A 740 -77.40 42.39 14.14
CA PHE A 740 -76.13 42.59 13.48
C PHE A 740 -75.08 43.18 14.40
N LEU A 741 -75.45 43.70 15.57
CA LEU A 741 -74.45 44.08 16.58
C LEU A 741 -73.61 42.90 17.00
N CYS A 742 -74.16 41.69 16.94
CA CYS A 742 -73.38 40.47 17.01
C CYS A 742 -73.00 39.94 15.63
N THR A 743 -73.95 39.90 14.70
CA THR A 743 -73.75 39.17 13.44
C THR A 743 -72.79 39.92 12.51
N PHE A 744 -72.99 41.22 12.32
CA PHE A 744 -72.06 42.03 11.59
C PHE A 744 -70.73 42.21 12.32
N MET A 745 -70.73 42.08 13.65
CA MET A 745 -69.46 42.05 14.38
C MET A 745 -68.65 40.83 14.00
N GLN A 746 -69.30 39.66 13.99
CA GLN A 746 -68.67 38.44 13.50
C GLN A 746 -68.35 38.53 12.01
N ILE A 747 -69.09 39.34 11.26
CA ILE A 747 -68.84 39.46 9.82
C ILE A 747 -67.62 40.34 9.56
N VAL A 748 -67.43 41.38 10.37
CA VAL A 748 -66.22 42.18 10.29
C VAL A 748 -65.02 41.36 10.76
N ILE A 749 -65.24 40.49 11.76
CA ILE A 749 -64.19 39.56 12.17
C ILE A 749 -63.90 38.57 11.06
N CYS A 750 -64.91 38.24 10.25
CA CYS A 750 -64.73 37.34 9.13
C CYS A 750 -63.96 38.03 8.01
N VAL A 751 -64.21 39.31 7.79
CA VAL A 751 -63.43 40.06 6.81
C VAL A 751 -61.98 40.23 7.29
N ILE A 752 -61.79 40.31 8.61
CA ILE A 752 -60.43 40.41 9.16
C ILE A 752 -59.68 39.09 8.99
N TRP A 753 -60.36 37.97 9.24
CA TRP A 753 -59.75 36.68 8.97
C TRP A 753 -59.58 36.42 7.48
N LEU A 754 -60.41 37.04 6.63
CA LEU A 754 -60.24 36.91 5.19
C LEU A 754 -59.02 37.67 4.71
N TYR A 755 -58.73 38.81 5.34
CA TYR A 755 -57.48 39.50 5.05
C TYR A 755 -56.28 38.74 5.60
N THR A 756 -56.45 38.07 6.75
CA THR A 756 -55.33 37.43 7.41
C THR A 756 -54.97 36.06 6.84
N ALA A 757 -55.94 35.35 6.23
CA ALA A 757 -55.69 33.98 5.81
C ALA A 757 -54.81 33.92 4.57
N PRO A 758 -54.00 32.87 4.44
CA PRO A 758 -53.16 32.74 3.25
C PRO A 758 -53.88 31.96 2.17
N PRO A 759 -53.96 32.51 0.96
CA PRO A 759 -54.71 31.90 -0.15
C PRO A 759 -53.83 31.09 -1.09
N SER A 760 -53.28 29.98 -0.61
CA SER A 760 -52.29 29.28 -1.40
C SER A 760 -52.21 27.82 -0.99
N SER A 761 -52.40 26.91 -1.94
CA SER A 761 -52.20 25.49 -1.67
C SER A 761 -50.73 25.21 -1.42
N TYR A 762 -50.46 24.13 -0.68
CA TYR A 762 -49.11 23.76 -0.30
C TYR A 762 -48.91 22.28 -0.59
N ARG A 763 -48.35 21.97 -1.76
CA ARG A 763 -48.07 20.59 -2.13
C ARG A 763 -46.80 20.13 -1.41
N ASN A 764 -46.97 19.76 -0.14
CA ASN A 764 -45.85 19.40 0.69
C ASN A 764 -45.38 17.99 0.38
N GLN A 765 -44.19 17.66 0.89
CA GLN A 765 -43.62 16.32 0.80
C GLN A 765 -43.54 15.77 2.22
N GLU A 766 -44.63 15.16 2.68
CA GLU A 766 -44.66 14.59 4.02
C GLU A 766 -43.80 13.32 4.10
N LEU A 767 -44.17 12.31 3.31
CA LEU A 767 -43.35 11.12 3.18
C LEU A 767 -42.33 11.35 2.08
N GLU A 768 -41.65 10.27 1.66
CA GLU A 768 -40.66 10.37 0.60
C GLU A 768 -40.99 9.49 -0.60
N ASP A 769 -41.43 8.25 -0.37
CA ASP A 769 -41.88 7.42 -1.47
C ASP A 769 -43.23 7.92 -1.97
N GLU A 770 -44.23 7.95 -1.09
CA GLU A 770 -45.50 8.61 -1.39
C GLU A 770 -45.40 10.02 -0.80
N ILE A 771 -44.65 10.86 -1.50
CA ILE A 771 -44.16 12.12 -0.93
C ILE A 771 -45.21 13.21 -0.98
N ILE A 772 -45.73 13.49 -2.19
CA ILE A 772 -46.48 14.70 -2.46
C ILE A 772 -47.79 14.70 -1.68
N PHE A 773 -48.29 15.90 -1.41
CA PHE A 773 -49.48 16.08 -0.59
C PHE A 773 -50.16 17.36 -1.03
N ILE A 774 -51.02 17.90 -0.17
CA ILE A 774 -51.61 19.23 -0.32
C ILE A 774 -51.90 19.75 1.09
N THR A 775 -51.38 20.94 1.42
CA THR A 775 -51.42 21.37 2.81
C THR A 775 -52.06 22.73 3.04
N CYS A 776 -52.21 23.56 2.00
CA CYS A 776 -53.03 24.77 1.94
C CYS A 776 -52.51 25.91 2.81
N HIS A 777 -51.42 25.68 3.55
CA HIS A 777 -50.51 26.70 4.10
C HIS A 777 -51.22 27.83 4.84
N GLU A 778 -52.23 27.47 5.63
CA GLU A 778 -53.10 28.47 6.26
C GLU A 778 -52.32 29.30 7.26
N GLY A 779 -52.73 30.56 7.41
CA GLY A 779 -51.82 31.58 7.91
C GLY A 779 -51.36 31.49 9.35
N SER A 780 -52.19 31.89 10.33
CA SER A 780 -51.73 31.66 11.69
C SER A 780 -52.71 30.90 12.58
N LEU A 781 -53.82 31.54 12.92
CA LEU A 781 -54.76 30.95 13.87
C LEU A 781 -56.22 31.30 13.57
N MET A 782 -56.51 31.87 12.40
CA MET A 782 -57.80 32.50 12.15
C MET A 782 -58.94 31.50 12.12
N ALA A 783 -58.67 30.25 11.72
CA ALA A 783 -59.73 29.25 11.64
C ALA A 783 -60.22 28.85 13.03
N LEU A 784 -59.30 28.47 13.93
CA LEU A 784 -59.68 28.10 15.28
C LEU A 784 -60.22 29.30 16.05
N GLY A 785 -59.64 30.49 15.80
CA GLY A 785 -60.14 31.69 16.43
C GLY A 785 -61.55 32.04 16.00
N PHE A 786 -61.84 31.92 14.70
CA PHE A 786 -63.19 32.20 14.21
C PHE A 786 -64.17 31.15 14.68
N LEU A 787 -63.73 29.89 14.76
CA LEU A 787 -64.59 28.82 15.25
C LEU A 787 -65.00 29.06 16.70
N ILE A 788 -64.01 29.31 17.58
CA ILE A 788 -64.31 29.52 18.99
C ILE A 788 -65.09 30.82 19.21
N GLY A 789 -64.68 31.89 18.54
CA GLY A 789 -65.33 33.17 18.76
C GLY A 789 -66.67 33.35 18.08
N TYR A 790 -67.01 32.51 17.11
CA TYR A 790 -68.30 32.63 16.44
C TYR A 790 -69.20 31.43 16.69
N THR A 791 -68.75 30.23 16.32
CA THR A 791 -69.65 29.08 16.33
C THR A 791 -69.88 28.57 17.74
N CYS A 792 -68.79 28.33 18.48
CA CYS A 792 -68.92 27.91 19.88
C CYS A 792 -69.53 29.00 20.74
N LEU A 793 -69.27 30.27 20.40
CA LEU A 793 -69.88 31.38 21.12
C LEU A 793 -71.37 31.45 20.87
N LEU A 794 -71.81 31.23 19.63
CA LEU A 794 -73.24 31.24 19.33
C LEU A 794 -73.93 30.04 19.95
N ALA A 795 -73.25 28.90 20.01
CA ALA A 795 -73.82 27.73 20.67
C ALA A 795 -73.97 27.95 22.16
N ALA A 796 -72.99 28.60 22.79
CA ALA A 796 -73.09 28.91 24.21
C ALA A 796 -74.17 29.96 24.47
N ILE A 797 -74.33 30.93 23.58
CA ILE A 797 -75.35 31.95 23.74
C ILE A 797 -76.74 31.33 23.59
N CYS A 798 -76.89 30.40 22.64
CA CYS A 798 -78.17 29.73 22.45
C CYS A 798 -78.49 28.82 23.63
N PHE A 799 -77.48 28.16 24.20
CA PHE A 799 -77.72 27.32 25.37
C PHE A 799 -78.06 28.16 26.61
N PHE A 800 -77.35 29.26 26.82
CA PHE A 800 -77.61 30.11 27.97
C PHE A 800 -78.94 30.86 27.85
N PHE A 801 -79.40 31.10 26.62
CA PHE A 801 -80.72 31.72 26.46
C PHE A 801 -81.83 30.69 26.58
N ALA A 802 -81.68 29.54 25.94
CA ALA A 802 -82.69 28.49 25.96
C ALA A 802 -82.61 27.60 27.20
N PHE A 803 -81.77 27.96 28.18
CA PHE A 803 -81.82 27.30 29.48
C PHE A 803 -83.18 27.44 30.14
N LYS A 804 -83.86 28.57 29.93
CA LYS A 804 -85.25 28.71 30.37
C LYS A 804 -86.25 28.19 29.35
N SER A 805 -85.92 28.28 28.06
CA SER A 805 -86.86 27.85 27.01
C SER A 805 -86.92 26.34 26.89
N ARG A 806 -85.91 25.62 27.41
CA ARG A 806 -85.96 24.17 27.43
C ARG A 806 -87.05 23.68 28.36
N LYS A 807 -87.15 24.28 29.54
CA LYS A 807 -88.29 24.05 30.42
C LYS A 807 -89.39 25.08 30.15
N LEU A 808 -89.75 25.24 28.88
CA LEU A 808 -90.81 26.15 28.46
C LEU A 808 -91.33 25.72 27.09
N PRO A 809 -92.45 25.02 27.02
CA PRO A 809 -92.98 24.65 25.70
C PRO A 809 -93.65 25.81 25.01
N GLU A 810 -92.97 26.40 24.04
CA GLU A 810 -93.49 27.50 23.26
C GLU A 810 -93.29 27.18 21.79
N ASN A 811 -94.34 27.42 21.01
CA ASN A 811 -94.47 26.93 19.62
C ASN A 811 -94.21 25.43 19.56
N PHE A 812 -94.95 24.71 20.42
CA PHE A 812 -94.85 23.25 20.60
C PHE A 812 -93.45 22.81 21.00
N ASN A 813 -92.81 23.62 21.86
CA ASN A 813 -91.49 23.36 22.45
C ASN A 813 -90.40 23.17 21.39
N GLU A 814 -90.19 24.21 20.60
CA GLU A 814 -89.17 24.13 19.56
C GLU A 814 -87.77 24.29 20.11
N ALA A 815 -87.62 24.68 21.38
CA ALA A 815 -86.30 24.73 22.01
C ALA A 815 -85.68 23.36 22.14
N LYS A 816 -86.49 22.31 22.22
CA LYS A 816 -85.96 20.95 22.31
C LYS A 816 -85.28 20.52 21.01
N PHE A 817 -85.97 20.69 19.87
CA PHE A 817 -85.33 20.37 18.59
C PHE A 817 -84.27 21.40 18.23
N ILE A 818 -84.37 22.60 18.78
CA ILE A 818 -83.36 23.62 18.56
C ILE A 818 -82.06 23.21 19.25
N THR A 819 -82.16 22.79 20.51
CA THR A 819 -80.98 22.35 21.23
C THR A 819 -80.52 20.97 20.74
N PHE A 820 -81.39 20.22 20.05
CA PHE A 820 -80.94 18.96 19.47
C PHE A 820 -80.15 19.20 18.18
N SER A 821 -80.59 20.17 17.38
CA SER A 821 -79.78 20.58 16.23
C SER A 821 -78.47 21.20 16.68
N MET A 822 -78.50 21.94 17.80
CA MET A 822 -77.28 22.45 18.40
C MET A 822 -76.46 21.33 18.99
N LEU A 823 -77.11 20.23 19.40
CA LEU A 823 -76.37 19.09 19.90
C LEU A 823 -75.61 18.41 18.79
N ILE A 824 -76.25 18.22 17.64
CA ILE A 824 -75.58 17.66 16.47
C ILE A 824 -74.48 18.61 15.97
N PHE A 825 -74.75 19.91 15.98
CA PHE A 825 -73.81 20.85 15.36
C PHE A 825 -72.65 21.17 16.29
N PHE A 826 -72.93 21.38 17.58
CA PHE A 826 -71.86 21.51 18.55
C PHE A 826 -71.15 20.19 18.77
N ILE A 827 -71.82 19.08 18.51
CA ILE A 827 -71.16 17.78 18.52
C ILE A 827 -70.18 17.70 17.36
N VAL A 828 -70.55 18.27 16.22
CA VAL A 828 -69.62 18.36 15.10
C VAL A 828 -68.44 19.25 15.45
N TRP A 829 -68.71 20.49 15.85
CA TRP A 829 -67.64 21.46 16.07
C TRP A 829 -66.82 21.18 17.32
N ILE A 830 -67.30 20.32 18.22
CA ILE A 830 -66.59 20.01 19.46
C ILE A 830 -66.17 18.55 19.55
N SER A 831 -66.56 17.72 18.58
CA SER A 831 -66.12 16.33 18.55
C SER A 831 -65.25 16.09 17.33
N PHE A 832 -65.49 16.84 16.27
CA PHE A 832 -64.49 17.11 15.24
C PHE A 832 -63.61 18.28 15.63
N ILE A 833 -63.66 18.72 16.88
CA ILE A 833 -62.47 19.33 17.45
C ILE A 833 -61.52 18.15 17.59
N PRO A 834 -61.97 17.06 18.21
CA PRO A 834 -61.07 15.89 18.34
C PRO A 834 -60.97 15.06 17.07
N ALA A 835 -62.05 14.94 16.29
CA ALA A 835 -61.97 14.09 15.10
C ALA A 835 -61.22 14.80 13.97
N TYR A 836 -61.53 16.07 13.72
CA TYR A 836 -60.75 16.77 12.72
C TYR A 836 -59.43 17.31 13.27
N ALA A 837 -59.21 17.23 14.58
CA ALA A 837 -57.86 17.44 15.11
C ALA A 837 -57.08 16.14 15.23
N SER A 838 -57.73 15.02 14.99
CA SER A 838 -57.12 13.69 15.05
C SER A 838 -57.37 12.97 13.73
N THR A 839 -57.13 13.69 12.65
CA THR A 839 -57.30 13.15 11.30
C THR A 839 -55.93 12.82 10.72
N TYR A 840 -55.93 12.19 9.55
CA TYR A 840 -54.67 11.75 8.95
C TYR A 840 -54.86 11.59 7.45
N GLY A 841 -53.76 11.80 6.72
CA GLY A 841 -53.64 11.52 5.31
C GLY A 841 -54.50 12.40 4.44
N LYS A 842 -54.83 11.87 3.26
CA LYS A 842 -55.63 12.58 2.26
C LYS A 842 -57.11 12.60 2.57
N PHE A 843 -57.52 12.10 3.74
CA PHE A 843 -58.89 12.24 4.20
C PHE A 843 -59.00 13.22 5.35
N VAL A 844 -57.96 14.03 5.60
CA VAL A 844 -57.93 14.90 6.77
C VAL A 844 -58.92 16.04 6.61
N SER A 845 -58.79 16.82 5.54
CA SER A 845 -59.76 17.87 5.27
C SER A 845 -61.07 17.30 4.77
N ALA A 846 -61.04 16.10 4.17
CA ALA A 846 -62.25 15.43 3.74
C ALA A 846 -63.14 15.09 4.93
N VAL A 847 -62.54 14.74 6.06
CA VAL A 847 -63.31 14.40 7.25
C VAL A 847 -64.01 15.62 7.81
N GLU A 848 -63.32 16.76 7.84
CA GLU A 848 -63.95 17.99 8.32
C GLU A 848 -65.01 18.48 7.35
N VAL A 849 -64.79 18.26 6.04
CA VAL A 849 -65.78 18.66 5.05
C VAL A 849 -67.03 17.79 5.17
N ILE A 850 -66.85 16.48 5.38
CA ILE A 850 -67.98 15.59 5.60
C ILE A 850 -68.68 15.92 6.92
N ALA A 851 -67.91 16.36 7.93
CA ALA A 851 -68.50 16.75 9.20
C ALA A 851 -69.38 17.98 9.04
N ILE A 852 -68.89 18.98 8.31
CA ILE A 852 -69.67 20.19 8.09
C ILE A 852 -70.88 19.90 7.23
N LEU A 853 -70.73 19.02 6.23
CA LEU A 853 -71.85 18.70 5.34
C LEU A 853 -72.93 17.93 6.07
N ALA A 854 -72.53 16.93 6.86
CA ALA A 854 -73.49 16.17 7.64
C ALA A 854 -74.12 17.03 8.74
N ALA A 855 -73.35 17.97 9.30
CA ALA A 855 -73.91 18.86 10.30
C ALA A 855 -74.92 19.81 9.68
N SER A 856 -74.69 20.22 8.44
CA SER A 856 -75.65 21.05 7.73
C SER A 856 -76.93 20.27 7.45
N PHE A 857 -76.80 19.04 6.99
CA PHE A 857 -77.97 18.20 6.72
C PHE A 857 -78.74 17.91 8.01
N GLY A 858 -78.02 17.70 9.12
CA GLY A 858 -78.70 17.37 10.37
C GLY A 858 -79.36 18.58 11.01
N LEU A 859 -78.74 19.76 10.88
CA LEU A 859 -79.39 20.96 11.37
C LEU A 859 -80.59 21.30 10.52
N LEU A 860 -80.50 21.05 9.20
CA LEU A 860 -81.64 21.24 8.32
C LEU A 860 -82.79 20.32 8.70
N ALA A 861 -82.48 19.08 9.06
CA ALA A 861 -83.50 18.16 9.54
C ALA A 861 -84.12 18.66 10.85
N CYS A 862 -83.29 18.77 11.90
CA CYS A 862 -83.79 19.09 13.24
C CYS A 862 -84.31 20.52 13.38
N ILE A 863 -84.24 21.35 12.34
CA ILE A 863 -84.96 22.61 12.35
C ILE A 863 -86.15 22.55 11.42
N PHE A 864 -85.90 22.34 10.12
CA PHE A 864 -86.95 22.50 9.13
C PHE A 864 -87.97 21.37 9.16
N PHE A 865 -87.56 20.17 9.55
CA PHE A 865 -88.52 19.08 9.69
C PHE A 865 -89.49 19.35 10.82
N ASN A 866 -88.97 19.78 11.97
CA ASN A 866 -89.83 20.18 13.09
C ASN A 866 -90.68 21.40 12.75
N LYS A 867 -90.20 22.25 11.84
CA LYS A 867 -91.00 23.37 11.38
C LYS A 867 -92.15 22.90 10.50
N ILE A 868 -91.86 22.12 9.47
CA ILE A 868 -92.80 21.94 8.36
C ILE A 868 -93.13 20.48 8.10
N TYR A 869 -93.13 19.65 9.15
CA TYR A 869 -93.62 18.28 8.99
C TYR A 869 -95.11 18.24 8.71
N ILE A 870 -95.85 19.24 9.17
CA ILE A 870 -97.27 19.33 8.89
C ILE A 870 -97.59 20.68 8.26
N GLY B 32 53.74 -5.05 -18.52
CA GLY B 32 54.26 -4.59 -17.25
C GLY B 32 54.70 -3.15 -17.28
N PRO B 33 54.02 -2.29 -16.52
CA PRO B 33 54.35 -0.86 -16.55
C PRO B 33 55.55 -0.56 -15.67
N ASP B 34 55.84 0.72 -15.51
CA ASP B 34 56.75 1.13 -14.44
C ASP B 34 56.08 1.05 -13.08
N GLN B 35 54.77 0.87 -13.01
CA GLN B 35 54.06 0.64 -11.77
C GLN B 35 54.05 -0.82 -11.37
N ARG B 36 54.66 -1.69 -12.17
CA ARG B 36 54.86 -3.07 -11.77
C ARG B 36 55.83 -3.13 -10.60
N ALA B 37 55.47 -3.89 -9.59
CA ALA B 37 56.31 -4.03 -8.40
C ALA B 37 56.72 -5.49 -8.31
N GLN B 38 58.01 -5.74 -8.50
CA GLN B 38 58.46 -7.11 -8.64
C GLN B 38 59.83 -7.29 -8.03
N LYS B 39 59.99 -8.38 -7.29
CA LYS B 39 61.28 -9.00 -7.09
C LYS B 39 61.08 -10.50 -7.11
N LYS B 40 62.16 -11.20 -7.38
CA LYS B 40 62.08 -12.63 -7.63
C LYS B 40 61.90 -13.39 -6.32
N GLY B 41 61.90 -14.70 -6.44
CA GLY B 41 61.69 -15.57 -5.31
C GLY B 41 60.81 -16.74 -5.71
N ASP B 42 60.85 -17.77 -4.88
CA ASP B 42 60.40 -19.10 -5.29
C ASP B 42 58.90 -19.20 -5.39
N ILE B 43 58.17 -18.30 -4.75
CA ILE B 43 56.72 -18.25 -4.90
C ILE B 43 56.34 -16.81 -5.16
N ILE B 44 55.76 -16.57 -6.31
CA ILE B 44 55.23 -15.26 -6.64
C ILE B 44 53.92 -15.06 -5.88
N LEU B 45 53.68 -13.83 -5.44
CA LEU B 45 52.47 -13.53 -4.69
C LEU B 45 51.55 -12.56 -5.40
N GLY B 46 52.04 -11.37 -5.72
CA GLY B 46 51.20 -10.40 -6.39
C GLY B 46 50.17 -9.73 -5.53
N GLY B 47 49.96 -8.45 -5.77
CA GLY B 47 48.96 -7.72 -5.02
C GLY B 47 48.34 -6.65 -5.88
N LEU B 48 47.21 -6.15 -5.40
CA LEU B 48 46.29 -5.40 -6.25
C LEU B 48 45.80 -4.21 -5.44
N PHE B 49 46.10 -2.99 -5.90
CA PHE B 49 46.00 -1.84 -5.02
C PHE B 49 45.56 -0.54 -5.69
N PRO B 50 44.78 0.27 -5.01
CA PRO B 50 44.38 1.56 -5.58
C PRO B 50 45.43 2.66 -5.46
N ILE B 51 46.30 2.79 -6.46
CA ILE B 51 47.24 3.90 -6.44
C ILE B 51 46.53 5.23 -6.67
N HIS B 52 45.39 5.21 -7.33
CA HIS B 52 44.54 6.36 -7.46
C HIS B 52 43.13 5.95 -7.06
N PHE B 53 42.43 6.84 -6.39
CA PHE B 53 41.00 6.63 -6.22
C PHE B 53 40.29 6.67 -7.56
N GLY B 54 40.47 7.75 -8.31
CA GLY B 54 39.75 7.97 -9.54
C GLY B 54 40.57 7.66 -10.78
N VAL B 55 39.86 7.22 -11.82
CA VAL B 55 40.42 6.97 -13.14
C VAL B 55 39.69 7.88 -14.13
N ALA B 56 40.42 8.41 -15.10
CA ALA B 56 39.81 9.21 -16.15
C ALA B 56 38.88 8.35 -17.01
N ALA B 57 37.97 9.03 -17.70
CA ALA B 57 36.97 8.38 -18.55
C ALA B 57 37.03 8.93 -19.96
N LYS B 58 38.25 9.04 -20.48
CA LYS B 58 38.44 9.45 -21.87
C LYS B 58 37.92 8.37 -22.80
N ASP B 59 37.43 8.81 -23.95
CA ASP B 59 36.77 7.92 -24.91
C ASP B 59 37.67 7.75 -26.12
N GLN B 60 38.28 6.58 -26.22
CA GLN B 60 38.94 6.21 -27.47
C GLN B 60 37.87 6.00 -28.53
N ASP B 61 38.03 6.67 -29.67
CA ASP B 61 37.00 6.70 -30.69
C ASP B 61 37.43 5.99 -31.97
N LEU B 62 38.50 5.20 -31.87
CA LEU B 62 38.76 4.04 -32.72
C LEU B 62 39.17 4.37 -34.15
N LYS B 63 39.14 5.64 -34.55
CA LYS B 63 39.90 6.02 -35.74
C LYS B 63 41.38 6.02 -35.42
N SER B 64 41.73 6.19 -34.15
CA SER B 64 43.07 6.08 -33.63
C SER B 64 43.21 4.77 -32.86
N ARG B 65 44.44 4.39 -32.62
CA ARG B 65 44.70 3.17 -31.87
C ARG B 65 44.39 3.38 -30.39
N PRO B 66 43.76 2.42 -29.73
CA PRO B 66 43.48 2.58 -28.30
C PRO B 66 44.73 2.40 -27.46
N GLU B 67 44.57 2.72 -26.18
CA GLU B 67 45.61 2.65 -25.16
C GLU B 67 44.94 2.78 -23.79
N SER B 68 45.74 2.59 -22.74
CA SER B 68 45.25 2.69 -21.38
C SER B 68 44.91 4.14 -21.02
N VAL B 69 44.06 4.29 -20.01
CA VAL B 69 43.56 5.58 -19.55
C VAL B 69 44.25 5.93 -18.23
N GLU B 70 44.55 7.21 -18.06
CA GLU B 70 45.24 7.67 -16.86
C GLU B 70 44.35 7.55 -15.64
N CYS B 71 44.98 7.38 -14.49
CA CYS B 71 44.28 7.20 -13.24
C CYS B 71 44.57 8.41 -12.38
N ILE B 72 43.54 9.19 -12.09
CA ILE B 72 43.80 10.53 -11.59
C ILE B 72 43.25 10.71 -10.19
N ARG B 73 43.96 10.20 -9.21
CA ARG B 73 43.86 10.54 -7.79
C ARG B 73 45.07 9.95 -7.12
N TYR B 74 45.05 9.88 -5.80
CA TYR B 74 46.11 9.17 -5.10
C TYR B 74 45.57 8.53 -3.85
N ASN B 75 46.36 7.63 -3.28
CA ASN B 75 46.01 6.99 -2.03
C ASN B 75 47.30 6.62 -1.29
N PHE B 76 47.70 7.50 -0.38
CA PHE B 76 48.89 7.23 0.43
C PHE B 76 48.65 6.09 1.39
N ARG B 77 47.40 5.90 1.79
CA ARG B 77 47.04 4.73 2.58
C ARG B 77 47.28 3.46 1.78
N GLY B 78 47.01 3.50 0.48
CA GLY B 78 47.36 2.37 -0.36
C GLY B 78 48.85 2.24 -0.54
N PHE B 79 49.57 3.36 -0.62
CA PHE B 79 51.01 3.26 -0.83
C PHE B 79 51.70 2.71 0.41
N ARG B 80 51.22 3.07 1.59
CA ARG B 80 51.77 2.44 2.75
C ARG B 80 51.24 1.04 2.93
N TRP B 81 50.12 0.70 2.30
CA TRP B 81 49.75 -0.70 2.26
C TRP B 81 50.77 -1.50 1.44
N LEU B 82 51.30 -0.88 0.39
CA LEU B 82 52.39 -1.49 -0.36
C LEU B 82 53.63 -1.63 0.50
N GLN B 83 53.95 -0.57 1.23
CA GLN B 83 55.08 -0.59 2.13
C GLN B 83 54.93 -1.69 3.17
N ALA B 84 53.71 -1.89 3.65
CA ALA B 84 53.44 -2.96 4.60
C ALA B 84 53.58 -4.31 3.93
N MET B 85 53.18 -4.40 2.67
CA MET B 85 53.27 -5.63 1.92
C MET B 85 54.72 -6.08 1.80
N ILE B 86 55.55 -5.19 1.28
CA ILE B 86 56.95 -5.52 1.08
C ILE B 86 57.68 -5.62 2.40
N PHE B 87 57.17 -4.96 3.43
CA PHE B 87 57.72 -5.08 4.77
C PHE B 87 57.54 -6.50 5.29
N ALA B 88 56.34 -7.03 5.18
CA ALA B 88 56.11 -8.39 5.66
C ALA B 88 56.75 -9.41 4.75
N ILE B 89 56.90 -9.06 3.46
CA ILE B 89 57.71 -9.85 2.55
C ILE B 89 59.14 -9.95 3.07
N GLU B 90 59.68 -8.81 3.49
CA GLU B 90 61.04 -8.77 4.01
C GLU B 90 61.16 -9.58 5.29
N GLU B 91 60.15 -9.50 6.13
CA GLU B 91 60.13 -10.32 7.34
C GLU B 91 60.15 -11.80 7.00
N ILE B 92 59.29 -12.23 6.09
CA ILE B 92 59.15 -13.65 5.84
C ILE B 92 60.36 -14.18 5.10
N ASN B 93 61.07 -13.33 4.37
CA ASN B 93 62.30 -13.77 3.75
C ASN B 93 63.43 -13.80 4.76
N SER B 94 63.57 -12.74 5.56
CA SER B 94 64.72 -12.59 6.44
C SER B 94 64.64 -13.55 7.62
N SER B 95 63.51 -13.56 8.30
CA SER B 95 63.30 -14.39 9.47
C SER B 95 63.28 -15.85 9.08
N PRO B 96 64.32 -16.63 9.39
CA PRO B 96 64.40 -18.00 8.91
C PRO B 96 63.50 -18.97 9.66
N ALA B 97 62.92 -18.55 10.78
CA ALA B 97 61.83 -19.32 11.36
C ALA B 97 60.63 -19.31 10.43
N LEU B 98 60.39 -18.19 9.76
CA LEU B 98 59.39 -18.13 8.70
C LEU B 98 60.06 -18.59 7.42
N LEU B 99 59.91 -19.88 7.13
CA LEU B 99 60.24 -20.52 5.86
C LEU B 99 61.71 -20.37 5.50
N PRO B 100 62.59 -21.13 6.14
CA PRO B 100 64.02 -21.05 5.80
C PRO B 100 64.29 -21.58 4.41
N ASN B 101 65.38 -21.07 3.83
CA ASN B 101 65.92 -21.46 2.52
C ASN B 101 64.93 -21.23 1.38
N LEU B 102 64.02 -20.27 1.55
CA LEU B 102 63.02 -20.02 0.53
C LEU B 102 62.84 -18.53 0.35
N THR B 103 62.99 -18.08 -0.89
CA THR B 103 62.75 -16.71 -1.27
C THR B 103 61.40 -16.58 -1.94
N LEU B 104 60.86 -15.38 -1.98
CA LEU B 104 59.44 -15.19 -2.28
C LEU B 104 59.27 -14.13 -3.36
N GLY B 105 58.69 -14.53 -4.47
CA GLY B 105 58.45 -13.59 -5.53
C GLY B 105 57.20 -12.81 -5.27
N TYR B 106 57.00 -11.81 -6.11
CA TYR B 106 55.77 -11.03 -6.12
C TYR B 106 55.79 -10.25 -7.40
N ARG B 107 54.61 -9.95 -7.92
CA ARG B 107 54.49 -9.12 -9.10
C ARG B 107 53.25 -8.27 -8.84
N ILE B 108 53.44 -7.10 -8.25
CA ILE B 108 52.33 -6.39 -7.64
C ILE B 108 51.91 -5.22 -8.52
N PHE B 109 50.60 -5.08 -8.71
CA PHE B 109 50.05 -4.18 -9.70
C PHE B 109 48.98 -3.29 -9.08
N ASP B 110 48.61 -2.28 -9.85
CA ASP B 110 47.99 -1.07 -9.34
C ASP B 110 46.55 -1.01 -9.82
N THR B 111 45.65 -1.66 -9.08
CA THR B 111 44.23 -1.64 -9.42
C THR B 111 43.60 -0.37 -8.88
N CYS B 112 43.78 0.71 -9.62
CA CYS B 112 43.26 1.98 -9.12
C CYS B 112 41.74 2.06 -9.33
N ASN B 113 41.01 1.22 -8.60
CA ASN B 113 39.56 1.08 -8.58
C ASN B 113 38.96 0.80 -9.95
N THR B 114 39.76 0.31 -10.90
CA THR B 114 39.30 0.08 -12.26
C THR B 114 39.36 -1.42 -12.52
N VAL B 115 38.18 -2.02 -12.69
CA VAL B 115 38.08 -3.45 -12.93
C VAL B 115 38.72 -3.84 -14.25
N SER B 116 38.77 -2.93 -15.21
CA SER B 116 39.49 -3.14 -16.46
C SER B 116 40.96 -3.38 -16.19
N LYS B 117 41.58 -2.49 -15.42
CA LYS B 117 42.98 -2.64 -15.08
C LYS B 117 43.20 -3.83 -14.18
N ALA B 118 42.22 -4.15 -13.35
CA ALA B 118 42.29 -5.35 -12.54
C ALA B 118 42.31 -6.60 -13.40
N LEU B 119 41.51 -6.60 -14.46
CA LEU B 119 41.47 -7.75 -15.35
C LEU B 119 42.76 -7.87 -16.13
N GLU B 120 43.27 -6.73 -16.59
CA GLU B 120 44.59 -6.65 -17.21
C GLU B 120 45.68 -7.18 -16.29
N ALA B 121 45.52 -6.96 -14.99
CA ALA B 121 46.48 -7.49 -14.04
C ALA B 121 46.34 -9.00 -13.91
N THR B 122 45.12 -9.48 -13.69
CA THR B 122 44.99 -10.88 -13.31
C THR B 122 45.19 -11.82 -14.47
N LEU B 123 45.05 -11.33 -15.70
CA LEU B 123 45.44 -12.16 -16.82
C LEU B 123 46.95 -12.35 -16.83
N SER B 124 47.69 -11.30 -16.48
CA SER B 124 49.13 -11.42 -16.35
C SER B 124 49.48 -12.30 -15.17
N PHE B 125 48.59 -12.38 -14.19
CA PHE B 125 48.79 -13.30 -13.10
C PHE B 125 48.67 -14.74 -13.54
N VAL B 126 47.51 -15.12 -14.06
CA VAL B 126 47.35 -16.49 -14.52
C VAL B 126 47.85 -16.49 -15.96
N ALA B 127 49.17 -16.54 -16.07
CA ALA B 127 49.85 -16.85 -17.32
C ALA B 127 50.77 -18.04 -17.13
N GLN B 128 51.63 -18.00 -16.11
CA GLN B 128 52.41 -19.18 -15.77
C GLN B 128 51.52 -20.23 -15.14
N ASN B 129 50.48 -19.81 -14.43
CA ASN B 129 49.44 -20.75 -14.01
C ASN B 129 48.60 -21.18 -15.20
N LYS B 130 48.51 -20.34 -16.21
CA LYS B 130 47.83 -20.70 -17.44
C LYS B 130 48.73 -21.42 -18.42
N ILE B 131 49.88 -21.93 -17.98
CA ILE B 131 50.78 -22.64 -18.88
C ILE B 131 50.24 -23.99 -19.31
N ASP B 132 49.23 -24.51 -18.61
CA ASP B 132 48.56 -25.73 -19.06
C ASP B 132 47.81 -25.51 -20.36
N SER B 133 47.21 -24.32 -20.52
CA SER B 133 46.55 -23.98 -21.77
C SER B 133 47.51 -23.46 -22.82
N LEU B 134 48.67 -22.96 -22.41
CA LEU B 134 49.67 -22.46 -23.34
C LEU B 134 50.30 -23.63 -24.09
N ASN B 135 50.07 -23.71 -25.40
CA ASN B 135 50.50 -24.85 -26.20
C ASN B 135 51.13 -24.39 -27.51
N LEU B 136 52.03 -23.40 -27.46
CA LEU B 136 52.67 -22.92 -28.69
C LEU B 136 54.10 -22.43 -28.51
N ASP B 137 54.65 -22.44 -27.30
CA ASP B 137 55.86 -21.66 -27.00
C ASP B 137 56.85 -22.48 -26.18
N GLU B 138 57.14 -23.72 -26.64
CA GLU B 138 57.76 -24.72 -25.78
C GLU B 138 59.25 -24.45 -25.55
N PHE B 139 60.03 -24.32 -26.62
CA PHE B 139 61.49 -24.33 -26.48
C PHE B 139 62.08 -23.02 -25.97
N CYS B 140 61.25 -22.02 -25.66
CA CYS B 140 61.75 -20.79 -25.07
C CYS B 140 60.85 -20.23 -23.98
N ASN B 141 59.82 -20.96 -23.56
CA ASN B 141 59.27 -20.71 -22.24
C ASN B 141 60.32 -20.96 -21.17
N CYS B 142 61.16 -21.98 -21.38
CA CYS B 142 62.32 -22.26 -20.54
C CYS B 142 63.45 -21.26 -20.73
N SER B 143 63.41 -20.43 -21.79
CA SER B 143 64.37 -19.33 -21.89
C SER B 143 64.16 -18.29 -20.80
N GLU B 144 62.94 -18.16 -20.29
CA GLU B 144 62.69 -17.44 -19.04
C GLU B 144 62.42 -18.37 -17.87
N HIS B 145 61.64 -19.44 -18.09
CA HIS B 145 61.33 -20.49 -17.09
C HIS B 145 60.71 -19.90 -15.83
N ILE B 146 59.83 -18.92 -16.00
CA ILE B 146 59.24 -18.19 -14.88
C ILE B 146 58.24 -19.10 -14.17
N PRO B 147 58.34 -19.26 -12.84
CA PRO B 147 57.39 -20.09 -12.11
C PRO B 147 56.03 -19.43 -11.98
N SER B 148 55.13 -20.08 -11.25
CA SER B 148 53.77 -19.61 -11.14
C SER B 148 53.53 -18.80 -9.87
N THR B 149 52.51 -17.97 -9.91
CA THR B 149 52.02 -17.24 -8.75
C THR B 149 51.03 -18.14 -8.03
N ILE B 150 51.42 -18.67 -6.87
CA ILE B 150 50.63 -19.76 -6.31
C ILE B 150 49.40 -19.24 -5.58
N ALA B 151 49.49 -18.08 -4.93
CA ALA B 151 48.34 -17.44 -4.33
C ALA B 151 48.46 -15.97 -4.57
N VAL B 152 47.46 -15.21 -4.14
CA VAL B 152 47.47 -13.78 -4.40
C VAL B 152 46.69 -13.05 -3.32
N VAL B 153 47.24 -11.91 -2.91
CA VAL B 153 46.49 -10.91 -2.16
C VAL B 153 45.24 -10.55 -2.93
N GLY B 154 44.13 -10.41 -2.25
CA GLY B 154 42.95 -9.94 -2.94
C GLY B 154 42.93 -8.45 -3.21
N ALA B 155 41.75 -7.86 -3.11
CA ALA B 155 41.57 -6.49 -3.56
C ALA B 155 40.63 -5.77 -2.62
N THR B 156 40.52 -4.46 -2.86
CA THR B 156 39.75 -3.58 -2.00
C THR B 156 38.27 -3.68 -2.32
N GLY B 157 37.90 -3.32 -3.54
CA GLY B 157 36.50 -3.17 -3.88
C GLY B 157 35.82 -4.51 -4.06
N SER B 158 34.61 -4.59 -3.54
CA SER B 158 33.86 -5.84 -3.60
C SER B 158 33.53 -6.21 -5.04
N GLY B 159 33.19 -5.22 -5.86
CA GLY B 159 32.91 -5.49 -7.27
C GLY B 159 34.15 -5.98 -8.00
N VAL B 160 35.30 -5.43 -7.64
CA VAL B 160 36.55 -5.82 -8.27
C VAL B 160 36.92 -7.25 -7.89
N SER B 161 36.78 -7.57 -6.62
CA SER B 161 37.12 -8.90 -6.15
C SER B 161 36.14 -9.94 -6.69
N THR B 162 34.87 -9.56 -6.85
CA THR B 162 33.93 -10.50 -7.42
C THR B 162 34.15 -10.67 -8.90
N ALA B 163 34.68 -9.64 -9.56
CA ALA B 163 35.08 -9.80 -10.94
C ALA B 163 36.19 -10.83 -11.05
N VAL B 164 37.25 -10.65 -10.26
CA VAL B 164 38.38 -11.54 -10.42
C VAL B 164 38.17 -12.90 -9.77
N ALA B 165 37.19 -13.02 -8.86
CA ALA B 165 36.96 -14.30 -8.21
C ALA B 165 36.37 -15.29 -9.19
N ASN B 166 35.66 -14.78 -10.18
CA ASN B 166 35.16 -15.60 -11.26
C ASN B 166 36.30 -16.19 -12.07
N LEU B 167 37.37 -15.41 -12.25
CA LEU B 167 38.53 -15.92 -12.95
C LEU B 167 39.29 -16.93 -12.11
N LEU B 168 39.40 -16.66 -10.82
CA LEU B 168 40.23 -17.52 -10.00
C LEU B 168 39.53 -18.79 -9.60
N GLY B 169 38.19 -18.80 -9.59
CA GLY B 169 37.46 -20.02 -9.37
C GLY B 169 37.64 -21.04 -10.47
N LEU B 170 38.09 -20.61 -11.64
CA LEU B 170 38.53 -21.57 -12.65
C LEU B 170 39.72 -22.35 -12.15
N PHE B 171 40.78 -21.65 -11.78
CA PHE B 171 42.04 -22.30 -11.49
C PHE B 171 42.19 -22.64 -10.02
N TYR B 172 41.20 -22.27 -9.19
CA TYR B 172 41.23 -22.44 -7.75
C TYR B 172 42.46 -21.79 -7.15
N ILE B 173 42.82 -20.63 -7.69
CA ILE B 173 43.92 -19.86 -7.15
C ILE B 173 43.42 -19.23 -5.86
N PRO B 174 44.08 -19.47 -4.75
CA PRO B 174 43.60 -18.91 -3.48
C PRO B 174 43.84 -17.42 -3.41
N GLN B 175 42.76 -16.66 -3.41
CA GLN B 175 42.81 -15.21 -3.35
C GLN B 175 42.13 -14.75 -2.08
N VAL B 176 42.75 -13.82 -1.36
CA VAL B 176 42.26 -13.39 -0.06
C VAL B 176 42.20 -11.87 0.00
N SER B 177 41.00 -11.32 0.01
CA SER B 177 40.90 -9.86 0.03
C SER B 177 41.20 -9.33 1.41
N TYR B 178 41.61 -8.07 1.43
CA TYR B 178 41.89 -7.36 2.66
C TYR B 178 40.79 -6.39 3.04
N ALA B 179 39.92 -6.02 2.11
CA ALA B 179 38.91 -5.02 2.39
C ALA B 179 37.52 -5.36 1.91
N SER B 180 37.35 -6.24 0.93
CA SER B 180 36.02 -6.60 0.46
C SER B 180 35.33 -7.46 1.51
N SER B 181 34.15 -7.03 1.95
CA SER B 181 33.51 -7.64 3.10
C SER B 181 32.02 -7.84 2.87
N SER B 182 31.63 -8.31 1.69
CA SER B 182 30.21 -8.51 1.43
C SER B 182 29.81 -9.96 1.63
N ARG B 183 28.53 -10.16 1.96
CA ARG B 183 28.01 -11.48 2.23
C ARG B 183 27.86 -12.34 0.98
N LEU B 184 27.92 -11.73 -0.21
CA LEU B 184 27.78 -12.48 -1.45
C LEU B 184 28.94 -13.45 -1.63
N LEU B 185 30.12 -13.05 -1.19
CA LEU B 185 31.32 -13.84 -1.42
C LEU B 185 31.39 -15.08 -0.54
N SER B 186 30.48 -15.22 0.41
CA SER B 186 30.39 -16.45 1.18
C SER B 186 29.80 -17.59 0.36
N ASN B 187 29.23 -17.31 -0.80
CA ASN B 187 28.74 -18.36 -1.68
C ASN B 187 29.91 -19.11 -2.29
N LYS B 188 30.13 -20.33 -1.81
CA LYS B 188 31.23 -21.15 -2.31
C LYS B 188 30.84 -21.96 -3.53
N ASN B 189 29.66 -21.71 -4.09
CA ASN B 189 29.32 -22.31 -5.37
C ASN B 189 29.97 -21.51 -6.49
N GLN B 190 29.63 -20.23 -6.58
CA GLN B 190 30.30 -19.35 -7.54
C GLN B 190 31.69 -19.00 -7.04
N PHE B 191 31.76 -18.31 -5.91
CA PHE B 191 33.03 -17.90 -5.33
C PHE B 191 33.55 -19.04 -4.46
N LYS B 192 33.96 -20.10 -5.15
CA LYS B 192 34.52 -21.25 -4.45
C LYS B 192 35.86 -20.89 -3.81
N SER B 193 36.74 -20.28 -4.58
CA SER B 193 38.14 -20.10 -4.18
C SER B 193 38.39 -18.71 -3.60
N PHE B 194 37.78 -18.42 -2.46
CA PHE B 194 37.95 -17.09 -1.88
C PHE B 194 37.83 -17.13 -0.38
N LEU B 195 38.82 -16.56 0.31
CA LEU B 195 38.72 -16.25 1.72
C LEU B 195 39.03 -14.77 1.92
N ARG B 196 38.97 -14.29 3.16
CA ARG B 196 39.14 -12.87 3.42
C ARG B 196 39.76 -12.67 4.79
N THR B 197 40.02 -11.41 5.14
CA THR B 197 40.55 -11.10 6.46
C THR B 197 39.74 -9.98 7.08
N ILE B 198 38.42 -10.10 7.05
CA ILE B 198 37.56 -9.01 7.48
C ILE B 198 36.23 -9.66 7.85
N PRO B 199 35.53 -9.19 8.86
CA PRO B 199 34.23 -9.78 9.17
C PRO B 199 33.19 -9.42 8.12
N ASN B 200 32.12 -10.20 8.12
CA ASN B 200 31.01 -9.92 7.23
C ASN B 200 30.26 -8.67 7.71
N ASP B 201 29.46 -8.12 6.81
CA ASP B 201 28.69 -6.91 7.05
C ASP B 201 27.47 -7.14 7.93
N GLU B 202 27.19 -8.40 8.29
CA GLU B 202 25.92 -8.70 8.93
C GLU B 202 25.89 -8.24 10.37
N HIS B 203 26.99 -8.45 11.10
CA HIS B 203 27.08 -7.91 12.44
C HIS B 203 27.14 -6.40 12.42
N GLN B 204 27.67 -5.83 11.35
CA GLN B 204 27.66 -4.39 11.21
C GLN B 204 26.24 -3.87 11.07
N ALA B 205 25.44 -4.48 10.19
CA ALA B 205 24.05 -4.09 10.06
C ALA B 205 23.25 -4.38 11.32
N THR B 206 23.63 -5.45 12.03
CA THR B 206 23.03 -5.79 13.31
C THR B 206 23.21 -4.69 14.32
N ALA B 207 24.46 -4.32 14.58
CA ALA B 207 24.76 -3.24 15.50
C ALA B 207 24.23 -1.91 15.00
N MET B 208 24.11 -1.75 13.68
CA MET B 208 23.50 -0.56 13.11
C MET B 208 22.04 -0.45 13.52
N ALA B 209 21.33 -1.58 13.56
CA ALA B 209 19.99 -1.56 14.11
C ALA B 209 20.02 -1.32 15.62
N ASP B 210 21.00 -1.90 16.30
CA ASP B 210 21.01 -1.90 17.75
C ASP B 210 21.30 -0.53 18.34
N ILE B 211 22.05 0.30 17.64
CA ILE B 211 22.45 1.57 18.22
C ILE B 211 21.28 2.56 18.23
N ILE B 212 20.43 2.49 17.22
CA ILE B 212 19.23 3.31 17.27
C ILE B 212 18.13 2.61 18.01
N GLU B 213 18.23 1.29 18.15
CA GLU B 213 17.38 0.60 19.11
C GLU B 213 17.62 1.12 20.50
N TYR B 214 18.89 1.29 20.85
CA TYR B 214 19.26 2.04 22.04
C TYR B 214 18.72 3.45 21.96
N PHE B 215 18.89 4.11 20.82
CA PHE B 215 18.52 5.50 20.71
C PHE B 215 17.04 5.70 20.41
N ARG B 216 16.30 4.61 20.19
CA ARG B 216 14.85 4.53 20.36
C ARG B 216 14.09 5.52 19.46
N TRP B 217 14.20 5.31 18.15
CA TRP B 217 13.60 6.22 17.19
C TRP B 217 12.74 5.49 16.17
N ASN B 218 11.94 6.26 15.44
CA ASN B 218 10.98 5.66 14.54
C ASN B 218 11.13 6.11 13.10
N TRP B 219 11.40 7.39 12.83
CA TRP B 219 11.47 7.88 11.46
C TRP B 219 12.92 8.14 11.09
N VAL B 220 13.47 7.26 10.25
CA VAL B 220 14.89 7.29 9.91
C VAL B 220 15.04 7.13 8.41
N GLY B 221 16.09 7.68 7.86
CA GLY B 221 16.38 7.56 6.45
C GLY B 221 17.81 7.11 6.21
N THR B 222 17.98 6.24 5.22
CA THR B 222 19.28 5.67 4.94
C THR B 222 19.73 5.98 3.53
N ILE B 223 21.04 5.82 3.33
CA ILE B 223 21.72 6.04 2.05
C ILE B 223 22.77 4.95 1.91
N ALA B 224 22.73 4.22 0.81
CA ALA B 224 23.81 3.31 0.49
C ALA B 224 24.50 3.79 -0.78
N ALA B 225 25.44 2.99 -1.26
CA ALA B 225 26.09 3.25 -2.52
C ALA B 225 25.57 2.30 -3.59
N ASP B 226 25.78 2.70 -4.85
CA ASP B 226 25.29 1.93 -5.99
C ASP B 226 26.33 0.90 -6.41
N ASP B 227 26.45 -0.14 -5.59
CA ASP B 227 27.46 -1.16 -5.82
C ASP B 227 27.05 -2.43 -5.09
N ASP B 228 27.96 -3.39 -5.04
CA ASP B 228 27.75 -4.62 -4.28
C ASP B 228 28.31 -4.54 -2.88
N TYR B 229 28.75 -3.36 -2.45
CA TYR B 229 29.00 -3.12 -1.04
C TYR B 229 27.86 -2.35 -0.41
N GLY B 230 27.19 -1.50 -1.19
CA GLY B 230 26.09 -0.72 -0.69
C GLY B 230 24.79 -1.50 -0.71
N ARG B 231 24.46 -2.09 -1.86
CA ARG B 231 23.17 -2.76 -2.01
C ARG B 231 22.95 -3.97 -1.11
N PRO B 232 23.84 -4.96 -1.00
CA PRO B 232 23.52 -6.10 -0.13
C PRO B 232 23.56 -5.73 1.34
N GLY B 233 24.47 -4.83 1.71
CA GLY B 233 24.52 -4.37 3.07
C GLY B 233 23.27 -3.60 3.47
N ILE B 234 22.77 -2.76 2.56
CA ILE B 234 21.55 -2.03 2.89
C ILE B 234 20.34 -2.95 2.81
N GLU B 235 20.41 -4.05 2.07
CA GLU B 235 19.28 -4.97 2.10
C GLU B 235 19.24 -5.72 3.42
N LYS B 236 20.40 -6.19 3.88
CA LYS B 236 20.50 -6.84 5.17
C LYS B 236 20.08 -5.89 6.29
N PHE B 237 20.53 -4.64 6.22
CA PHE B 237 20.17 -3.69 7.24
C PHE B 237 18.71 -3.26 7.12
N ARG B 238 18.16 -3.31 5.91
CA ARG B 238 16.74 -3.02 5.74
C ARG B 238 15.91 -4.09 6.40
N GLU B 239 16.39 -5.33 6.36
CA GLU B 239 15.68 -6.37 7.08
C GLU B 239 15.90 -6.30 8.59
N GLU B 240 17.05 -5.78 9.02
CA GLU B 240 17.21 -5.42 10.43
C GLU B 240 16.17 -4.39 10.86
N ALA B 241 15.97 -3.38 10.01
CA ALA B 241 15.02 -2.31 10.32
C ALA B 241 13.58 -2.82 10.32
N GLU B 242 13.26 -3.71 9.38
CA GLU B 242 11.92 -4.25 9.33
C GLU B 242 11.67 -5.26 10.43
N GLU B 243 12.73 -5.82 11.02
CA GLU B 243 12.55 -6.43 12.33
C GLU B 243 12.23 -5.38 13.37
N ARG B 244 13.00 -4.31 13.41
CA ARG B 244 12.82 -3.33 14.48
C ARG B 244 11.74 -2.31 14.18
N ASP B 245 11.13 -2.37 12.99
CA ASP B 245 9.93 -1.62 12.64
C ASP B 245 10.15 -0.12 12.72
N ILE B 246 11.00 0.36 11.82
CA ILE B 246 11.37 1.76 11.75
C ILE B 246 11.00 2.25 10.36
N CYS B 247 10.17 3.28 10.29
CA CYS B 247 9.66 3.75 9.00
C CYS B 247 10.82 4.41 8.23
N ILE B 248 11.25 3.74 7.18
CA ILE B 248 12.44 4.14 6.46
C ILE B 248 12.08 5.32 5.57
N ASP B 249 12.75 6.44 5.77
CA ASP B 249 12.32 7.66 5.10
C ASP B 249 12.77 7.66 3.65
N PHE B 250 13.96 7.14 3.36
CA PHE B 250 14.46 7.06 2.00
C PHE B 250 15.57 6.03 1.94
N SER B 251 15.90 5.62 0.72
CA SER B 251 17.03 4.73 0.48
C SER B 251 17.56 5.04 -0.91
N GLU B 252 18.70 5.73 -1.00
CA GLU B 252 19.29 6.08 -2.28
C GLU B 252 20.64 5.42 -2.45
N LEU B 253 21.07 5.35 -3.70
CA LEU B 253 22.34 4.74 -4.07
C LEU B 253 23.21 5.76 -4.78
N ILE B 254 24.52 5.67 -4.56
CA ILE B 254 25.47 6.66 -5.08
C ILE B 254 26.72 5.94 -5.60
N SER B 255 27.53 6.70 -6.32
CA SER B 255 28.83 6.23 -6.76
C SER B 255 29.78 7.42 -6.76
N GLN B 256 31.04 7.16 -7.10
CA GLN B 256 32.00 8.25 -7.30
C GLN B 256 31.87 8.86 -8.67
N TYR B 257 31.12 8.25 -9.57
CA TYR B 257 30.96 8.73 -10.93
C TYR B 257 29.50 9.08 -11.19
N SER B 258 28.88 9.75 -10.23
CA SER B 258 27.46 10.02 -10.26
C SER B 258 27.15 11.30 -11.03
N ASP B 259 25.88 11.46 -11.40
CA ASP B 259 25.42 12.64 -12.11
C ASP B 259 25.07 13.72 -11.11
N GLU B 260 25.49 14.95 -11.42
CA GLU B 260 25.22 16.10 -10.54
C GLU B 260 23.73 16.38 -10.43
N GLU B 261 22.97 16.06 -11.49
CA GLU B 261 21.52 16.14 -11.39
C GLU B 261 20.97 15.12 -10.40
N GLU B 262 21.55 13.91 -10.38
CA GLU B 262 21.11 12.92 -9.40
C GLU B 262 21.51 13.32 -7.99
N ILE B 263 22.66 13.96 -7.84
CA ILE B 263 23.07 14.49 -6.54
C ILE B 263 22.13 15.59 -6.11
N GLN B 264 21.70 16.43 -7.05
CA GLN B 264 20.72 17.46 -6.74
C GLN B 264 19.38 16.84 -6.35
N HIS B 265 19.05 15.71 -6.99
CA HIS B 265 17.81 15.00 -6.67
C HIS B 265 17.83 14.45 -5.26
N VAL B 266 18.93 13.80 -4.88
CA VAL B 266 18.98 13.21 -3.55
C VAL B 266 19.21 14.26 -2.46
N VAL B 267 19.83 15.40 -2.78
CA VAL B 267 19.91 16.42 -1.75
C VAL B 267 18.56 17.14 -1.65
N GLU B 268 17.77 17.14 -2.72
CA GLU B 268 16.41 17.62 -2.62
C GLU B 268 15.56 16.65 -1.81
N VAL B 269 15.89 15.37 -1.87
CA VAL B 269 15.28 14.39 -0.98
C VAL B 269 15.65 14.69 0.47
N ILE B 270 16.93 15.00 0.71
CA ILE B 270 17.43 15.23 2.06
C ILE B 270 16.82 16.49 2.66
N GLN B 271 16.72 17.55 1.86
CA GLN B 271 16.01 18.74 2.30
C GLN B 271 14.51 18.51 2.34
N ASN B 272 14.02 17.52 1.60
CA ASN B 272 12.59 17.22 1.52
C ASN B 272 12.20 16.03 2.37
N SER B 273 12.75 15.89 3.57
CA SER B 273 12.38 14.78 4.42
C SER B 273 12.51 15.19 5.88
N THR B 274 12.01 14.33 6.75
CA THR B 274 12.03 14.53 8.20
C THR B 274 12.80 13.37 8.82
N ALA B 275 14.13 13.48 8.78
CA ALA B 275 14.99 12.45 9.37
C ALA B 275 16.31 13.13 9.73
N LYS B 276 16.49 13.42 11.01
CA LYS B 276 17.78 13.94 11.47
C LYS B 276 18.85 12.87 11.34
N VAL B 277 18.52 11.63 11.61
CA VAL B 277 19.49 10.56 11.47
C VAL B 277 19.64 10.19 10.00
N ILE B 278 20.87 9.98 9.59
CA ILE B 278 21.19 9.63 8.21
C ILE B 278 22.20 8.50 8.26
N VAL B 279 21.83 7.36 7.73
CA VAL B 279 22.75 6.25 7.58
C VAL B 279 23.41 6.37 6.23
N VAL B 280 24.74 6.43 6.23
CA VAL B 280 25.51 6.38 5.00
C VAL B 280 26.26 5.06 4.99
N PHE B 281 26.06 4.28 3.94
CA PHE B 281 26.61 2.95 3.90
C PHE B 281 27.44 2.77 2.65
N SER B 282 28.37 3.69 2.45
CA SER B 282 29.15 3.77 1.23
C SER B 282 30.64 3.71 1.55
N SER B 283 31.44 4.00 0.54
CA SER B 283 32.85 4.24 0.69
C SER B 283 33.11 5.74 0.71
N GLY B 284 34.39 6.10 0.69
CA GLY B 284 34.82 7.48 0.66
C GLY B 284 34.42 8.27 -0.58
N PRO B 285 34.98 7.91 -1.75
CA PRO B 285 34.75 8.72 -2.96
C PRO B 285 33.34 8.70 -3.48
N ASP B 286 32.47 7.84 -2.95
CA ASP B 286 31.08 7.88 -3.37
C ASP B 286 30.34 8.97 -2.61
N LEU B 287 30.58 9.09 -1.31
CA LEU B 287 29.98 10.16 -0.54
C LEU B 287 30.70 11.48 -0.76
N GLU B 288 31.91 11.44 -1.29
CA GLU B 288 32.72 12.64 -1.47
C GLU B 288 32.08 13.73 -2.33
N PRO B 289 31.52 13.48 -3.52
CA PRO B 289 30.87 14.59 -4.22
C PRO B 289 29.62 15.03 -3.53
N LEU B 290 28.94 14.11 -2.85
CA LEU B 290 27.82 14.50 -2.01
C LEU B 290 28.31 15.34 -0.84
N ILE B 291 29.51 15.05 -0.33
CA ILE B 291 30.06 15.83 0.77
C ILE B 291 30.36 17.25 0.31
N LYS B 292 30.95 17.40 -0.88
CA LYS B 292 31.21 18.74 -1.40
C LYS B 292 29.92 19.46 -1.73
N GLU B 293 28.95 18.74 -2.28
CA GLU B 293 27.67 19.34 -2.62
C GLU B 293 26.92 19.80 -1.39
N ILE B 294 27.10 19.09 -0.29
CA ILE B 294 26.42 19.49 0.94
C ILE B 294 27.13 20.66 1.59
N VAL B 295 28.46 20.63 1.67
CA VAL B 295 29.18 21.74 2.29
C VAL B 295 29.09 23.00 1.43
N ARG B 296 28.78 22.87 0.15
CA ARG B 296 28.34 24.02 -0.61
C ARG B 296 26.89 24.35 -0.29
N ARG B 297 26.03 23.34 -0.29
CA ARG B 297 24.60 23.54 -0.18
C ARG B 297 24.19 23.97 1.22
N ASN B 298 24.96 23.51 2.22
CA ASN B 298 24.89 23.96 3.61
C ASN B 298 23.51 23.72 4.22
N ILE B 299 23.23 22.44 4.45
CA ILE B 299 22.14 21.99 5.31
C ILE B 299 22.77 21.50 6.60
N THR B 300 22.32 22.00 7.73
CA THR B 300 22.86 21.55 9.00
C THR B 300 21.80 20.82 9.80
N GLY B 301 22.24 20.08 10.81
CA GLY B 301 21.36 19.44 11.75
C GLY B 301 21.25 17.94 11.58
N LYS B 302 21.35 17.45 10.36
CA LYS B 302 21.25 16.02 10.12
C LYS B 302 22.50 15.32 10.62
N ILE B 303 22.33 14.14 11.22
CA ILE B 303 23.43 13.45 11.87
C ILE B 303 23.65 12.12 11.18
N TRP B 304 24.80 11.51 11.49
CA TRP B 304 25.43 10.56 10.60
C TRP B 304 25.74 9.25 11.31
N LEU B 305 24.99 8.21 10.95
CA LEU B 305 25.53 6.88 11.11
C LEU B 305 26.55 6.66 10.00
N ALA B 306 27.58 5.88 10.30
CA ALA B 306 28.74 5.86 9.42
C ALA B 306 29.17 4.44 9.06
N SER B 307 29.27 4.19 7.76
CA SER B 307 30.01 3.03 7.30
C SER B 307 31.49 3.27 7.49
N GLU B 308 32.18 2.25 7.98
CA GLU B 308 33.60 2.38 8.29
C GLU B 308 34.48 2.52 7.05
N ALA B 309 33.94 2.26 5.86
CA ALA B 309 34.71 2.46 4.64
C ALA B 309 35.03 3.92 4.40
N TRP B 310 34.24 4.81 4.97
CA TRP B 310 34.54 6.23 4.93
C TRP B 310 34.65 6.84 6.31
N ALA B 311 34.34 6.09 7.36
CA ALA B 311 34.39 6.65 8.71
C ALA B 311 35.79 6.79 9.24
N SER B 312 36.81 6.42 8.47
CA SER B 312 38.19 6.71 8.81
C SER B 312 38.85 7.19 7.54
N SER B 313 38.65 8.47 7.22
CA SER B 313 39.01 8.97 5.90
C SER B 313 39.11 10.48 5.96
N SER B 314 40.35 10.98 5.90
CA SER B 314 40.60 12.40 6.11
C SER B 314 40.20 13.24 4.91
N LEU B 315 40.01 12.62 3.75
CA LEU B 315 39.39 13.35 2.65
C LEU B 315 37.96 13.73 3.02
N ILE B 316 37.26 12.87 3.75
CA ILE B 316 36.01 13.27 4.37
C ILE B 316 36.29 14.06 5.63
N ALA B 317 37.15 13.54 6.50
CA ALA B 317 37.45 14.20 7.77
C ALA B 317 38.33 15.42 7.49
N MET B 318 37.69 16.48 7.03
CA MET B 318 38.35 17.75 6.78
C MET B 318 37.87 18.79 7.77
N PRO B 319 38.73 19.68 8.24
CA PRO B 319 38.24 20.83 9.01
C PRO B 319 37.41 21.75 8.17
N GLN B 320 37.71 21.83 6.88
CA GLN B 320 36.92 22.56 5.90
C GLN B 320 35.54 21.95 5.72
N TYR B 321 35.37 20.71 6.13
CA TYR B 321 34.08 20.06 6.16
C TYR B 321 33.47 20.04 7.54
N PHE B 322 34.30 20.20 8.58
CA PHE B 322 33.87 20.00 9.96
C PHE B 322 32.87 21.04 10.41
N HIS B 323 32.73 22.12 9.64
CA HIS B 323 31.64 23.06 9.82
C HIS B 323 30.27 22.43 9.59
N VAL B 324 30.20 21.25 8.95
CA VAL B 324 28.92 20.56 8.94
C VAL B 324 29.04 19.11 9.42
N VAL B 325 30.20 18.48 9.27
CA VAL B 325 30.29 17.12 9.80
C VAL B 325 30.83 17.20 11.23
N GLY B 326 30.25 16.42 12.11
CA GLY B 326 30.66 16.37 13.50
C GLY B 326 29.57 15.61 14.21
N GLY B 327 29.96 14.87 15.25
CA GLY B 327 29.07 13.88 15.79
C GLY B 327 28.86 12.70 14.89
N THR B 328 29.77 12.46 13.96
CA THR B 328 29.71 11.31 13.11
C THR B 328 30.11 10.08 13.91
N ILE B 329 29.26 9.07 13.87
CA ILE B 329 29.41 7.89 14.70
C ILE B 329 29.58 6.69 13.80
N GLY B 330 30.73 6.05 13.86
CA GLY B 330 30.98 4.87 13.06
C GLY B 330 31.70 3.78 13.82
N PHE B 331 31.48 2.55 13.36
CA PHE B 331 32.34 1.47 13.77
C PHE B 331 33.69 1.61 13.09
N ALA B 332 34.66 0.86 13.60
CA ALA B 332 35.94 0.70 12.96
C ALA B 332 36.54 -0.59 13.46
N LEU B 333 37.49 -1.11 12.71
CA LEU B 333 38.28 -2.21 13.20
C LEU B 333 39.23 -1.70 14.27
N LYS B 334 39.55 -2.56 15.23
CA LYS B 334 40.57 -2.26 16.22
C LYS B 334 41.92 -2.00 15.56
N ALA B 335 42.74 -1.19 16.23
CA ALA B 335 44.06 -0.88 15.71
C ALA B 335 44.99 -2.07 15.86
N GLY B 336 45.62 -2.47 14.77
CA GLY B 336 46.68 -3.43 14.84
C GLY B 336 48.02 -2.73 14.96
N GLN B 337 48.99 -3.40 15.54
CA GLN B 337 50.30 -2.82 15.80
C GLN B 337 51.37 -3.62 15.09
N ILE B 338 52.27 -2.92 14.42
CA ILE B 338 53.29 -3.54 13.60
C ILE B 338 54.65 -3.09 14.11
N PRO B 339 55.52 -4.02 14.50
CA PRO B 339 56.90 -3.64 14.81
C PRO B 339 57.61 -3.22 13.55
N GLY B 340 58.29 -2.09 13.63
CA GLY B 340 58.97 -1.60 12.46
C GLY B 340 58.11 -0.83 11.50
N PHE B 341 56.89 -0.48 11.89
CA PHE B 341 55.90 0.12 10.99
C PHE B 341 56.31 1.49 10.46
N ARG B 342 56.36 2.48 11.37
CA ARG B 342 56.77 3.83 11.02
C ARG B 342 58.22 3.87 10.55
N GLU B 343 59.01 2.94 11.05
CA GLU B 343 60.38 2.77 10.64
C GLU B 343 60.46 2.40 9.17
N PHE B 344 59.66 1.43 8.74
CA PHE B 344 59.63 1.08 7.34
C PHE B 344 58.98 2.15 6.51
N LEU B 345 58.07 2.91 7.12
CA LEU B 345 57.47 4.03 6.43
C LEU B 345 58.51 5.08 6.08
N LYS B 346 59.43 5.35 7.01
CA LYS B 346 60.48 6.32 6.75
C LYS B 346 61.71 5.75 6.09
N LYS B 347 61.81 4.42 5.96
CA LYS B 347 62.87 3.82 5.16
C LYS B 347 62.45 3.89 3.70
N VAL B 348 62.62 5.08 3.12
CA VAL B 348 62.22 5.38 1.75
C VAL B 348 63.29 6.24 1.10
N HIS B 349 63.50 6.04 -0.20
CA HIS B 349 64.39 6.83 -1.03
C HIS B 349 64.08 6.55 -2.50
N PRO B 350 64.09 7.56 -3.37
CA PRO B 350 63.81 7.28 -4.77
C PRO B 350 64.93 6.54 -5.48
N ARG B 351 66.19 6.79 -5.13
CA ARG B 351 67.26 6.02 -5.75
C ARG B 351 67.40 4.63 -5.13
N LYS B 352 66.84 4.41 -3.96
CA LYS B 352 66.81 3.09 -3.35
C LYS B 352 65.62 2.27 -3.80
N SER B 353 64.85 2.76 -4.78
CA SER B 353 63.67 2.06 -5.24
C SER B 353 64.06 0.87 -6.11
N VAL B 354 64.53 -0.21 -5.48
CA VAL B 354 65.06 -1.32 -6.24
C VAL B 354 63.97 -2.24 -6.73
N HIS B 355 62.77 -2.15 -6.16
CA HIS B 355 61.67 -3.01 -6.57
C HIS B 355 60.33 -2.30 -6.56
N ASN B 356 60.28 -1.01 -6.28
CA ASN B 356 59.02 -0.30 -6.17
C ASN B 356 58.51 0.08 -7.55
N GLY B 357 57.19 0.07 -7.68
CA GLY B 357 56.56 0.59 -8.86
C GLY B 357 56.51 2.11 -8.87
N PHE B 358 55.75 2.70 -7.95
CA PHE B 358 55.41 4.11 -8.01
C PHE B 358 56.17 4.95 -6.99
N ALA B 359 57.40 4.58 -6.68
CA ALA B 359 58.19 5.36 -5.73
C ALA B 359 58.52 6.73 -6.28
N LYS B 360 58.87 6.81 -7.57
CA LYS B 360 59.31 8.08 -8.12
C LYS B 360 58.14 9.04 -8.29
N GLU B 361 57.03 8.53 -8.82
CA GLU B 361 55.81 9.31 -8.92
C GLU B 361 55.33 9.71 -7.55
N PHE B 362 55.46 8.80 -6.59
CA PHE B 362 55.13 9.09 -5.21
C PHE B 362 55.99 10.23 -4.67
N TRP B 363 57.29 10.21 -4.99
CA TRP B 363 58.22 11.23 -4.54
C TRP B 363 57.88 12.58 -5.12
N GLU B 364 57.71 12.63 -6.44
CA GLU B 364 57.40 13.87 -7.13
C GLU B 364 55.94 14.27 -7.02
N GLU B 365 55.12 13.44 -6.38
CA GLU B 365 53.72 13.76 -6.16
C GLU B 365 53.52 14.29 -4.76
N THR B 366 54.10 13.60 -3.78
CA THR B 366 54.20 14.13 -2.43
C THR B 366 54.90 15.47 -2.42
N PHE B 367 56.02 15.57 -3.10
CA PHE B 367 56.78 16.80 -3.08
C PHE B 367 56.36 17.73 -4.18
N ASN B 368 55.50 17.27 -5.10
CA ASN B 368 54.84 18.08 -6.12
C ASN B 368 55.85 18.74 -7.06
N CYS B 369 57.03 18.16 -7.18
CA CYS B 369 58.10 18.65 -8.02
C CYS B 369 58.19 17.74 -9.23
N HIS B 370 59.19 17.96 -10.08
CA HIS B 370 59.44 17.09 -11.22
C HIS B 370 60.93 16.75 -11.26
N LEU B 371 61.31 15.71 -10.54
CA LEU B 371 62.57 15.06 -10.85
C LEU B 371 62.46 14.40 -12.22
N GLN B 372 63.57 14.39 -12.94
CA GLN B 372 63.53 13.92 -14.31
C GLN B 372 64.81 13.18 -14.65
N GLU B 373 64.67 11.99 -15.20
CA GLU B 373 65.79 11.25 -15.72
C GLU B 373 65.56 10.97 -17.20
N PHE B 402 59.79 25.34 -13.82
CA PHE B 402 58.54 24.62 -13.59
C PHE B 402 58.60 23.88 -12.27
N ARG B 403 58.00 22.70 -12.24
CA ARG B 403 58.17 21.81 -11.10
C ARG B 403 59.63 21.38 -11.05
N PRO B 404 60.36 21.70 -10.01
CA PRO B 404 61.82 21.62 -10.07
C PRO B 404 62.34 20.20 -9.95
N LEU B 405 63.63 20.03 -10.19
CA LEU B 405 64.30 18.77 -9.95
C LEU B 405 64.34 18.49 -8.45
N CYS B 406 63.77 17.36 -8.06
CA CYS B 406 63.61 17.05 -6.65
C CYS B 406 64.95 16.64 -6.05
N THR B 407 65.15 17.01 -4.79
CA THR B 407 66.44 16.78 -4.15
C THR B 407 66.65 15.32 -3.80
N GLY B 408 65.56 14.58 -3.58
CA GLY B 408 65.68 13.23 -3.06
C GLY B 408 65.99 13.16 -1.59
N ASP B 409 66.07 14.32 -0.92
CA ASP B 409 66.56 14.42 0.44
C ASP B 409 65.63 15.25 1.30
N GLU B 410 64.42 15.51 0.83
CA GLU B 410 63.47 16.32 1.56
C GLU B 410 62.99 15.57 2.78
N ASN B 411 62.68 16.32 3.84
CA ASN B 411 62.36 15.72 5.12
C ASN B 411 61.03 15.01 5.07
N ILE B 412 61.00 13.83 5.69
CA ILE B 412 59.84 12.96 5.62
C ILE B 412 58.67 13.57 6.36
N SER B 413 58.88 13.93 7.62
CA SER B 413 57.84 14.68 8.32
C SER B 413 58.08 16.18 8.21
N SER B 414 58.33 16.65 7.00
CA SER B 414 58.17 18.06 6.68
C SER B 414 56.78 18.33 6.13
N VAL B 415 56.10 17.28 5.72
CA VAL B 415 54.77 17.35 5.16
C VAL B 415 53.83 16.53 6.03
N GLU B 416 52.57 16.91 6.03
CA GLU B 416 51.55 16.19 6.79
C GLU B 416 50.92 15.19 5.83
N THR B 417 51.64 14.10 5.58
CA THR B 417 51.03 13.21 4.61
C THR B 417 50.30 12.06 5.28
N PRO B 418 49.12 11.72 4.76
CA PRO B 418 48.38 10.56 5.29
C PRO B 418 49.09 9.23 5.07
N TYR B 419 50.18 9.21 4.30
CA TYR B 419 51.14 8.14 4.42
C TYR B 419 51.67 8.04 5.84
N ILE B 420 51.91 9.17 6.49
CA ILE B 420 52.54 9.18 7.80
C ILE B 420 51.64 9.78 8.87
N ASP B 421 50.52 10.39 8.50
CA ASP B 421 49.67 11.11 9.43
C ASP B 421 48.74 10.22 10.22
N TYR B 422 48.99 8.93 10.31
CA TYR B 422 47.98 8.08 10.92
C TYR B 422 48.05 8.14 12.43
N THR B 423 47.02 7.53 13.03
CA THR B 423 47.03 7.18 14.43
C THR B 423 47.03 5.68 14.65
N HIS B 424 46.60 4.91 13.65
CA HIS B 424 46.32 3.51 13.84
C HIS B 424 46.61 2.77 12.55
N LEU B 425 46.58 1.44 12.63
CA LEU B 425 46.88 0.56 11.51
C LEU B 425 45.82 -0.51 11.49
N ARG B 426 44.94 -0.49 10.48
CA ARG B 426 43.84 -1.45 10.46
C ARG B 426 43.88 -2.37 9.24
N ILE B 427 43.73 -1.84 8.04
CA ILE B 427 43.65 -2.75 6.91
C ILE B 427 45.05 -3.11 6.47
N SER B 428 45.98 -2.17 6.67
CA SER B 428 47.40 -2.44 6.76
C SER B 428 47.68 -3.66 7.61
N TYR B 429 47.07 -3.68 8.79
CA TYR B 429 47.27 -4.81 9.69
C TYR B 429 46.65 -6.08 9.14
N ASN B 430 45.51 -5.96 8.45
CA ASN B 430 44.88 -7.12 7.84
C ASN B 430 45.76 -7.73 6.77
N VAL B 431 46.35 -6.88 5.95
CA VAL B 431 47.31 -7.31 4.94
C VAL B 431 48.47 -8.02 5.61
N TYR B 432 48.99 -7.40 6.66
CA TYR B 432 50.18 -7.86 7.34
C TYR B 432 49.96 -9.20 8.00
N LEU B 433 48.75 -9.44 8.48
CA LEU B 433 48.47 -10.76 9.00
C LEU B 433 48.09 -11.73 7.90
N ALA B 434 47.54 -11.22 6.81
CA ALA B 434 47.05 -12.10 5.76
C ALA B 434 48.21 -12.82 5.10
N VAL B 435 49.27 -12.07 4.81
CA VAL B 435 50.47 -12.66 4.25
C VAL B 435 51.09 -13.66 5.22
N TYR B 436 50.96 -13.42 6.52
CA TYR B 436 51.55 -14.35 7.47
C TYR B 436 50.71 -15.59 7.60
N SER B 437 49.40 -15.46 7.40
CA SER B 437 48.56 -16.65 7.36
C SER B 437 48.90 -17.51 6.15
N ILE B 438 49.16 -16.84 5.02
CA ILE B 438 49.66 -17.54 3.85
C ILE B 438 50.98 -18.23 4.16
N ALA B 439 51.86 -17.50 4.84
CA ALA B 439 53.16 -18.05 5.22
C ALA B 439 53.03 -19.19 6.20
N HIS B 440 51.98 -19.19 7.01
CA HIS B 440 51.84 -20.24 8.02
C HIS B 440 51.22 -21.49 7.42
N ALA B 441 50.27 -21.34 6.49
CA ALA B 441 49.80 -22.50 5.74
C ALA B 441 50.92 -23.08 4.89
N LEU B 442 51.76 -22.20 4.32
CA LEU B 442 52.93 -22.67 3.61
C LEU B 442 53.96 -23.25 4.56
N GLN B 443 54.00 -22.80 5.79
CA GLN B 443 54.92 -23.38 6.75
C GLN B 443 54.46 -24.77 7.15
N ASP B 444 53.14 -24.96 7.19
CA ASP B 444 52.59 -26.30 7.34
C ASP B 444 52.93 -27.17 6.15
N ILE B 445 52.93 -26.60 4.96
CA ILE B 445 53.33 -27.34 3.77
C ILE B 445 54.81 -27.67 3.81
N TYR B 446 55.61 -26.73 4.32
CA TYR B 446 57.04 -26.93 4.50
C TYR B 446 57.31 -28.04 5.51
N THR B 447 56.52 -28.08 6.57
CA THR B 447 56.57 -29.14 7.56
C THR B 447 55.49 -30.18 7.26
N CYS B 448 55.69 -30.89 6.17
CA CYS B 448 54.78 -31.97 5.82
C CYS B 448 54.85 -33.09 6.85
N LEU B 449 53.69 -33.54 7.30
CA LEU B 449 53.68 -34.72 8.17
C LEU B 449 53.89 -35.94 7.29
N PRO B 450 54.89 -36.80 7.59
CA PRO B 450 55.50 -37.65 6.56
C PRO B 450 54.58 -38.73 6.03
N GLY B 451 53.80 -38.33 5.03
CA GLY B 451 52.74 -39.15 4.50
C GLY B 451 51.43 -39.00 5.23
N ARG B 452 51.38 -38.12 6.22
CA ARG B 452 50.18 -37.96 7.05
C ARG B 452 49.64 -36.55 6.93
N GLY B 453 49.64 -36.03 5.71
CA GLY B 453 49.11 -34.70 5.46
C GLY B 453 47.61 -34.73 5.27
N LEU B 454 47.09 -33.62 4.75
CA LEU B 454 45.65 -33.46 4.57
C LEU B 454 45.21 -33.83 3.17
N PHE B 455 45.89 -34.78 2.54
CA PHE B 455 45.65 -35.13 1.16
C PHE B 455 44.75 -36.33 1.04
N THR B 456 44.55 -36.76 -0.20
CA THR B 456 44.15 -38.13 -0.45
C THR B 456 45.28 -39.02 0.01
N ASN B 457 45.08 -39.69 1.15
CA ASN B 457 46.08 -40.51 1.85
C ASN B 457 47.34 -39.70 2.19
N GLY B 458 47.14 -38.42 2.50
CA GLY B 458 48.10 -37.58 3.19
C GLY B 458 49.42 -37.26 2.52
N SER B 459 49.59 -37.59 1.25
CA SER B 459 50.86 -37.38 0.57
C SER B 459 50.99 -35.90 0.20
N CYS B 460 51.81 -35.17 0.96
CA CYS B 460 51.99 -33.76 0.68
C CYS B 460 52.75 -33.54 -0.62
N ALA B 461 52.47 -32.42 -1.26
CA ALA B 461 53.28 -32.01 -2.41
C ALA B 461 54.63 -31.51 -1.93
N ASP B 462 55.64 -31.75 -2.75
CA ASP B 462 56.96 -31.21 -2.45
C ASP B 462 56.94 -29.70 -2.65
N ILE B 463 57.86 -29.03 -1.94
CA ILE B 463 57.92 -27.59 -2.04
C ILE B 463 58.53 -27.16 -3.37
N LYS B 464 59.36 -28.03 -3.96
CA LYS B 464 59.93 -27.71 -5.26
C LYS B 464 58.91 -27.81 -6.38
N LYS B 465 57.78 -28.49 -6.15
CA LYS B 465 56.71 -28.56 -7.15
C LYS B 465 55.39 -28.54 -6.41
N VAL B 466 54.78 -27.36 -6.31
CA VAL B 466 53.61 -27.14 -5.48
C VAL B 466 52.39 -27.02 -6.36
N GLU B 467 51.23 -27.02 -5.70
CA GLU B 467 49.95 -26.89 -6.40
C GLU B 467 49.02 -25.99 -5.61
N ALA B 468 48.48 -24.97 -6.28
CA ALA B 468 47.62 -24.00 -5.62
C ALA B 468 46.33 -24.59 -5.13
N TRP B 469 45.86 -25.68 -5.73
CA TRP B 469 44.69 -26.36 -5.18
C TRP B 469 45.01 -27.00 -3.84
N GLN B 470 46.20 -27.59 -3.72
CA GLN B 470 46.63 -28.14 -2.43
C GLN B 470 46.86 -27.03 -1.43
N VAL B 471 47.34 -25.88 -1.91
CA VAL B 471 47.49 -24.69 -1.10
C VAL B 471 46.15 -24.27 -0.52
N LEU B 472 45.12 -24.28 -1.36
CA LEU B 472 43.79 -23.90 -0.90
C LEU B 472 43.21 -24.94 0.04
N LYS B 473 43.58 -26.21 -0.16
CA LYS B 473 43.15 -27.27 0.75
C LYS B 473 43.71 -27.04 2.15
N HIS B 474 44.99 -26.71 2.23
CA HIS B 474 45.58 -26.37 3.53
C HIS B 474 45.04 -25.05 4.05
N LEU B 475 44.67 -24.15 3.15
CA LEU B 475 44.16 -22.85 3.55
C LEU B 475 42.75 -22.92 4.10
N ARG B 476 42.01 -23.96 3.74
CA ARG B 476 40.68 -24.17 4.31
C ARG B 476 40.75 -24.46 5.80
N HIS B 477 41.89 -24.94 6.29
CA HIS B 477 42.04 -25.36 7.67
C HIS B 477 43.33 -24.78 8.23
N LEU B 478 43.24 -23.64 8.91
CA LEU B 478 44.40 -23.00 9.50
C LEU B 478 44.08 -22.60 10.94
N ASN B 479 45.05 -22.82 11.83
CA ASN B 479 44.84 -22.73 13.28
C ASN B 479 46.19 -22.34 13.89
N PHE B 480 46.36 -21.04 14.19
CA PHE B 480 47.68 -20.54 14.61
C PHE B 480 47.49 -19.15 15.23
N THR B 481 48.51 -18.72 15.96
CA THR B 481 48.42 -17.50 16.76
C THR B 481 48.94 -16.26 16.03
N ASN B 482 48.47 -15.12 16.50
CA ASN B 482 48.86 -13.81 15.97
C ASN B 482 50.15 -13.33 16.63
N ASN B 483 50.77 -12.32 15.99
CA ASN B 483 51.97 -11.69 16.54
C ASN B 483 51.70 -11.02 17.88
N MET B 484 50.49 -10.50 18.06
CA MET B 484 50.05 -10.05 19.37
C MET B 484 49.23 -11.11 20.08
N GLY B 485 49.46 -12.38 19.75
CA GLY B 485 48.94 -13.50 20.50
C GLY B 485 47.44 -13.65 20.45
N GLU B 486 46.91 -13.81 19.24
CA GLU B 486 45.50 -14.17 19.06
C GLU B 486 45.48 -15.40 18.21
N GLN B 487 44.85 -16.46 18.73
CA GLN B 487 44.75 -17.71 17.99
C GLN B 487 43.80 -17.47 16.83
N VAL B 488 44.35 -17.10 15.69
CA VAL B 488 43.54 -16.68 14.56
C VAL B 488 43.30 -17.85 13.62
N THR B 489 42.08 -18.34 13.61
CA THR B 489 41.67 -19.48 12.81
C THR B 489 40.98 -18.97 11.57
N PHE B 490 40.50 -19.91 10.76
CA PHE B 490 39.73 -19.58 9.57
C PHE B 490 38.49 -20.46 9.51
N ASP B 491 37.34 -19.79 9.58
CA ASP B 491 36.02 -20.40 9.57
C ASP B 491 35.59 -20.77 8.17
N GLU B 492 34.30 -21.09 8.02
CA GLU B 492 33.75 -21.48 6.73
C GLU B 492 33.71 -20.32 5.74
N CYS B 493 33.50 -19.10 6.22
CA CYS B 493 33.69 -17.95 5.33
C CYS B 493 35.15 -17.68 5.09
N GLY B 494 36.03 -18.19 5.94
CA GLY B 494 37.46 -17.93 5.80
C GLY B 494 37.76 -16.51 6.17
N ASP B 495 37.59 -16.19 7.45
CA ASP B 495 37.81 -14.84 7.97
C ASP B 495 38.07 -14.97 9.46
N LEU B 496 37.99 -13.83 10.13
CA LEU B 496 37.84 -13.79 11.57
C LEU B 496 36.92 -12.62 11.89
N VAL B 497 36.64 -12.44 13.19
CA VAL B 497 35.78 -11.33 13.60
C VAL B 497 36.23 -10.82 14.97
N GLY B 498 36.45 -9.51 15.06
CA GLY B 498 36.73 -8.84 16.30
C GLY B 498 35.74 -7.73 16.54
N ASN B 499 35.82 -7.14 17.72
CA ASN B 499 34.89 -6.09 18.11
C ASN B 499 35.15 -4.81 17.32
N TYR B 500 34.24 -3.86 17.44
CA TYR B 500 34.35 -2.60 16.73
C TYR B 500 34.29 -1.45 17.71
N SER B 501 35.30 -0.60 17.69
CA SER B 501 35.23 0.62 18.46
C SER B 501 34.22 1.56 17.83
N ILE B 502 33.22 1.95 18.61
CA ILE B 502 32.18 2.84 18.13
C ILE B 502 32.59 4.24 18.52
N ILE B 503 32.90 5.06 17.52
CA ILE B 503 33.64 6.28 17.77
C ILE B 503 32.75 7.50 17.58
N ASN B 504 33.26 8.64 18.02
CA ASN B 504 32.66 9.94 17.77
C ASN B 504 33.70 10.81 17.07
N TRP B 505 33.21 11.77 16.33
CA TRP B 505 34.08 12.67 15.58
C TRP B 505 34.13 14.01 16.30
N HIS B 506 35.03 14.07 17.28
CA HIS B 506 35.22 15.32 17.99
C HIS B 506 36.36 16.10 17.35
N LEU B 507 36.70 17.21 17.97
CA LEU B 507 37.74 18.10 17.46
C LEU B 507 38.78 18.32 18.54
N SER B 508 40.05 18.36 18.14
CA SER B 508 41.11 18.81 19.03
C SER B 508 40.93 20.29 19.28
N PRO B 509 40.64 20.72 20.50
CA PRO B 509 40.49 22.16 20.76
C PRO B 509 41.82 22.90 20.72
N GLU B 510 42.93 22.19 20.92
CA GLU B 510 44.23 22.83 20.83
C GLU B 510 44.58 23.18 19.39
N ASP B 511 44.14 22.36 18.43
CA ASP B 511 44.61 22.48 17.07
C ASP B 511 43.53 22.52 16.01
N GLY B 512 42.27 22.30 16.36
CA GLY B 512 41.25 22.19 15.32
C GLY B 512 41.34 20.90 14.54
N SER B 513 41.98 19.88 15.08
CA SER B 513 42.12 18.61 14.40
C SER B 513 40.98 17.68 14.80
N ILE B 514 40.44 16.98 13.83
CA ILE B 514 39.28 16.13 14.08
C ILE B 514 39.74 14.88 14.81
N VAL B 515 39.30 14.71 16.04
CA VAL B 515 39.73 13.57 16.82
C VAL B 515 38.60 12.54 16.87
N PHE B 516 38.98 11.29 16.84
CA PHE B 516 38.07 10.17 16.66
C PHE B 516 37.95 9.47 18.00
N LYS B 517 36.86 9.72 18.69
CA LYS B 517 36.75 9.44 20.11
C LYS B 517 35.74 8.34 20.31
N GLU B 518 36.20 7.20 20.81
CA GLU B 518 35.31 6.07 21.07
C GLU B 518 34.33 6.41 22.19
N VAL B 519 33.06 6.12 21.97
CA VAL B 519 32.05 6.30 23.00
C VAL B 519 31.38 4.95 23.30
N GLY B 520 32.15 3.88 23.22
CA GLY B 520 31.63 2.54 23.39
C GLY B 520 32.14 1.63 22.29
N TYR B 521 31.85 0.35 22.46
CA TYR B 521 32.29 -0.61 21.47
C TYR B 521 31.24 -1.70 21.31
N TYR B 522 31.26 -2.31 20.15
CA TYR B 522 30.38 -3.42 19.86
C TYR B 522 31.17 -4.71 19.92
N ASN B 523 31.00 -5.46 21.01
CA ASN B 523 31.52 -6.81 21.11
C ASN B 523 30.92 -7.69 20.02
N VAL B 524 31.64 -8.74 19.63
CA VAL B 524 31.13 -9.67 18.64
C VAL B 524 30.99 -11.08 19.17
N TYR B 525 31.22 -11.29 20.46
CA TYR B 525 31.24 -12.64 21.00
C TYR B 525 30.07 -12.98 21.90
N ALA B 526 29.27 -12.00 22.30
CA ALA B 526 28.13 -12.26 23.19
C ALA B 526 26.94 -12.73 22.35
N LYS B 527 25.76 -12.75 22.96
CA LYS B 527 24.58 -13.18 22.25
C LYS B 527 23.99 -12.01 21.45
N LYS B 528 22.99 -12.34 20.65
CA LYS B 528 22.18 -11.31 20.01
C LYS B 528 21.43 -10.54 21.08
N GLY B 529 21.46 -9.21 20.97
CA GLY B 529 20.97 -8.41 22.05
C GLY B 529 21.85 -8.38 23.28
N GLU B 530 23.07 -8.90 23.17
CA GLU B 530 24.02 -8.88 24.26
C GLU B 530 25.39 -8.36 23.85
N ARG B 531 25.62 -8.14 22.56
CA ARG B 531 26.95 -7.87 22.03
C ARG B 531 27.34 -6.41 22.06
N LEU B 532 26.60 -5.56 22.74
CA LEU B 532 26.84 -4.14 22.59
C LEU B 532 27.29 -3.53 23.90
N PHE B 533 28.27 -2.65 23.83
CA PHE B 533 28.58 -1.77 24.94
C PHE B 533 28.39 -0.33 24.48
N ILE B 534 27.82 0.48 25.37
CA ILE B 534 27.72 1.93 25.18
C ILE B 534 28.45 2.59 26.32
N ASN B 535 29.45 3.41 26.00
CA ASN B 535 29.91 4.39 26.97
C ASN B 535 29.00 5.59 26.82
N GLU B 536 27.96 5.62 27.64
CA GLU B 536 26.99 6.69 27.54
C GLU B 536 27.51 8.01 28.07
N GLU B 537 28.63 7.99 28.80
CA GLU B 537 29.11 9.20 29.45
C GLU B 537 29.70 10.17 28.43
N LYS B 538 30.54 9.67 27.53
CA LYS B 538 31.14 10.52 26.53
C LYS B 538 30.24 10.76 25.32
N ILE B 539 28.95 10.45 25.42
CA ILE B 539 28.05 10.69 24.31
C ILE B 539 27.73 12.17 24.21
N LEU B 540 28.07 12.77 23.07
CA LEU B 540 27.62 14.11 22.71
C LEU B 540 26.95 14.01 21.35
N TRP B 541 25.63 14.03 21.36
CA TRP B 541 24.85 14.00 20.12
C TRP B 541 25.13 15.26 19.32
N SER B 542 25.26 15.10 18.00
CA SER B 542 25.66 16.13 17.05
C SER B 542 27.01 16.74 17.37
N GLY B 543 27.87 16.00 18.06
CA GLY B 543 29.21 16.44 18.38
C GLY B 543 29.35 17.10 19.73
N PHE B 544 28.36 17.86 20.17
CA PHE B 544 28.54 18.67 21.36
C PHE B 544 27.40 18.50 22.35
N SER B 545 26.20 18.25 21.84
CA SER B 545 25.01 18.31 22.65
C SER B 545 24.80 16.97 23.34
N ARG B 546 24.90 16.98 24.66
CA ARG B 546 24.76 15.74 25.42
C ARG B 546 23.33 15.22 25.45
N GLU B 547 22.35 16.03 25.04
CA GLU B 547 20.96 15.61 25.07
C GLU B 547 20.55 14.93 23.78
N VAL B 548 19.68 13.94 23.92
CA VAL B 548 19.34 13.04 22.81
C VAL B 548 18.32 13.74 21.90
N PRO B 549 18.50 13.68 20.61
CA PRO B 549 17.50 14.24 19.70
C PRO B 549 16.33 13.33 19.42
N PHE B 550 15.55 13.73 18.41
CA PHE B 550 14.27 13.13 18.08
C PHE B 550 14.32 12.65 16.65
N SER B 551 14.07 11.36 16.46
CA SER B 551 13.88 10.84 15.12
C SER B 551 12.72 9.85 15.02
N ASN B 552 11.65 10.09 15.78
CA ASN B 552 10.36 9.50 15.45
C ASN B 552 9.73 10.34 14.35
N CYS B 553 8.54 9.94 13.90
CA CYS B 553 7.79 10.83 13.02
C CYS B 553 6.80 11.70 13.80
N SER B 554 5.85 11.09 14.48
CA SER B 554 4.95 11.84 15.33
C SER B 554 5.54 11.97 16.72
N ARG B 555 4.98 12.91 17.48
CA ARG B 555 5.35 12.96 18.88
C ARG B 555 4.63 11.86 19.63
N ASP B 556 5.18 11.52 20.79
CA ASP B 556 4.42 10.86 21.84
C ASP B 556 3.48 11.93 22.40
N CYS B 557 2.21 11.90 21.99
CA CYS B 557 1.35 13.06 22.18
C CYS B 557 0.89 13.27 23.62
N LEU B 558 -0.11 14.13 23.76
CA LEU B 558 -0.67 14.47 25.06
C LEU B 558 -1.52 13.32 25.58
N ALA B 559 -2.05 13.52 26.79
CA ALA B 559 -2.71 12.46 27.53
C ALA B 559 -4.06 12.08 26.92
N GLY B 560 -4.99 13.02 26.85
CA GLY B 560 -6.32 12.73 26.38
C GLY B 560 -6.42 12.40 24.91
N THR B 561 -5.41 12.79 24.12
CA THR B 561 -5.41 12.49 22.69
C THR B 561 -5.15 11.00 22.51
N ARG B 562 -6.22 10.26 22.20
CA ARG B 562 -6.12 8.82 22.06
C ARG B 562 -5.34 8.47 20.81
N LYS B 563 -4.22 7.76 20.98
CA LYS B 563 -3.25 7.58 19.91
C LYS B 563 -3.79 6.65 18.83
N GLY B 564 -4.38 7.24 17.80
CA GLY B 564 -4.87 6.48 16.67
C GLY B 564 -3.76 6.22 15.67
N ILE B 565 -4.16 5.96 14.43
CA ILE B 565 -3.23 5.73 13.34
C ILE B 565 -3.54 6.72 12.21
N ILE B 566 -2.79 6.60 11.13
CA ILE B 566 -3.04 7.33 9.90
C ILE B 566 -3.08 6.33 8.77
N GLU B 567 -4.19 6.32 8.03
CA GLU B 567 -4.30 5.45 6.86
C GLU B 567 -3.42 5.99 5.72
N GLY B 568 -2.71 5.08 5.06
CA GLY B 568 -1.81 5.45 3.98
C GLY B 568 -0.35 5.55 4.38
N GLU B 569 -0.09 6.03 5.59
CA GLU B 569 1.18 6.19 6.29
C GLU B 569 1.41 5.01 7.24
N PRO B 570 2.62 4.48 7.33
CA PRO B 570 2.91 3.44 8.33
C PRO B 570 2.79 3.99 9.74
N THR B 571 2.39 3.11 10.67
CA THR B 571 2.06 3.46 12.04
C THR B 571 3.25 3.95 12.86
N CYS B 572 4.47 3.89 12.30
CA CYS B 572 5.57 4.74 12.73
C CYS B 572 5.13 6.19 12.91
N CYS B 573 4.42 6.71 11.94
CA CYS B 573 3.89 8.07 12.00
C CYS B 573 2.37 7.98 12.03
N PHE B 574 1.76 8.66 12.99
CA PHE B 574 0.35 8.40 13.27
C PHE B 574 -0.27 9.65 13.89
N GLU B 575 -1.54 9.54 14.25
CA GLU B 575 -2.27 10.62 14.89
C GLU B 575 -2.73 10.20 16.27
N CYS B 576 -3.13 11.18 17.05
CA CYS B 576 -3.67 10.93 18.38
C CYS B 576 -4.94 11.76 18.55
N VAL B 577 -6.08 11.09 18.52
CA VAL B 577 -7.36 11.79 18.40
C VAL B 577 -7.82 12.27 19.77
N GLU B 578 -8.20 13.54 19.84
CA GLU B 578 -8.62 14.16 21.08
C GLU B 578 -9.99 13.65 21.51
N CYS B 579 -9.98 12.64 22.35
CA CYS B 579 -11.19 11.92 22.71
C CYS B 579 -11.83 12.54 23.95
N PRO B 580 -13.01 13.17 23.82
CA PRO B 580 -13.62 13.82 24.99
C PRO B 580 -14.67 12.98 25.69
N ASP B 581 -15.31 13.58 26.71
CA ASP B 581 -16.60 13.17 27.27
C ASP B 581 -16.55 11.75 27.86
N GLY B 582 -15.77 11.63 28.93
CA GLY B 582 -15.60 10.34 29.56
C GLY B 582 -14.57 9.50 28.87
N GLU B 583 -13.34 10.01 28.81
CA GLU B 583 -12.23 9.32 28.16
C GLU B 583 -11.30 8.65 29.15
N TYR B 584 -11.05 9.30 30.30
CA TYR B 584 -10.15 8.83 31.35
C TYR B 584 -8.75 8.54 30.81
N SER B 585 -8.30 9.39 29.89
CA SER B 585 -7.08 9.13 29.12
C SER B 585 -5.98 10.02 29.68
N ASP B 586 -5.23 9.48 30.62
CA ASP B 586 -4.13 10.21 31.24
C ASP B 586 -2.76 9.73 30.78
N GLU B 587 -2.68 8.57 30.15
CA GLU B 587 -1.44 8.12 29.54
C GLU B 587 -1.21 8.90 28.26
N THR B 588 0.05 9.28 28.03
CA THR B 588 0.39 10.13 26.89
C THR B 588 0.22 9.40 25.56
N ASP B 589 0.38 8.08 25.54
CA ASP B 589 0.26 7.30 24.33
C ASP B 589 -0.81 6.21 24.47
N ALA B 590 -1.91 6.53 25.13
CA ALA B 590 -3.05 5.63 25.15
C ALA B 590 -3.66 5.56 23.75
N SER B 591 -3.88 4.33 23.26
CA SER B 591 -4.40 4.18 21.91
C SER B 591 -5.86 4.60 21.82
N ALA B 592 -6.67 4.17 22.78
CA ALA B 592 -8.08 4.47 22.85
C ALA B 592 -8.37 5.18 24.18
N CYS B 593 -9.65 5.25 24.54
CA CYS B 593 -10.12 5.89 25.77
C CYS B 593 -10.64 4.84 26.75
N ASN B 594 -11.15 5.32 27.88
CA ASN B 594 -11.80 4.47 28.86
C ASN B 594 -13.16 5.05 29.20
N LYS B 595 -14.20 4.25 29.02
CA LYS B 595 -15.55 4.65 29.41
C LYS B 595 -15.63 4.46 30.91
N CYS B 596 -15.76 5.56 31.64
CA CYS B 596 -15.68 5.56 33.08
C CYS B 596 -17.03 5.20 33.69
N PRO B 597 -17.13 5.20 35.01
CA PRO B 597 -18.35 4.71 35.67
C PRO B 597 -19.49 5.70 35.52
N ASP B 598 -20.68 5.19 35.86
CA ASP B 598 -21.93 5.89 35.59
C ASP B 598 -22.06 7.15 36.42
N ASP B 599 -21.44 7.18 37.60
CA ASP B 599 -21.40 8.39 38.40
C ASP B 599 -20.23 9.28 38.06
N PHE B 600 -19.57 9.05 36.93
CA PHE B 600 -18.31 9.72 36.71
C PHE B 600 -18.20 10.30 35.31
N TRP B 601 -17.64 11.51 35.25
CA TRP B 601 -17.50 12.29 34.02
C TRP B 601 -16.13 12.94 33.98
N SER B 602 -15.56 13.03 32.78
CA SER B 602 -14.16 13.36 32.57
C SER B 602 -13.82 14.76 33.04
N ASN B 603 -12.52 15.00 33.19
CA ASN B 603 -12.04 16.32 33.56
C ASN B 603 -12.09 17.25 32.36
N GLU B 604 -11.58 18.47 32.55
CA GLU B 604 -11.66 19.50 31.52
C GLU B 604 -10.78 19.18 30.33
N ASN B 605 -9.66 18.50 30.55
CA ASN B 605 -8.81 18.03 29.49
C ASN B 605 -9.16 16.63 29.02
N HIS B 606 -10.43 16.23 29.17
CA HIS B 606 -10.94 14.90 28.88
C HIS B 606 -10.18 13.81 29.63
N THR B 607 -9.77 14.15 30.84
CA THR B 607 -8.90 13.32 31.66
C THR B 607 -9.75 12.33 32.44
N SER B 608 -9.18 11.75 33.50
CA SER B 608 -9.85 10.84 34.41
C SER B 608 -11.17 11.41 34.93
N CYS B 609 -12.17 10.53 35.01
CA CYS B 609 -13.53 10.93 35.33
C CYS B 609 -13.70 11.09 36.83
N ILE B 610 -14.08 12.29 37.26
CA ILE B 610 -14.44 12.48 38.66
C ILE B 610 -15.79 13.16 38.77
N ALA B 611 -16.18 13.90 37.73
CA ALA B 611 -17.38 14.73 37.80
C ALA B 611 -18.62 13.86 37.75
N LYS B 612 -19.67 14.29 38.43
CA LYS B 612 -20.85 13.45 38.53
C LYS B 612 -21.89 13.81 37.47
N GLU B 613 -22.99 13.07 37.47
CA GLU B 613 -24.19 13.42 36.71
C GLU B 613 -25.11 14.25 37.61
N ILE B 614 -26.38 14.40 37.23
CA ILE B 614 -27.33 15.15 38.04
C ILE B 614 -27.63 14.45 39.34
N GLU B 615 -28.18 15.20 40.29
CA GLU B 615 -28.59 14.72 41.61
C GLU B 615 -29.94 15.31 41.97
N PHE B 616 -30.90 15.22 41.05
CA PHE B 616 -32.20 15.86 41.21
C PHE B 616 -33.07 15.06 42.19
N LEU B 617 -32.95 15.41 43.47
CA LEU B 617 -33.79 14.83 44.51
C LEU B 617 -34.58 15.87 45.29
N SER B 618 -33.92 16.97 45.70
CA SER B 618 -34.53 18.13 46.36
C SER B 618 -35.27 17.75 47.64
N TRP B 619 -34.54 17.10 48.55
CA TRP B 619 -35.15 16.68 49.81
C TRP B 619 -35.35 17.85 50.76
N THR B 620 -34.24 18.47 51.17
CA THR B 620 -34.27 19.57 52.13
C THR B 620 -33.67 20.82 51.50
N GLU B 621 -34.09 21.12 50.27
CA GLU B 621 -33.52 22.23 49.52
C GLU B 621 -33.89 23.57 50.14
N PRO B 622 -33.05 24.59 49.90
CA PRO B 622 -33.33 25.90 50.49
C PRO B 622 -34.53 26.60 49.89
N PHE B 623 -34.89 26.27 48.65
CA PHE B 623 -36.14 26.76 48.10
C PHE B 623 -37.33 26.12 48.82
N GLY B 624 -37.24 24.83 49.12
CA GLY B 624 -38.33 24.15 49.80
C GLY B 624 -38.42 24.43 51.28
N ILE B 625 -37.36 24.99 51.87
CA ILE B 625 -37.38 25.28 53.31
C ILE B 625 -38.38 26.38 53.63
N ALA B 626 -38.47 27.42 52.78
CA ALA B 626 -39.42 28.48 53.03
C ALA B 626 -40.86 28.05 52.76
N LEU B 627 -41.06 27.14 51.80
CA LEU B 627 -42.40 26.61 51.57
C LEU B 627 -42.83 25.71 52.71
N THR B 628 -41.91 24.91 53.26
CA THR B 628 -42.21 24.13 54.45
C THR B 628 -42.47 25.01 55.65
N LEU B 629 -41.80 26.17 55.73
CA LEU B 629 -42.07 27.12 56.79
C LEU B 629 -43.47 27.72 56.62
N PHE B 630 -43.87 28.00 55.38
CA PHE B 630 -45.23 28.48 55.12
C PHE B 630 -46.27 27.44 55.46
N ALA B 631 -45.98 26.18 55.15
CA ALA B 631 -46.90 25.08 55.45
C ALA B 631 -47.02 24.86 56.96
N VAL B 632 -45.89 24.93 57.68
CA VAL B 632 -45.91 24.78 59.12
C VAL B 632 -46.60 25.96 59.79
N LEU B 633 -46.46 27.15 59.21
CA LEU B 633 -47.16 28.33 59.71
C LEU B 633 -48.66 28.19 59.50
N GLY B 634 -49.07 27.68 58.34
CA GLY B 634 -50.49 27.42 58.12
C GLY B 634 -51.04 26.35 59.03
N ILE B 635 -50.21 25.34 59.36
CA ILE B 635 -50.62 24.29 60.26
C ILE B 635 -50.77 24.82 61.68
N PHE B 636 -49.83 25.67 62.12
CA PHE B 636 -49.91 26.25 63.45
C PHE B 636 -51.05 27.23 63.57
N LEU B 637 -51.32 27.99 62.49
CA LEU B 637 -52.45 28.90 62.49
C LEU B 637 -53.76 28.13 62.50
N THR B 638 -53.81 27.00 61.78
CA THR B 638 -54.98 26.14 61.83
C THR B 638 -55.14 25.50 63.20
N ALA B 639 -54.01 25.27 63.90
CA ALA B 639 -54.08 24.70 65.24
C ALA B 639 -54.63 25.72 66.24
N PHE B 640 -54.18 26.97 66.14
CA PHE B 640 -54.74 28.02 66.99
C PHE B 640 -56.20 28.29 66.64
N VAL B 641 -56.54 28.15 65.35
CA VAL B 641 -57.91 28.35 64.92
C VAL B 641 -58.82 27.23 65.44
N LEU B 642 -58.33 25.99 65.41
CA LEU B 642 -59.13 24.88 65.92
C LEU B 642 -59.24 24.93 67.45
N GLY B 643 -58.21 25.44 68.13
CA GLY B 643 -58.31 25.61 69.57
C GLY B 643 -59.32 26.67 69.95
N VAL B 644 -59.35 27.77 69.20
CA VAL B 644 -60.32 28.83 69.48
C VAL B 644 -61.73 28.38 69.11
N PHE B 645 -61.86 27.53 68.10
CA PHE B 645 -63.18 27.05 67.70
C PHE B 645 -63.72 26.00 68.68
N ILE B 646 -62.83 25.16 69.23
CA ILE B 646 -63.28 24.15 70.17
C ILE B 646 -63.58 24.77 71.53
N LYS B 647 -62.87 25.84 71.90
CA LYS B 647 -63.28 26.58 73.09
C LYS B 647 -64.56 27.35 72.84
N PHE B 648 -64.76 27.84 71.62
CA PHE B 648 -65.98 28.55 71.27
C PHE B 648 -67.13 27.57 71.03
N GLU B 660 -68.26 17.16 62.54
CA GLU B 660 -67.07 16.62 61.90
C GLU B 660 -66.05 17.72 61.66
N LEU B 661 -66.49 18.96 61.75
CA LEU B 661 -65.67 20.10 61.33
C LEU B 661 -64.48 20.33 62.26
N SER B 662 -64.51 19.76 63.47
CA SER B 662 -63.41 19.97 64.40
C SER B 662 -62.53 18.73 64.50
N TYR B 663 -63.14 17.55 64.48
CA TYR B 663 -62.37 16.31 64.50
C TYR B 663 -62.16 15.74 63.10
N LEU B 664 -63.25 15.34 62.43
CA LEU B 664 -63.11 14.53 61.21
C LEU B 664 -62.73 15.39 60.01
N LEU B 665 -63.47 16.47 59.77
CA LEU B 665 -63.18 17.30 58.59
C LEU B 665 -61.90 18.10 58.79
N LEU B 666 -61.65 18.55 60.02
CA LEU B 666 -60.41 19.24 60.30
C LEU B 666 -59.22 18.29 60.25
N PHE B 667 -59.42 17.03 60.64
CA PHE B 667 -58.34 16.06 60.54
C PHE B 667 -58.09 15.67 59.10
N SER B 668 -59.14 15.64 58.28
CA SER B 668 -58.95 15.34 56.86
C SER B 668 -58.23 16.48 56.16
N LEU B 669 -58.57 17.73 56.51
CA LEU B 669 -57.89 18.86 55.89
C LEU B 669 -56.45 18.98 56.38
N LEU B 670 -56.22 18.83 57.69
CA LEU B 670 -54.87 18.89 58.22
C LEU B 670 -54.08 17.64 57.83
N CYS B 671 -54.76 16.57 57.46
CA CYS B 671 -54.08 15.37 57.02
C CYS B 671 -53.71 15.47 55.56
N CYS B 672 -54.51 16.17 54.75
CA CYS B 672 -54.09 16.48 53.40
C CYS B 672 -53.00 17.55 53.40
N PHE B 673 -52.92 18.33 54.49
CA PHE B 673 -51.87 19.34 54.58
C PHE B 673 -50.59 18.77 55.21
N SER B 674 -50.70 17.68 55.95
CA SER B 674 -49.54 17.00 56.50
C SER B 674 -49.05 15.88 55.62
N SER B 675 -49.94 15.34 54.78
CA SER B 675 -49.52 14.37 53.78
C SER B 675 -48.87 15.06 52.60
N SER B 676 -49.22 16.33 52.38
CA SER B 676 -48.45 17.14 51.43
C SER B 676 -47.03 17.36 51.92
N LEU B 677 -46.87 17.53 53.25
CA LEU B 677 -45.53 17.65 53.81
C LEU B 677 -44.79 16.31 53.78
N PHE B 678 -45.52 15.21 53.98
CA PHE B 678 -44.88 13.90 53.95
C PHE B 678 -44.59 13.43 52.53
N PHE B 679 -45.28 14.00 51.54
CA PHE B 679 -45.05 13.68 50.15
C PHE B 679 -44.04 14.62 49.52
N ILE B 680 -43.13 15.17 50.32
CA ILE B 680 -41.96 15.89 49.87
C ILE B 680 -40.73 15.21 50.47
N GLY B 681 -39.57 15.73 50.14
CA GLY B 681 -38.35 15.11 50.61
C GLY B 681 -37.68 14.28 49.54
N GLU B 682 -36.83 13.37 50.00
CA GLU B 682 -36.01 12.56 49.10
C GLU B 682 -36.86 11.47 48.44
N PRO B 683 -36.37 10.89 47.35
CA PRO B 683 -37.08 9.77 46.73
C PRO B 683 -36.66 8.44 47.33
N GLN B 684 -37.65 7.61 47.60
CA GLN B 684 -37.43 6.24 48.02
C GLN B 684 -38.59 5.40 47.50
N ASP B 685 -38.72 4.19 48.01
CA ASP B 685 -39.83 3.33 47.58
C ASP B 685 -41.15 3.82 48.16
N TRP B 686 -41.25 3.86 49.49
CA TRP B 686 -42.46 4.37 50.10
C TRP B 686 -42.55 5.89 49.97
N THR B 687 -41.40 6.58 49.92
CA THR B 687 -41.41 8.02 49.67
C THR B 687 -41.84 8.33 48.25
N CYS B 688 -41.70 7.38 47.34
CA CYS B 688 -42.36 7.44 46.05
C CYS B 688 -43.84 7.12 46.16
N ARG B 689 -44.17 6.02 46.83
CA ARG B 689 -45.53 5.50 46.93
C ARG B 689 -46.49 6.41 47.71
N LEU B 690 -45.99 7.41 48.43
CA LEU B 690 -46.80 8.25 49.32
C LEU B 690 -47.75 9.22 48.59
N ARG B 691 -48.02 9.16 47.29
CA ARG B 691 -48.85 10.19 46.63
C ARG B 691 -50.35 9.94 46.76
N GLN B 692 -50.78 8.90 47.48
CA GLN B 692 -52.20 8.55 47.57
C GLN B 692 -52.96 9.42 48.57
N PRO B 693 -52.33 9.79 49.69
CA PRO B 693 -53.08 10.47 50.76
C PRO B 693 -53.49 11.88 50.38
N ALA B 694 -52.79 12.52 49.44
CA ALA B 694 -53.24 13.80 48.92
C ALA B 694 -54.54 13.67 48.13
N PHE B 695 -54.82 12.50 47.57
CA PHE B 695 -56.15 12.26 47.02
C PHE B 695 -57.14 11.95 48.14
N GLY B 696 -56.73 11.08 49.07
CA GLY B 696 -57.68 10.53 50.02
C GLY B 696 -58.19 11.54 51.04
N ILE B 697 -57.26 12.19 51.76
CA ILE B 697 -57.66 13.10 52.84
C ILE B 697 -58.29 14.35 52.28
N SER B 698 -57.87 14.77 51.09
CA SER B 698 -58.50 15.93 50.46
C SER B 698 -59.88 15.57 49.92
N PHE B 699 -60.08 14.32 49.48
CA PHE B 699 -61.41 13.91 49.08
C PHE B 699 -62.33 13.79 50.27
N VAL B 700 -61.80 13.44 51.44
CA VAL B 700 -62.60 13.41 52.65
C VAL B 700 -62.98 14.83 53.07
N LEU B 701 -62.03 15.75 52.98
CA LEU B 701 -62.32 17.14 53.28
C LEU B 701 -63.30 17.75 52.29
N CYS B 702 -63.25 17.32 51.02
CA CYS B 702 -64.20 17.79 50.03
C CYS B 702 -65.57 17.16 50.24
N ILE B 703 -65.60 15.91 50.73
CA ILE B 703 -66.86 15.27 51.05
C ILE B 703 -67.51 15.94 52.24
N SER B 704 -66.71 16.53 53.13
CA SER B 704 -67.25 17.35 54.20
C SER B 704 -67.97 18.58 53.65
N CYS B 705 -67.39 19.20 52.62
CA CYS B 705 -68.04 20.35 51.99
C CYS B 705 -69.29 19.94 51.22
N ILE B 706 -69.25 18.77 50.58
CA ILE B 706 -70.38 18.35 49.76
C ILE B 706 -71.47 17.72 50.63
N LEU B 707 -71.16 17.40 51.88
CA LEU B 707 -72.11 16.73 52.77
C LEU B 707 -72.42 17.53 54.02
N VAL B 708 -71.97 18.78 54.10
CA VAL B 708 -72.40 19.66 55.19
C VAL B 708 -73.49 20.57 54.66
N LYS B 709 -74.18 20.13 53.60
CA LYS B 709 -75.24 20.89 52.98
C LYS B 709 -76.47 20.97 53.89
N THR B 710 -77.37 21.89 53.56
CA THR B 710 -78.56 22.12 54.36
C THR B 710 -79.63 21.06 54.16
N ASN B 711 -79.53 20.25 53.10
CA ASN B 711 -80.53 19.22 52.82
C ASN B 711 -80.14 17.91 53.52
N ARG B 712 -79.98 17.99 54.83
CA ARG B 712 -79.64 16.83 55.62
C ARG B 712 -80.90 16.07 56.05
N GLN B 735 -74.83 11.11 56.97
CA GLN B 735 -73.85 11.84 56.18
C GLN B 735 -72.51 11.13 56.17
N PHE B 736 -71.96 10.86 57.36
CA PHE B 736 -70.78 10.01 57.44
C PHE B 736 -71.11 8.61 56.94
N LEU B 737 -71.96 7.90 57.68
CA LEU B 737 -72.39 6.56 57.26
C LEU B 737 -73.30 6.60 56.05
N LEU B 738 -74.16 7.61 55.91
CA LEU B 738 -75.12 7.64 54.81
C LEU B 738 -74.52 8.16 53.52
N VAL B 739 -73.70 9.22 53.58
CA VAL B 739 -72.97 9.69 52.43
C VAL B 739 -71.67 8.93 52.24
N PHE B 740 -71.41 7.89 53.04
CA PHE B 740 -70.40 6.93 52.67
C PHE B 740 -70.79 6.09 51.47
N LEU B 741 -72.06 6.12 51.04
CA LEU B 741 -72.42 5.52 49.75
C LEU B 741 -71.67 6.16 48.59
N CYS B 742 -71.29 7.43 48.73
CA CYS B 742 -70.32 8.04 47.86
C CYS B 742 -68.90 7.98 48.42
N THR B 743 -68.73 8.30 49.71
CA THR B 743 -67.40 8.51 50.27
C THR B 743 -66.64 7.20 50.43
N PHE B 744 -67.28 6.18 51.01
CA PHE B 744 -66.71 4.85 51.08
C PHE B 744 -66.61 4.19 49.72
N MET B 745 -67.46 4.59 48.75
CA MET B 745 -67.29 4.12 47.38
C MET B 745 -65.98 4.63 46.80
N GLN B 746 -65.71 5.94 46.97
CA GLN B 746 -64.43 6.50 46.59
C GLN B 746 -63.28 5.92 47.43
N ILE B 747 -63.57 5.47 48.65
CA ILE B 747 -62.52 4.93 49.50
C ILE B 747 -62.16 3.51 49.07
N VAL B 748 -63.14 2.73 48.62
CA VAL B 748 -62.85 1.43 48.05
C VAL B 748 -62.16 1.60 46.70
N ILE B 749 -62.50 2.64 45.95
CA ILE B 749 -61.77 2.96 44.73
C ILE B 749 -60.34 3.39 45.06
N CYS B 750 -60.15 4.01 46.23
CA CYS B 750 -58.82 4.40 46.67
C CYS B 750 -58.00 3.19 47.10
N VAL B 751 -58.64 2.21 47.72
CA VAL B 751 -57.94 0.96 48.04
C VAL B 751 -57.60 0.19 46.77
N ILE B 752 -58.45 0.31 45.74
CA ILE B 752 -58.18 -0.34 44.46
C ILE B 752 -57.00 0.32 43.76
N TRP B 753 -56.95 1.65 43.77
CA TRP B 753 -55.79 2.34 43.23
C TRP B 753 -54.55 2.14 44.09
N LEU B 754 -54.72 1.86 45.38
CA LEU B 754 -53.58 1.56 46.24
C LEU B 754 -52.99 0.19 45.92
N TYR B 755 -53.86 -0.76 45.56
CA TYR B 755 -53.36 -2.04 45.08
C TYR B 755 -52.73 -1.90 43.70
N THR B 756 -53.26 -1.01 42.87
CA THR B 756 -52.81 -0.91 41.48
C THR B 756 -51.53 -0.09 41.31
N ALA B 757 -51.26 0.86 42.23
CA ALA B 757 -50.14 1.77 42.02
C ALA B 757 -48.80 1.09 42.26
N PRO B 758 -47.75 1.51 41.55
CA PRO B 758 -46.44 0.92 41.77
C PRO B 758 -45.66 1.70 42.82
N PRO B 759 -45.17 1.02 43.84
CA PRO B 759 -44.49 1.65 44.98
C PRO B 759 -42.96 1.67 44.84
N SER B 760 -42.45 2.41 43.87
CA SER B 760 -41.03 2.30 43.58
C SER B 760 -40.53 3.56 42.88
N SER B 761 -39.52 4.19 43.46
CA SER B 761 -38.88 5.31 42.79
C SER B 761 -38.14 4.85 41.54
N TYR B 762 -37.96 5.76 40.60
CA TYR B 762 -37.33 5.45 39.33
C TYR B 762 -36.27 6.51 39.04
N ARG B 763 -35.02 6.22 39.40
CA ARG B 763 -33.91 7.14 39.13
C ARG B 763 -33.51 7.02 37.66
N ASN B 764 -34.29 7.69 36.81
CA ASN B 764 -34.09 7.59 35.38
C ASN B 764 -32.91 8.45 34.94
N GLN B 765 -32.48 8.22 33.70
CA GLN B 765 -31.43 9.02 33.05
C GLN B 765 -32.09 9.75 31.88
N GLU B 766 -32.65 10.92 32.16
CA GLU B 766 -33.31 11.71 31.11
C GLU B 766 -32.27 12.33 30.18
N LEU B 767 -31.40 13.17 30.73
CA LEU B 767 -30.29 13.71 29.97
C LEU B 767 -29.11 12.75 30.10
N GLU B 768 -27.92 13.19 29.68
CA GLU B 768 -26.73 12.37 29.75
C GLU B 768 -25.64 13.00 30.60
N ASP B 769 -25.38 14.29 30.43
CA ASP B 769 -24.45 14.98 31.32
C ASP B 769 -25.05 15.15 32.71
N GLU B 770 -26.19 15.83 32.78
CA GLU B 770 -26.99 15.87 34.01
C GLU B 770 -28.05 14.78 33.86
N ILE B 771 -27.62 13.54 34.05
CA ILE B 771 -28.39 12.38 33.61
C ILE B 771 -29.45 12.01 34.63
N ILE B 772 -29.03 11.78 35.88
CA ILE B 772 -29.87 11.11 36.87
C ILE B 772 -31.08 11.96 37.22
N PHE B 773 -32.14 11.28 37.66
CA PHE B 773 -33.41 11.93 37.95
C PHE B 773 -34.11 11.12 39.03
N ILE B 774 -35.42 11.31 39.13
CA ILE B 774 -36.31 10.49 39.96
C ILE B 774 -37.68 10.52 39.31
N THR B 775 -38.24 9.35 39.01
CA THR B 775 -39.44 9.32 38.18
C THR B 775 -40.62 8.58 38.78
N CYS B 776 -40.41 7.73 39.80
CA CYS B 776 -41.42 7.15 40.70
C CYS B 776 -42.33 6.12 40.01
N HIS B 777 -42.15 5.93 38.70
CA HIS B 777 -42.57 4.74 37.93
C HIS B 777 -44.02 4.33 38.17
N GLU B 778 -44.91 5.32 38.24
CA GLU B 778 -46.30 5.08 38.63
C GLU B 778 -47.01 4.22 37.60
N GLY B 779 -47.96 3.42 38.08
CA GLY B 779 -48.35 2.23 37.36
C GLY B 779 -49.06 2.39 36.02
N SER B 780 -50.36 2.70 36.00
CA SER B 780 -50.94 2.96 34.69
C SER B 780 -51.67 4.30 34.56
N LEU B 781 -52.81 4.41 35.25
CA LEU B 781 -53.65 5.59 35.08
C LEU B 781 -54.38 5.98 36.36
N MET B 782 -54.01 5.41 37.51
CA MET B 782 -54.83 5.49 38.71
C MET B 782 -54.90 6.91 39.27
N ALA B 783 -53.85 7.71 39.06
CA ALA B 783 -53.84 9.07 39.60
C ALA B 783 -54.84 9.97 38.87
N LEU B 784 -54.77 10.00 37.54
CA LEU B 784 -55.72 10.81 36.77
C LEU B 784 -57.13 10.26 36.89
N GLY B 785 -57.27 8.93 36.96
CA GLY B 785 -58.57 8.33 37.14
C GLY B 785 -59.19 8.68 38.49
N PHE B 786 -58.39 8.64 39.55
CA PHE B 786 -58.89 8.98 40.88
C PHE B 786 -59.19 10.47 40.98
N LEU B 787 -58.37 11.30 40.32
CA LEU B 787 -58.60 12.74 40.30
C LEU B 787 -59.94 13.07 39.64
N ILE B 788 -60.15 12.56 38.43
CA ILE B 788 -61.38 12.85 37.70
C ILE B 788 -62.60 12.23 38.38
N GLY B 789 -62.49 10.98 38.82
CA GLY B 789 -63.62 10.31 39.43
C GLY B 789 -63.94 10.70 40.84
N TYR B 790 -63.03 11.36 41.56
CA TYR B 790 -63.29 11.77 42.92
C TYR B 790 -63.32 13.28 43.07
N THR B 791 -62.22 13.96 42.73
CA THR B 791 -62.10 15.37 43.07
C THR B 791 -62.94 16.23 42.12
N CYS B 792 -62.77 16.04 40.82
CA CYS B 792 -63.57 16.76 39.85
C CYS B 792 -65.04 16.36 39.92
N LEU B 793 -65.30 15.10 40.28
CA LEU B 793 -66.68 14.66 40.45
C LEU B 793 -67.34 15.32 41.67
N LEU B 794 -66.59 15.45 42.76
CA LEU B 794 -67.12 16.12 43.95
C LEU B 794 -67.31 17.60 43.70
N ALA B 795 -66.41 18.21 42.92
CA ALA B 795 -66.56 19.62 42.58
C ALA B 795 -67.79 19.84 41.71
N ALA B 796 -68.03 18.94 40.75
CA ALA B 796 -69.22 19.05 39.92
C ALA B 796 -70.49 18.80 40.71
N ILE B 797 -70.45 17.88 41.67
CA ILE B 797 -71.62 17.61 42.51
C ILE B 797 -71.92 18.80 43.40
N CYS B 798 -70.87 19.44 43.94
CA CYS B 798 -71.06 20.62 44.78
C CYS B 798 -71.58 21.79 43.97
N PHE B 799 -71.12 21.94 42.73
CA PHE B 799 -71.61 23.03 41.89
C PHE B 799 -73.05 22.78 41.47
N PHE B 800 -73.40 21.54 41.10
CA PHE B 800 -74.76 21.25 40.67
C PHE B 800 -75.73 21.28 41.84
N PHE B 801 -75.26 21.04 43.07
CA PHE B 801 -76.15 21.17 44.22
C PHE B 801 -76.29 22.62 44.64
N ALA B 802 -75.18 23.36 44.71
CA ALA B 802 -75.20 24.75 45.14
C ALA B 802 -75.54 25.71 44.02
N PHE B 803 -75.96 25.21 42.84
CA PHE B 803 -76.55 26.07 41.82
C PHE B 803 -77.78 26.81 42.33
N LYS B 804 -78.56 26.18 43.21
CA LYS B 804 -79.65 26.88 43.88
C LYS B 804 -79.20 27.60 45.14
N SER B 805 -78.20 27.06 45.84
CA SER B 805 -77.75 27.67 47.09
C SER B 805 -76.92 28.92 46.86
N ARG B 806 -76.40 29.10 45.65
CA ARG B 806 -75.69 30.34 45.33
C ARG B 806 -76.65 31.51 45.30
N LYS B 807 -77.81 31.33 44.70
CA LYS B 807 -78.90 32.31 44.81
C LYS B 807 -79.81 31.97 45.98
N LEU B 808 -79.21 31.74 47.15
CA LEU B 808 -79.92 31.44 48.37
C LEU B 808 -79.04 31.76 49.57
N PRO B 809 -79.22 32.90 50.22
CA PRO B 809 -78.39 33.19 51.40
C PRO B 809 -78.87 32.42 52.63
N GLU B 810 -78.14 31.36 52.97
CA GLU B 810 -78.43 30.54 54.13
C GLU B 810 -77.16 30.38 54.93
N ASN B 811 -77.29 30.55 56.25
CA ASN B 811 -76.16 30.70 57.17
C ASN B 811 -75.22 31.80 56.69
N PHE B 812 -75.82 32.97 56.41
CA PHE B 812 -75.15 34.17 55.88
C PHE B 812 -74.47 33.90 54.54
N ASN B 813 -75.15 33.09 53.70
CA ASN B 813 -74.74 32.75 52.34
C ASN B 813 -73.35 32.12 52.28
N GLU B 814 -73.22 30.97 52.94
CA GLU B 814 -71.95 30.28 52.94
C GLU B 814 -71.68 29.53 51.65
N ALA B 815 -72.67 29.42 50.75
CA ALA B 815 -72.43 28.84 49.44
C ALA B 815 -71.51 29.69 48.59
N LYS B 816 -71.44 31.00 48.85
CA LYS B 816 -70.54 31.87 48.10
C LYS B 816 -69.08 31.58 48.44
N PHE B 817 -68.74 31.54 49.72
CA PHE B 817 -67.37 31.19 50.11
C PHE B 817 -67.09 29.71 49.88
N ILE B 818 -68.13 28.89 49.86
CA ILE B 818 -67.97 27.47 49.55
C ILE B 818 -67.56 27.29 48.10
N THR B 819 -68.27 27.97 47.20
CA THR B 819 -67.92 27.89 45.78
C THR B 819 -66.65 28.68 45.49
N PHE B 820 -66.25 29.59 46.37
CA PHE B 820 -64.97 30.28 46.18
C PHE B 820 -63.80 29.39 46.59
N SER B 821 -63.97 28.62 47.66
CA SER B 821 -62.98 27.61 48.01
C SER B 821 -62.92 26.53 46.95
N MET B 822 -64.08 26.18 46.39
CA MET B 822 -64.11 25.26 45.26
C MET B 822 -63.51 25.90 44.02
N LEU B 823 -63.58 27.23 43.91
CA LEU B 823 -62.96 27.91 42.79
C LEU B 823 -61.45 27.83 42.87
N ILE B 824 -60.91 28.07 44.07
CA ILE B 824 -59.47 27.91 44.29
C ILE B 824 -59.04 26.45 44.11
N PHE B 825 -59.84 25.51 44.60
CA PHE B 825 -59.42 24.11 44.61
C PHE B 825 -59.62 23.46 43.25
N PHE B 826 -60.74 23.72 42.59
CA PHE B 826 -60.93 23.27 41.23
C PHE B 826 -60.03 24.04 40.28
N ILE B 827 -59.64 25.26 40.65
CA ILE B 827 -58.64 25.98 39.88
C ILE B 827 -57.30 25.30 40.00
N VAL B 828 -56.99 24.75 41.19
CA VAL B 828 -55.79 23.96 41.35
C VAL B 828 -55.87 22.69 40.51
N TRP B 829 -56.92 21.89 40.71
CA TRP B 829 -57.00 20.59 40.06
C TRP B 829 -57.29 20.68 38.56
N ILE B 830 -57.72 21.83 38.07
CA ILE B 830 -58.05 22.00 36.65
C ILE B 830 -57.14 23.00 35.97
N SER B 831 -56.26 23.68 36.70
CA SER B 831 -55.31 24.59 36.09
C SER B 831 -53.89 24.07 36.28
N PHE B 832 -53.66 23.33 37.36
CA PHE B 832 -52.60 22.37 37.45
C PHE B 832 -52.99 21.03 36.87
N ILE B 833 -54.09 20.98 36.14
CA ILE B 833 -54.19 19.98 35.08
C ILE B 833 -53.19 20.50 34.06
N PRO B 834 -53.29 21.78 33.67
CA PRO B 834 -52.32 22.30 32.70
C PRO B 834 -50.97 22.66 33.30
N ALA B 835 -50.93 23.13 34.55
CA ALA B 835 -49.64 23.54 35.12
C ALA B 835 -48.83 22.32 35.56
N TYR B 836 -49.47 21.36 36.24
CA TYR B 836 -48.72 20.15 36.57
C TYR B 836 -48.71 19.16 35.43
N ALA B 837 -49.45 19.39 34.34
CA ALA B 837 -49.22 18.64 33.12
C ALA B 837 -48.24 19.33 32.19
N SER B 838 -47.84 20.55 32.52
CA SER B 838 -46.89 21.34 31.76
C SER B 838 -45.74 21.77 32.66
N THR B 839 -45.24 20.82 33.42
CA THR B 839 -44.14 21.04 34.34
C THR B 839 -42.85 20.48 33.72
N TYR B 840 -41.72 20.74 34.38
CA TYR B 840 -40.44 20.33 33.85
C TYR B 840 -39.43 20.22 34.97
N GLY B 841 -38.46 19.32 34.78
CA GLY B 841 -37.28 19.17 35.61
C GLY B 841 -37.58 18.69 37.02
N LYS B 842 -36.68 19.04 37.93
CA LYS B 842 -36.77 18.63 39.33
C LYS B 842 -37.76 19.47 40.13
N PHE B 843 -38.52 20.33 39.48
CA PHE B 843 -39.62 21.03 40.13
C PHE B 843 -40.97 20.53 39.63
N VAL B 844 -41.01 19.39 38.95
CA VAL B 844 -42.24 18.92 38.33
C VAL B 844 -43.24 18.45 39.37
N SER B 845 -42.82 17.50 40.22
CA SER B 845 -43.68 17.07 41.31
C SER B 845 -43.73 18.11 42.43
N ALA B 846 -42.69 18.95 42.52
CA ALA B 846 -42.68 20.03 43.49
C ALA B 846 -43.78 21.05 43.19
N VAL B 847 -44.06 21.27 41.91
CA VAL B 847 -45.11 22.22 41.54
C VAL B 847 -46.48 21.70 41.91
N GLU B 848 -46.73 20.40 41.70
CA GLU B 848 -48.00 19.81 42.09
C GLU B 848 -48.14 19.74 43.60
N VAL B 849 -47.02 19.51 44.30
CA VAL B 849 -47.05 19.49 45.77
C VAL B 849 -47.34 20.87 46.32
N ILE B 850 -46.73 21.90 45.74
CA ILE B 850 -47.02 23.28 46.15
C ILE B 850 -48.44 23.65 45.79
N ALA B 851 -48.96 23.13 44.67
CA ALA B 851 -50.34 23.39 44.28
C ALA B 851 -51.31 22.79 45.27
N ILE B 852 -51.07 21.55 45.70
CA ILE B 852 -51.94 20.90 46.67
C ILE B 852 -51.82 21.58 48.02
N LEU B 853 -50.61 22.00 48.39
CA LEU B 853 -50.42 22.64 49.70
C LEU B 853 -51.10 24.00 49.74
N ALA B 854 -50.92 24.80 48.69
CA ALA B 854 -51.57 26.10 48.63
C ALA B 854 -53.08 25.96 48.49
N ALA B 855 -53.54 24.92 47.81
CA ALA B 855 -54.98 24.69 47.70
C ALA B 855 -55.57 24.28 49.05
N SER B 856 -54.80 23.54 49.85
CA SER B 856 -55.23 23.19 51.19
C SER B 856 -55.31 24.43 52.07
N PHE B 857 -54.29 25.30 52.00
CA PHE B 857 -54.30 26.53 52.79
C PHE B 857 -55.43 27.46 52.36
N GLY B 858 -55.71 27.51 51.06
CA GLY B 858 -56.75 28.40 50.56
C GLY B 858 -58.15 27.89 50.85
N LEU B 859 -58.34 26.57 50.80
CA LEU B 859 -59.62 26.01 51.20
C LEU B 859 -59.85 26.17 52.70
N LEU B 860 -58.77 26.03 53.48
CA LEU B 860 -58.84 26.27 54.92
C LEU B 860 -59.23 27.71 55.22
N ALA B 861 -58.68 28.65 54.46
CA ALA B 861 -59.08 30.05 54.60
C ALA B 861 -60.55 30.25 54.22
N CYS B 862 -60.90 29.96 52.97
CA CYS B 862 -62.24 30.25 52.46
C CYS B 862 -63.34 29.37 53.05
N ILE B 863 -63.01 28.41 53.92
CA ILE B 863 -64.03 27.75 54.70
C ILE B 863 -63.98 28.21 56.15
N PHE B 864 -62.85 27.96 56.82
CA PHE B 864 -62.80 28.14 58.27
C PHE B 864 -62.77 29.61 58.67
N PHE B 865 -62.21 30.48 57.83
CA PHE B 865 -62.25 31.92 58.13
C PHE B 865 -63.68 32.44 58.07
N ASN B 866 -64.41 32.07 57.03
CA ASN B 866 -65.83 32.44 56.93
C ASN B 866 -66.66 31.80 58.03
N LYS B 867 -66.22 30.64 58.53
CA LYS B 867 -66.89 30.03 59.67
C LYS B 867 -66.65 30.80 60.96
N ILE B 868 -65.39 31.08 61.28
CA ILE B 868 -65.03 31.47 62.64
C ILE B 868 -64.28 32.79 62.70
N TYR B 869 -64.56 33.71 61.78
CA TYR B 869 -64.01 35.05 61.90
C TYR B 869 -64.58 35.79 63.10
N ILE B 870 -65.79 35.45 63.53
CA ILE B 870 -66.38 36.05 64.70
C ILE B 870 -66.79 34.95 65.67
#